data_8QFZ
# 
_entry.id   8QFZ 
# 
_audit_conform.dict_name       mmcif_pdbx.dic 
_audit_conform.dict_version    5.397 
_audit_conform.dict_location   http://mmcif.pdb.org/dictionaries/ascii/mmcif_pdbx.dic 
# 
loop_
_database_2.database_id 
_database_2.database_code 
_database_2.pdbx_database_accession 
_database_2.pdbx_DOI 
PDB   8QFZ         pdb_00008qfz 10.2210/pdb8qfz/pdb 
WWPDB D_1292133212 ?            ?                   
# 
loop_
_pdbx_audit_revision_history.ordinal 
_pdbx_audit_revision_history.data_content_type 
_pdbx_audit_revision_history.major_revision 
_pdbx_audit_revision_history.minor_revision 
_pdbx_audit_revision_history.revision_date 
1 'Structure model' 1 0 2024-02-07 
2 'Structure model' 1 1 2024-02-21 
3 'Structure model' 1 2 2024-10-23 
# 
_pdbx_audit_revision_details.ordinal             1 
_pdbx_audit_revision_details.revision_ordinal    1 
_pdbx_audit_revision_details.data_content_type   'Structure model' 
_pdbx_audit_revision_details.provider            repository 
_pdbx_audit_revision_details.type                'Initial release' 
_pdbx_audit_revision_details.description         ? 
_pdbx_audit_revision_details.details             ? 
# 
loop_
_pdbx_audit_revision_group.ordinal 
_pdbx_audit_revision_group.revision_ordinal 
_pdbx_audit_revision_group.data_content_type 
_pdbx_audit_revision_group.group 
1 2 'Structure model' 'Database references' 
2 3 'Structure model' 'Structure summary'   
# 
loop_
_pdbx_audit_revision_category.ordinal 
_pdbx_audit_revision_category.revision_ordinal 
_pdbx_audit_revision_category.data_content_type 
_pdbx_audit_revision_category.category 
1 2 'Structure model' citation                  
2 2 'Structure model' citation_author           
3 3 'Structure model' pdbx_entry_details        
4 3 'Structure model' pdbx_modification_feature 
# 
loop_
_pdbx_audit_revision_item.ordinal 
_pdbx_audit_revision_item.revision_ordinal 
_pdbx_audit_revision_item.data_content_type 
_pdbx_audit_revision_item.item 
1 2 'Structure model' '_citation.journal_volume'                     
2 2 'Structure model' '_citation.page_first'                         
3 2 'Structure model' '_citation.page_last'                          
4 2 'Structure model' '_citation_author.identifier_ORCID'            
5 3 'Structure model' '_pdbx_entry_details.has_protein_modification' 
# 
_pdbx_database_status.status_code                     REL 
_pdbx_database_status.status_code_sf                  REL 
_pdbx_database_status.status_code_mr                  ? 
_pdbx_database_status.entry_id                        8QFZ 
_pdbx_database_status.recvd_initial_deposition_date   2023-09-05 
_pdbx_database_status.SG_entry                        N 
_pdbx_database_status.deposit_site                    PDBE 
_pdbx_database_status.process_site                    PDBE 
_pdbx_database_status.status_code_cs                  ? 
_pdbx_database_status.status_code_nmr_data            ? 
_pdbx_database_status.methods_development_category    ? 
_pdbx_database_status.pdb_format_compatible           Y 
# 
_pdbx_contact_author.id                 2 
_pdbx_contact_author.email              jens.petersen@astrazeneca.com 
_pdbx_contact_author.name_first         Jens 
_pdbx_contact_author.name_last          Petersen 
_pdbx_contact_author.name_mi            ? 
_pdbx_contact_author.role               'principal investigator/group leader' 
_pdbx_contact_author.identifier_ORCID   0000-0001-5946-4756 
# 
_audit_author.name               'Petersen, J.' 
_audit_author.pdbx_ordinal       1 
_audit_author.identifier_ORCID   0000-0001-5946-4756 
# 
_citation.abstract                  ? 
_citation.abstract_id_CAS           ? 
_citation.book_id_ISBN              ? 
_citation.book_publisher            ? 
_citation.book_publisher_city       ? 
_citation.book_title                ? 
_citation.coordinate_linkage        ? 
_citation.country                   US 
_citation.database_id_Medline       ? 
_citation.details                   ? 
_citation.id                        primary 
_citation.journal_abbrev            J.Med.Chem. 
_citation.journal_id_ASTM           JMCMAR 
_citation.journal_id_CSD            0151 
_citation.journal_id_ISSN           0022-2623 
_citation.journal_full              ? 
_citation.journal_issue             ? 
_citation.journal_volume            67 
_citation.language                  ? 
_citation.page_first                2220 
_citation.page_last                 2235 
_citation.title                     
'Discovery and Characterization of a Bicyclic Peptide (Bicycle) Binder to Thymic Stromal Lymphopoietin.' 
_citation.year                      2024 
_citation.database_id_CSD           ? 
_citation.pdbx_database_id_DOI      10.1021/acs.jmedchem.3c02163 
_citation.pdbx_database_id_PubMed   38284169 
_citation.pdbx_database_id_patent   ? 
_citation.unpublished_flag          ? 
# 
loop_
_citation_author.citation_id 
_citation_author.name 
_citation_author.ordinal 
_citation_author.identifier_ORCID 
primary 'Narjes, F.'          1  ? 
primary 'Edfeldt, F.'         2  ? 
primary 'Petersen, J.'        3  ? 
primary 'Oster, L.'           4  ? 
primary 'Hamblet, C.'         5  ? 
primary 'Bird, J.'            6  ? 
primary 'Bold, P.'            7  ? 
primary 'Rae, R.'             8  ? 
primary 'Back, E.'            9  ? 
primary 'Stomilovic, S.'      10 ? 
primary 'Zlatoidsky, P.'      11 ? 
primary 'Svensson, T.'        12 ? 
primary 'Hidestal, L.'        13 ? 
primary 'Kunalingam, L.'      14 ? 
primary 'Shamovsky, I.'       15 ? 
primary 'De Maria, L.'        16 ? 
primary 'Gordon, E.'          17 ? 
primary 'Lewis, R.J.'         18 ? 
primary 'Watcham, S.'         19 ? 
primary 'van Rietschoten, K.' 20 ? 
primary 'Mudd, G.E.'          21 ? 
primary 'Harrison, H.'        22 ? 
primary 'Chen, L.'            23 ? 
primary 'Skynner, M.J.'       24 ? 
# 
loop_
_entity.id 
_entity.type 
_entity.src_method 
_entity.pdbx_description 
_entity.formula_weight 
_entity.pdbx_number_of_molecules 
_entity.pdbx_ec 
_entity.pdbx_mutation 
_entity.pdbx_fragment 
_entity.details 
1 polymer     man 'Thymic stromal lymphopoietin'                                                  14583.882 1  ? ? ? ? 
2 polymer     syn CYS-HIS-TRP-LEU-GLU-ASN-CYS-TRP-ARG-GLY-PHE-CYS                                 1555.804  1  ? ? ? ? 
3 non-polymer syn '1-[3,5-bis(3-bromanylpropanoyl)-1,3,5-triazinan-1-yl]-3-bromanyl-propan-1-one' 492.002   1  ? ? ? ? 
4 water       nat water                                                                           18.015    74 ? ? ? ? 
# 
loop_
_entity_poly.entity_id 
_entity_poly.type 
_entity_poly.nstd_linkage 
_entity_poly.nstd_monomer 
_entity_poly.pdbx_seq_one_letter_code 
_entity_poly.pdbx_seq_one_letter_code_can 
_entity_poly.pdbx_strand_id 
_entity_poly.pdbx_target_identifier 
1 'polypeptide(L)' no no 
;MYDFTNCDFEKIKAAYLSTISKDLITYMSGTKSTEFNNTVSCSNRPHCLTEIQSLTFNPTAGCASLAKEMFAMKTKAALA
IWCPGYSETQINATQAMKKRRKRKVTTNKCLEQVSQLQGLWRRFNRPL
;
;MYDFTNCDFEKIKAAYLSTISKDLITYMSGTKSTEFNNTVSCSNRPHCLTEIQSLTFNPTAGCASLAKEMFAMKTKAALA
IWCPGYSETQINATQAMKKRRKRKVTTNKCLEQVSQLQGLWRRFNRPL
;
A ? 
2 'polypeptide(L)' no no CHWLENCWRGFC CHWLENCWRGFC B ? 
# 
loop_
_pdbx_entity_nonpoly.entity_id 
_pdbx_entity_nonpoly.name 
_pdbx_entity_nonpoly.comp_id 
3 '1-[3,5-bis(3-bromanylpropanoyl)-1,3,5-triazinan-1-yl]-3-bromanyl-propan-1-one' LFI 
4 water                                                                           HOH 
# 
loop_
_entity_poly_seq.entity_id 
_entity_poly_seq.num 
_entity_poly_seq.mon_id 
_entity_poly_seq.hetero 
1 1   MET n 
1 2   TYR n 
1 3   ASP n 
1 4   PHE n 
1 5   THR n 
1 6   ASN n 
1 7   CYS n 
1 8   ASP n 
1 9   PHE n 
1 10  GLU n 
1 11  LYS n 
1 12  ILE n 
1 13  LYS n 
1 14  ALA n 
1 15  ALA n 
1 16  TYR n 
1 17  LEU n 
1 18  SER n 
1 19  THR n 
1 20  ILE n 
1 21  SER n 
1 22  LYS n 
1 23  ASP n 
1 24  LEU n 
1 25  ILE n 
1 26  THR n 
1 27  TYR n 
1 28  MET n 
1 29  SER n 
1 30  GLY n 
1 31  THR n 
1 32  LYS n 
1 33  SER n 
1 34  THR n 
1 35  GLU n 
1 36  PHE n 
1 37  ASN n 
1 38  ASN n 
1 39  THR n 
1 40  VAL n 
1 41  SER n 
1 42  CYS n 
1 43  SER n 
1 44  ASN n 
1 45  ARG n 
1 46  PRO n 
1 47  HIS n 
1 48  CYS n 
1 49  LEU n 
1 50  THR n 
1 51  GLU n 
1 52  ILE n 
1 53  GLN n 
1 54  SER n 
1 55  LEU n 
1 56  THR n 
1 57  PHE n 
1 58  ASN n 
1 59  PRO n 
1 60  THR n 
1 61  ALA n 
1 62  GLY n 
1 63  CYS n 
1 64  ALA n 
1 65  SER n 
1 66  LEU n 
1 67  ALA n 
1 68  LYS n 
1 69  GLU n 
1 70  MET n 
1 71  PHE n 
1 72  ALA n 
1 73  MET n 
1 74  LYS n 
1 75  THR n 
1 76  LYS n 
1 77  ALA n 
1 78  ALA n 
1 79  LEU n 
1 80  ALA n 
1 81  ILE n 
1 82  TRP n 
1 83  CYS n 
1 84  PRO n 
1 85  GLY n 
1 86  TYR n 
1 87  SER n 
1 88  GLU n 
1 89  THR n 
1 90  GLN n 
1 91  ILE n 
1 92  ASN n 
1 93  ALA n 
1 94  THR n 
1 95  GLN n 
1 96  ALA n 
1 97  MET n 
1 98  LYS n 
1 99  LYS n 
1 100 ARG n 
1 101 ARG n 
1 102 LYS n 
1 103 ARG n 
1 104 LYS n 
1 105 VAL n 
1 106 THR n 
1 107 THR n 
1 108 ASN n 
1 109 LYS n 
1 110 CYS n 
1 111 LEU n 
1 112 GLU n 
1 113 GLN n 
1 114 VAL n 
1 115 SER n 
1 116 GLN n 
1 117 LEU n 
1 118 GLN n 
1 119 GLY n 
1 120 LEU n 
1 121 TRP n 
1 122 ARG n 
1 123 ARG n 
1 124 PHE n 
1 125 ASN n 
1 126 ARG n 
1 127 PRO n 
1 128 LEU n 
2 1   CYS n 
2 2   HIS n 
2 3   TRP n 
2 4   LEU n 
2 5   GLU n 
2 6   ASN n 
2 7   CYS n 
2 8   TRP n 
2 9   ARG n 
2 10  GLY n 
2 11  PHE n 
2 12  CYS n 
# 
_entity_src_gen.entity_id                          1 
_entity_src_gen.pdbx_src_id                        1 
_entity_src_gen.pdbx_alt_source_flag               sample 
_entity_src_gen.pdbx_seq_type                      'Biological sequence' 
_entity_src_gen.pdbx_beg_seq_num                   1 
_entity_src_gen.pdbx_end_seq_num                   128 
_entity_src_gen.gene_src_common_name               human 
_entity_src_gen.gene_src_genus                     ? 
_entity_src_gen.pdbx_gene_src_gene                 TSLP 
_entity_src_gen.gene_src_species                   ? 
_entity_src_gen.gene_src_strain                    ? 
_entity_src_gen.gene_src_tissue                    ? 
_entity_src_gen.gene_src_tissue_fraction           ? 
_entity_src_gen.gene_src_details                   ? 
_entity_src_gen.pdbx_gene_src_fragment             ? 
_entity_src_gen.pdbx_gene_src_scientific_name      'Homo sapiens' 
_entity_src_gen.pdbx_gene_src_ncbi_taxonomy_id     9606 
_entity_src_gen.pdbx_gene_src_variant              ? 
_entity_src_gen.pdbx_gene_src_cell_line            ? 
_entity_src_gen.pdbx_gene_src_atcc                 ? 
_entity_src_gen.pdbx_gene_src_organ                ? 
_entity_src_gen.pdbx_gene_src_organelle            ? 
_entity_src_gen.pdbx_gene_src_cell                 ? 
_entity_src_gen.pdbx_gene_src_cellular_location    ? 
_entity_src_gen.host_org_common_name               ? 
_entity_src_gen.pdbx_host_org_scientific_name      'Escherichia coli' 
_entity_src_gen.pdbx_host_org_ncbi_taxonomy_id     562 
_entity_src_gen.host_org_genus                     ? 
_entity_src_gen.pdbx_host_org_gene                 ? 
_entity_src_gen.pdbx_host_org_organ                ? 
_entity_src_gen.host_org_species                   ? 
_entity_src_gen.pdbx_host_org_tissue               ? 
_entity_src_gen.pdbx_host_org_tissue_fraction      ? 
_entity_src_gen.pdbx_host_org_strain               ? 
_entity_src_gen.pdbx_host_org_variant              ? 
_entity_src_gen.pdbx_host_org_cell_line            ? 
_entity_src_gen.pdbx_host_org_atcc                 ? 
_entity_src_gen.pdbx_host_org_culture_collection   ? 
_entity_src_gen.pdbx_host_org_cell                 ? 
_entity_src_gen.pdbx_host_org_organelle            ? 
_entity_src_gen.pdbx_host_org_cellular_location    ? 
_entity_src_gen.pdbx_host_org_vector_type          ? 
_entity_src_gen.pdbx_host_org_vector               ? 
_entity_src_gen.host_org_details                   ? 
_entity_src_gen.expression_system_id               ? 
_entity_src_gen.plasmid_name                       ? 
_entity_src_gen.plasmid_details                    ? 
_entity_src_gen.pdbx_description                   ? 
# 
_pdbx_entity_src_syn.entity_id              2 
_pdbx_entity_src_syn.pdbx_src_id            1 
_pdbx_entity_src_syn.pdbx_alt_source_flag   sample 
_pdbx_entity_src_syn.pdbx_beg_seq_num       1 
_pdbx_entity_src_syn.pdbx_end_seq_num       12 
_pdbx_entity_src_syn.organism_scientific    'Synthetic construct' 
_pdbx_entity_src_syn.organism_common_name   ? 
_pdbx_entity_src_syn.ncbi_taxonomy_id       32630 
_pdbx_entity_src_syn.details                ? 
# 
loop_
_chem_comp.id 
_chem_comp.type 
_chem_comp.mon_nstd_flag 
_chem_comp.name 
_chem_comp.pdbx_synonyms 
_chem_comp.formula 
_chem_comp.formula_weight 
ALA 'L-peptide linking' y ALANINE                                                                         ?                      
'C3 H7 N O2'        89.093  
ARG 'L-peptide linking' y ARGININE                                                                        ?                      
'C6 H15 N4 O2 1'    175.209 
ASN 'L-peptide linking' y ASPARAGINE                                                                      ?                      
'C4 H8 N2 O3'       132.118 
ASP 'L-peptide linking' y 'ASPARTIC ACID'                                                                 ?                      
'C4 H7 N O4'        133.103 
CYS 'L-peptide linking' y CYSTEINE                                                                        ?                      
'C3 H7 N O2 S'      121.158 
GLN 'L-peptide linking' y GLUTAMINE                                                                       ?                      
'C5 H10 N2 O3'      146.144 
GLU 'L-peptide linking' y 'GLUTAMIC ACID'                                                                 ?                      
'C5 H9 N O4'        147.129 
GLY 'peptide linking'   y GLYCINE                                                                         ?                      
'C2 H5 N O2'        75.067  
HIS 'L-peptide linking' y HISTIDINE                                                                       ?                      
'C6 H10 N3 O2 1'    156.162 
HOH non-polymer         . WATER                                                                           ?                      
'H2 O'              18.015  
ILE 'L-peptide linking' y ISOLEUCINE                                                                      ?                      
'C6 H13 N O2'       131.173 
LEU 'L-peptide linking' y LEUCINE                                                                         ?                      
'C6 H13 N O2'       131.173 
LFI non-polymer         . '1-[3,5-bis(3-bromanylpropanoyl)-1,3,5-triazinan-1-yl]-3-bromanyl-propan-1-one' 'Chemical crosslinker' 
'C12 H18 Br3 N3 O3' 492.002 
LYS 'L-peptide linking' y LYSINE                                                                          ?                      
'C6 H15 N2 O2 1'    147.195 
MET 'L-peptide linking' y METHIONINE                                                                      ?                      
'C5 H11 N O2 S'     149.211 
PHE 'L-peptide linking' y PHENYLALANINE                                                                   ?                      
'C9 H11 N O2'       165.189 
PRO 'L-peptide linking' y PROLINE                                                                         ?                      
'C5 H9 N O2'        115.130 
SER 'L-peptide linking' y SERINE                                                                          ?                      
'C3 H7 N O3'        105.093 
THR 'L-peptide linking' y THREONINE                                                                       ?                      
'C4 H9 N O3'        119.119 
TRP 'L-peptide linking' y TRYPTOPHAN                                                                      ?                      
'C11 H12 N2 O2'     204.225 
TYR 'L-peptide linking' y TYROSINE                                                                        ?                      
'C9 H11 N O3'       181.189 
VAL 'L-peptide linking' y VALINE                                                                          ?                      
'C5 H11 N O2'       117.146 
# 
loop_
_pdbx_poly_seq_scheme.asym_id 
_pdbx_poly_seq_scheme.entity_id 
_pdbx_poly_seq_scheme.seq_id 
_pdbx_poly_seq_scheme.mon_id 
_pdbx_poly_seq_scheme.ndb_seq_num 
_pdbx_poly_seq_scheme.pdb_seq_num 
_pdbx_poly_seq_scheme.auth_seq_num 
_pdbx_poly_seq_scheme.pdb_mon_id 
_pdbx_poly_seq_scheme.auth_mon_id 
_pdbx_poly_seq_scheme.pdb_strand_id 
_pdbx_poly_seq_scheme.pdb_ins_code 
_pdbx_poly_seq_scheme.hetero 
A 1 1   MET 1   28  28  MET MET A . n 
A 1 2   TYR 2   29  29  TYR TYR A . n 
A 1 3   ASP 3   30  30  ASP ASP A . n 
A 1 4   PHE 4   31  31  PHE PHE A . n 
A 1 5   THR 5   32  32  THR THR A . n 
A 1 6   ASN 6   33  33  ASN ASN A . n 
A 1 7   CYS 7   34  34  CYS CYS A . n 
A 1 8   ASP 8   35  35  ASP ASP A . n 
A 1 9   PHE 9   36  36  PHE PHE A . n 
A 1 10  GLU 10  37  37  GLU GLU A . n 
A 1 11  LYS 11  38  38  LYS LYS A . n 
A 1 12  ILE 12  39  39  ILE ILE A . n 
A 1 13  LYS 13  40  40  LYS LYS A . n 
A 1 14  ALA 14  41  41  ALA ALA A . n 
A 1 15  ALA 15  42  42  ALA ALA A . n 
A 1 16  TYR 16  43  43  TYR TYR A . n 
A 1 17  LEU 17  44  44  LEU LEU A . n 
A 1 18  SER 18  45  45  SER SER A . n 
A 1 19  THR 19  46  46  THR THR A . n 
A 1 20  ILE 20  47  47  ILE ILE A . n 
A 1 21  SER 21  48  48  SER SER A . n 
A 1 22  LYS 22  49  49  LYS LYS A . n 
A 1 23  ASP 23  50  50  ASP ASP A . n 
A 1 24  LEU 24  51  51  LEU LEU A . n 
A 1 25  ILE 25  52  52  ILE ILE A . n 
A 1 26  THR 26  53  53  THR THR A . n 
A 1 27  TYR 27  54  54  TYR TYR A . n 
A 1 28  MET 28  55  55  MET MET A . n 
A 1 29  SER 29  56  56  SER SER A . n 
A 1 30  GLY 30  57  57  GLY GLY A . n 
A 1 31  THR 31  58  58  THR THR A . n 
A 1 32  LYS 32  59  59  LYS LYS A . n 
A 1 33  SER 33  60  60  SER SER A . n 
A 1 34  THR 34  61  61  THR THR A . n 
A 1 35  GLU 35  62  62  GLU GLU A . n 
A 1 36  PHE 36  63  63  PHE PHE A . n 
A 1 37  ASN 37  64  64  ASN ASN A . n 
A 1 38  ASN 38  65  65  ASN ASN A . n 
A 1 39  THR 39  66  66  THR THR A . n 
A 1 40  VAL 40  67  67  VAL VAL A . n 
A 1 41  SER 41  68  68  SER SER A . n 
A 1 42  CYS 42  69  69  CYS CYS A . n 
A 1 43  SER 43  70  70  SER SER A . n 
A 1 44  ASN 44  71  71  ASN ASN A . n 
A 1 45  ARG 45  72  72  ARG ARG A . n 
A 1 46  PRO 46  73  73  PRO PRO A . n 
A 1 47  HIS 47  74  74  HIS HIS A . n 
A 1 48  CYS 48  75  75  CYS CYS A . n 
A 1 49  LEU 49  76  76  LEU LEU A . n 
A 1 50  THR 50  77  77  THR THR A . n 
A 1 51  GLU 51  78  78  GLU GLU A . n 
A 1 52  ILE 52  79  79  ILE ILE A . n 
A 1 53  GLN 53  80  80  GLN GLN A . n 
A 1 54  SER 54  81  81  SER SER A . n 
A 1 55  LEU 55  82  82  LEU LEU A . n 
A 1 56  THR 56  83  83  THR THR A . n 
A 1 57  PHE 57  84  84  PHE PHE A . n 
A 1 58  ASN 58  85  85  ASN ASN A . n 
A 1 59  PRO 59  86  86  PRO PRO A . n 
A 1 60  THR 60  87  87  THR THR A . n 
A 1 61  ALA 61  88  88  ALA ALA A . n 
A 1 62  GLY 62  89  89  GLY GLY A . n 
A 1 63  CYS 63  90  90  CYS CYS A . n 
A 1 64  ALA 64  91  91  ALA ALA A . n 
A 1 65  SER 65  92  92  SER SER A . n 
A 1 66  LEU 66  93  93  LEU LEU A . n 
A 1 67  ALA 67  94  94  ALA ALA A . n 
A 1 68  LYS 68  95  95  LYS LYS A . n 
A 1 69  GLU 69  96  96  GLU GLU A . n 
A 1 70  MET 70  97  97  MET MET A . n 
A 1 71  PHE 71  98  98  PHE PHE A . n 
A 1 72  ALA 72  99  99  ALA ALA A . n 
A 1 73  MET 73  100 100 MET MET A . n 
A 1 74  LYS 74  101 101 LYS LYS A . n 
A 1 75  THR 75  102 102 THR THR A . n 
A 1 76  LYS 76  103 103 LYS LYS A . n 
A 1 77  ALA 77  104 104 ALA ALA A . n 
A 1 78  ALA 78  105 105 ALA ALA A . n 
A 1 79  LEU 79  106 106 LEU LEU A . n 
A 1 80  ALA 80  107 107 ALA ALA A . n 
A 1 81  ILE 81  108 108 ILE ILE A . n 
A 1 82  TRP 82  109 109 TRP TRP A . n 
A 1 83  CYS 83  110 110 CYS CYS A . n 
A 1 84  PRO 84  111 111 PRO PRO A . n 
A 1 85  GLY 85  112 112 GLY GLY A . n 
A 1 86  TYR 86  113 113 TYR TYR A . n 
A 1 87  SER 87  114 114 SER SER A . n 
A 1 88  GLU 88  115 115 GLU GLU A . n 
A 1 89  THR 89  116 116 THR THR A . n 
A 1 90  GLN 90  117 117 GLN GLN A . n 
A 1 91  ILE 91  118 118 ILE ILE A . n 
A 1 92  ASN 92  119 119 ASN ASN A . n 
A 1 93  ALA 93  120 ?   ?   ?   A . n 
A 1 94  THR 94  121 ?   ?   ?   A . n 
A 1 95  GLN 95  122 ?   ?   ?   A . n 
A 1 96  ALA 96  123 ?   ?   ?   A . n 
A 1 97  MET 97  124 ?   ?   ?   A . n 
A 1 98  LYS 98  125 ?   ?   ?   A . n 
A 1 99  LYS 99  126 ?   ?   ?   A . n 
A 1 100 ARG 100 127 ?   ?   ?   A . n 
A 1 101 ARG 101 128 ?   ?   ?   A . n 
A 1 102 LYS 102 129 ?   ?   ?   A . n 
A 1 103 ARG 103 130 ?   ?   ?   A . n 
A 1 104 LYS 104 131 ?   ?   ?   A . n 
A 1 105 VAL 105 132 ?   ?   ?   A . n 
A 1 106 THR 106 133 133 THR THR A . n 
A 1 107 THR 107 134 134 THR THR A . n 
A 1 108 ASN 108 135 135 ASN ASN A . n 
A 1 109 LYS 109 136 136 LYS LYS A . n 
A 1 110 CYS 110 137 137 CYS CYS A . n 
A 1 111 LEU 111 138 138 LEU LEU A . n 
A 1 112 GLU 112 139 139 GLU GLU A . n 
A 1 113 GLN 113 140 140 GLN GLN A . n 
A 1 114 VAL 114 141 141 VAL VAL A . n 
A 1 115 SER 115 142 142 SER SER A . n 
A 1 116 GLN 116 143 143 GLN GLN A . n 
A 1 117 LEU 117 144 144 LEU LEU A . n 
A 1 118 GLN 118 145 145 GLN GLN A . n 
A 1 119 GLY 119 146 146 GLY GLY A . n 
A 1 120 LEU 120 147 147 LEU LEU A . n 
A 1 121 TRP 121 148 148 TRP TRP A . n 
A 1 122 ARG 122 149 149 ARG ARG A . n 
A 1 123 ARG 123 150 150 ARG ARG A . n 
A 1 124 PHE 124 151 151 PHE PHE A . n 
A 1 125 ASN 125 152 152 ASN ASN A . n 
A 1 126 ARG 126 153 153 ARG ARG A . n 
A 1 127 PRO 127 154 154 PRO PRO A . n 
A 1 128 LEU 128 155 155 LEU LEU A . n 
B 2 1   CYS 1   11  11  CYS CYS B . n 
B 2 2   HIS 2   12  12  HIS HIS B . n 
B 2 3   TRP 3   13  13  TRP TRP B . n 
B 2 4   LEU 4   14  14  LEU LEU B . n 
B 2 5   GLU 5   15  15  GLU GLU B . n 
B 2 6   ASN 6   16  16  ASN ASN B . n 
B 2 7   CYS 7   17  17  CYS CYS B . n 
B 2 8   TRP 8   18  18  TRP TRP B . n 
B 2 9   ARG 9   19  19  ARG ARG B . n 
B 2 10  GLY 10  20  20  GLY GLY B . n 
B 2 11  PHE 11  21  21  PHE PHE B . n 
B 2 12  CYS 12  22  22  CYS CYS B . n 
# 
_pdbx_entity_instance_feature.ordinal        1 
_pdbx_entity_instance_feature.comp_id        LFI 
_pdbx_entity_instance_feature.asym_id        ? 
_pdbx_entity_instance_feature.seq_num        ? 
_pdbx_entity_instance_feature.auth_comp_id   LFI 
_pdbx_entity_instance_feature.auth_asym_id   ? 
_pdbx_entity_instance_feature.auth_seq_num   ? 
_pdbx_entity_instance_feature.feature_type   'SUBJECT OF INVESTIGATION' 
_pdbx_entity_instance_feature.details        ? 
# 
loop_
_pdbx_nonpoly_scheme.asym_id 
_pdbx_nonpoly_scheme.entity_id 
_pdbx_nonpoly_scheme.mon_id 
_pdbx_nonpoly_scheme.ndb_seq_num 
_pdbx_nonpoly_scheme.pdb_seq_num 
_pdbx_nonpoly_scheme.auth_seq_num 
_pdbx_nonpoly_scheme.pdb_mon_id 
_pdbx_nonpoly_scheme.auth_mon_id 
_pdbx_nonpoly_scheme.pdb_strand_id 
_pdbx_nonpoly_scheme.pdb_ins_code 
C 3 LFI 1  101 1  LFI INH B . 
D 4 HOH 1  201 88 HOH HOH A . 
D 4 HOH 2  202 19 HOH HOH A . 
D 4 HOH 3  203 80 HOH HOH A . 
D 4 HOH 4  204 37 HOH HOH A . 
D 4 HOH 5  205 24 HOH HOH A . 
D 4 HOH 6  206 54 HOH HOH A . 
D 4 HOH 7  207 35 HOH HOH A . 
D 4 HOH 8  208 43 HOH HOH A . 
D 4 HOH 9  209 22 HOH HOH A . 
D 4 HOH 10 210 56 HOH HOH A . 
D 4 HOH 11 211 23 HOH HOH A . 
D 4 HOH 12 212 3  HOH HOH A . 
D 4 HOH 13 213 26 HOH HOH A . 
D 4 HOH 14 214 60 HOH HOH A . 
D 4 HOH 15 215 27 HOH HOH A . 
D 4 HOH 16 216 46 HOH HOH A . 
D 4 HOH 17 217 82 HOH HOH A . 
D 4 HOH 18 218 13 HOH HOH A . 
D 4 HOH 19 219 68 HOH HOH A . 
D 4 HOH 20 220 39 HOH HOH A . 
D 4 HOH 21 221 17 HOH HOH A . 
D 4 HOH 22 222 64 HOH HOH A . 
D 4 HOH 23 223 34 HOH HOH A . 
D 4 HOH 24 224 4  HOH HOH A . 
D 4 HOH 25 225 71 HOH HOH A . 
D 4 HOH 26 226 21 HOH HOH A . 
D 4 HOH 27 227 28 HOH HOH A . 
D 4 HOH 28 228 44 HOH HOH A . 
D 4 HOH 29 229 41 HOH HOH A . 
D 4 HOH 30 230 81 HOH HOH A . 
D 4 HOH 31 231 83 HOH HOH A . 
D 4 HOH 32 232 10 HOH HOH A . 
D 4 HOH 33 233 49 HOH HOH A . 
D 4 HOH 34 234 25 HOH HOH A . 
D 4 HOH 35 235 8  HOH HOH A . 
D 4 HOH 36 236 48 HOH HOH A . 
D 4 HOH 37 237 58 HOH HOH A . 
D 4 HOH 38 238 53 HOH HOH A . 
D 4 HOH 39 239 6  HOH HOH A . 
D 4 HOH 40 240 2  HOH HOH A . 
D 4 HOH 41 241 57 HOH HOH A . 
D 4 HOH 42 242 69 HOH HOH A . 
D 4 HOH 43 243 61 HOH HOH A . 
D 4 HOH 44 244 74 HOH HOH A . 
D 4 HOH 45 245 52 HOH HOH A . 
D 4 HOH 46 246 30 HOH HOH A . 
D 4 HOH 47 247 16 HOH HOH A . 
D 4 HOH 48 248 47 HOH HOH A . 
D 4 HOH 49 249 14 HOH HOH A . 
D 4 HOH 50 250 77 HOH HOH A . 
D 4 HOH 51 251 78 HOH HOH A . 
D 4 HOH 52 252 65 HOH HOH A . 
D 4 HOH 53 253 42 HOH HOH A . 
D 4 HOH 54 254 62 HOH HOH A . 
D 4 HOH 55 255 73 HOH HOH A . 
D 4 HOH 56 256 84 HOH HOH A . 
D 4 HOH 57 257 85 HOH HOH A . 
D 4 HOH 58 258 79 HOH HOH A . 
D 4 HOH 59 259 87 HOH HOH A . 
D 4 HOH 60 260 89 HOH HOH A . 
E 4 HOH 1  201 7  HOH HOH B . 
E 4 HOH 2  202 9  HOH HOH B . 
E 4 HOH 3  203 38 HOH HOH B . 
E 4 HOH 4  204 51 HOH HOH B . 
E 4 HOH 5  205 1  HOH HOH B . 
E 4 HOH 6  206 76 HOH HOH B . 
E 4 HOH 7  207 31 HOH HOH B . 
E 4 HOH 8  208 75 HOH HOH B . 
E 4 HOH 9  209 59 HOH HOH B . 
E 4 HOH 10 210 12 HOH HOH B . 
E 4 HOH 11 211 45 HOH HOH B . 
E 4 HOH 12 212 15 HOH HOH B . 
E 4 HOH 13 213 20 HOH HOH B . 
E 4 HOH 14 214 66 HOH HOH B . 
# 
loop_
_pdbx_unobs_or_zero_occ_atoms.id 
_pdbx_unobs_or_zero_occ_atoms.PDB_model_num 
_pdbx_unobs_or_zero_occ_atoms.polymer_flag 
_pdbx_unobs_or_zero_occ_atoms.occupancy_flag 
_pdbx_unobs_or_zero_occ_atoms.auth_asym_id 
_pdbx_unobs_or_zero_occ_atoms.auth_comp_id 
_pdbx_unobs_or_zero_occ_atoms.auth_seq_id 
_pdbx_unobs_or_zero_occ_atoms.PDB_ins_code 
_pdbx_unobs_or_zero_occ_atoms.auth_atom_id 
_pdbx_unobs_or_zero_occ_atoms.label_alt_id 
_pdbx_unobs_or_zero_occ_atoms.label_asym_id 
_pdbx_unobs_or_zero_occ_atoms.label_comp_id 
_pdbx_unobs_or_zero_occ_atoms.label_seq_id 
_pdbx_unobs_or_zero_occ_atoms.label_atom_id 
1 1 Y 1 A MET 28 ? CG  ? A MET 1  CG  
2 1 Y 1 A MET 28 ? SD  ? A MET 1  SD  
3 1 Y 1 A MET 28 ? CE  ? A MET 1  CE  
4 1 Y 1 A GLU 62 ? CG  ? A GLU 35 CG  
5 1 Y 1 A GLU 62 ? CD  ? A GLU 35 CD  
6 1 Y 1 A GLU 62 ? OE1 ? A GLU 35 OE1 
7 1 Y 1 A GLU 62 ? OE2 ? A GLU 35 OE2 
# 
loop_
_software.citation_id 
_software.classification 
_software.compiler_name 
_software.compiler_version 
_software.contact_author 
_software.contact_author_email 
_software.date 
_software.description 
_software.dependencies 
_software.hardware 
_software.language 
_software.location 
_software.mods 
_software.name 
_software.os 
_software.os_version 
_software.type 
_software.version 
_software.pdbx_ordinal 
? refinement       ? ? ? ? ? ? ? ? ? ? ? REFMAC  ? ? ? '5.8.0135 STEINER' 1 
? 'data scaling'   ? ? ? ? ? ? ? ? ? ? ? Aimless ? ? ? .                  2 
? phasing          ? ? ? ? ? ? ? ? ? ? ? MOLREP  ? ? ? .                  3 
? 'data reduction' ? ? ? ? ? ? ? ? ? ? ? XDS     ? ? ? .                  4 
# 
_cell.angle_alpha                  90.00 
_cell.angle_alpha_esd              ? 
_cell.angle_beta                   90.00 
_cell.angle_beta_esd               ? 
_cell.angle_gamma                  90.00 
_cell.angle_gamma_esd              ? 
_cell.entry_id                     8QFZ 
_cell.details                      ? 
_cell.formula_units_Z              ? 
_cell.length_a                     45.920 
_cell.length_a_esd                 ? 
_cell.length_b                     52.349 
_cell.length_b_esd                 ? 
_cell.length_c                     65.829 
_cell.length_c_esd                 ? 
_cell.volume                       ? 
_cell.volume_esd                   ? 
_cell.Z_PDB                        4 
_cell.reciprocal_angle_alpha       ? 
_cell.reciprocal_angle_beta        ? 
_cell.reciprocal_angle_gamma       ? 
_cell.reciprocal_angle_alpha_esd   ? 
_cell.reciprocal_angle_beta_esd    ? 
_cell.reciprocal_angle_gamma_esd   ? 
_cell.reciprocal_length_a          ? 
_cell.reciprocal_length_b          ? 
_cell.reciprocal_length_c          ? 
_cell.reciprocal_length_a_esd      ? 
_cell.reciprocal_length_b_esd      ? 
_cell.reciprocal_length_c_esd      ? 
_cell.pdbx_unique_axis             ? 
_cell.pdbx_esd_method              ? 
# 
_symmetry.entry_id                         8QFZ 
_symmetry.cell_setting                     ? 
_symmetry.Int_Tables_number                19 
_symmetry.space_group_name_Hall            ? 
_symmetry.space_group_name_H-M             'P 21 21 21' 
_symmetry.pdbx_full_space_group_name_H-M   ? 
# 
_exptl.absorpt_coefficient_mu     ? 
_exptl.absorpt_correction_T_max   ? 
_exptl.absorpt_correction_T_min   ? 
_exptl.absorpt_correction_type    ? 
_exptl.absorpt_process_details    ? 
_exptl.entry_id                   8QFZ 
_exptl.crystals_number            1 
_exptl.details                    ? 
_exptl.method                     'X-RAY DIFFRACTION' 
_exptl.method_details             ? 
# 
_exptl_crystal.colour                       ? 
_exptl_crystal.density_diffrn               ? 
_exptl_crystal.density_Matthews             2.72 
_exptl_crystal.density_method               ? 
_exptl_crystal.density_percent_sol          54.76 
_exptl_crystal.description                  ? 
_exptl_crystal.F_000                        ? 
_exptl_crystal.id                           1 
_exptl_crystal.preparation                  ? 
_exptl_crystal.size_max                     ? 
_exptl_crystal.size_mid                     ? 
_exptl_crystal.size_min                     ? 
_exptl_crystal.size_rad                     ? 
_exptl_crystal.colour_lustre                ? 
_exptl_crystal.colour_modifier              ? 
_exptl_crystal.colour_primary               ? 
_exptl_crystal.density_meas                 ? 
_exptl_crystal.density_meas_esd             ? 
_exptl_crystal.density_meas_gt              ? 
_exptl_crystal.density_meas_lt              ? 
_exptl_crystal.density_meas_temp            ? 
_exptl_crystal.density_meas_temp_esd        ? 
_exptl_crystal.density_meas_temp_gt         ? 
_exptl_crystal.density_meas_temp_lt         ? 
_exptl_crystal.pdbx_crystal_image_url       ? 
_exptl_crystal.pdbx_crystal_image_format    ? 
_exptl_crystal.pdbx_mosaicity               ? 
_exptl_crystal.pdbx_mosaicity_esd           ? 
_exptl_crystal.pdbx_mosaic_method           ? 
_exptl_crystal.pdbx_mosaic_block_size       ? 
_exptl_crystal.pdbx_mosaic_block_size_esd   ? 
# 
_exptl_crystal_grow.apparatus       ? 
_exptl_crystal_grow.atmosphere      ? 
_exptl_crystal_grow.crystal_id      1 
_exptl_crystal_grow.details         ? 
_exptl_crystal_grow.method          'VAPOR DIFFUSION, HANGING DROP' 
_exptl_crystal_grow.method_ref      ? 
_exptl_crystal_grow.pH              ? 
_exptl_crystal_grow.pressure        ? 
_exptl_crystal_grow.pressure_esd    ? 
_exptl_crystal_grow.seeding         ? 
_exptl_crystal_grow.seeding_ref     ? 
_exptl_crystal_grow.temp_details    ? 
_exptl_crystal_grow.temp_esd        ? 
_exptl_crystal_grow.time            ? 
_exptl_crystal_grow.pdbx_details    '30% PEG MME 500/PEG 20000, 0.1 M Carboxylic acids mix and 0.1 M Buffer system 3 pH 8.5' 
_exptl_crystal_grow.pdbx_pH_range   ? 
_exptl_crystal_grow.temp            293 
# 
_diffrn.ambient_environment              ? 
_diffrn.ambient_temp                     100 
_diffrn.ambient_temp_details             ? 
_diffrn.ambient_temp_esd                 ? 
_diffrn.crystal_id                       1 
_diffrn.crystal_support                  ? 
_diffrn.crystal_treatment                ? 
_diffrn.details                          ? 
_diffrn.id                               1 
_diffrn.ambient_pressure                 ? 
_diffrn.ambient_pressure_esd             ? 
_diffrn.ambient_pressure_gt              ? 
_diffrn.ambient_pressure_lt              ? 
_diffrn.ambient_temp_gt                  ? 
_diffrn.ambient_temp_lt                  ? 
_diffrn.pdbx_serial_crystal_experiment   N 
# 
_diffrn_detector.details                      ? 
_diffrn_detector.detector                     PIXEL 
_diffrn_detector.diffrn_id                    1 
_diffrn_detector.type                         'DECTRIS PILATUS 12M' 
_diffrn_detector.area_resol_mean              ? 
_diffrn_detector.dtime                        ? 
_diffrn_detector.pdbx_frames_total            ? 
_diffrn_detector.pdbx_collection_time_total   ? 
_diffrn_detector.pdbx_collection_date         2017-10-16 
_diffrn_detector.pdbx_frequency               ? 
_diffrn_detector.id                           ? 
_diffrn_detector.number_of_axes               ? 
# 
_diffrn_radiation.collimation                      ? 
_diffrn_radiation.diffrn_id                        1 
_diffrn_radiation.filter_edge                      ? 
_diffrn_radiation.inhomogeneity                    ? 
_diffrn_radiation.monochromator                    ? 
_diffrn_radiation.polarisn_norm                    ? 
_diffrn_radiation.polarisn_ratio                   ? 
_diffrn_radiation.probe                            ? 
_diffrn_radiation.type                             ? 
_diffrn_radiation.xray_symbol                      ? 
_diffrn_radiation.wavelength_id                    1 
_diffrn_radiation.pdbx_monochromatic_or_laue_m_l   M 
_diffrn_radiation.pdbx_wavelength_list             ? 
_diffrn_radiation.pdbx_wavelength                  ? 
_diffrn_radiation.pdbx_diffrn_protocol             'SINGLE WAVELENGTH' 
_diffrn_radiation.pdbx_analyzer                    ? 
_diffrn_radiation.pdbx_scattering_type             x-ray 
# 
_diffrn_radiation_wavelength.id           1 
_diffrn_radiation_wavelength.wavelength   0.976 
_diffrn_radiation_wavelength.wt           1.0 
# 
_diffrn_source.current                     ? 
_diffrn_source.details                     ? 
_diffrn_source.diffrn_id                   1 
_diffrn_source.power                       ? 
_diffrn_source.size                        ? 
_diffrn_source.source                      SYNCHROTRON 
_diffrn_source.target                      ? 
_diffrn_source.type                        'ESRF BEAMLINE ID30B' 
_diffrn_source.voltage                     ? 
_diffrn_source.take-off_angle              ? 
_diffrn_source.pdbx_wavelength_list        0.976 
_diffrn_source.pdbx_wavelength             ? 
_diffrn_source.pdbx_synchrotron_beamline   ID30B 
_diffrn_source.pdbx_synchrotron_site       ESRF 
# 
_reflns.B_iso_Wilson_estimate                          ? 
_reflns.entry_id                                       8QFZ 
_reflns.data_reduction_details                         ? 
_reflns.data_reduction_method                          ? 
_reflns.d_resolution_high                              1.52 
_reflns.d_resolution_low                               40.97 
_reflns.details                                        ? 
_reflns.limit_h_max                                    ? 
_reflns.limit_h_min                                    ? 
_reflns.limit_k_max                                    ? 
_reflns.limit_k_min                                    ? 
_reflns.limit_l_max                                    ? 
_reflns.limit_l_min                                    ? 
_reflns.number_all                                     ? 
_reflns.number_obs                                     23603 
_reflns.observed_criterion                             ? 
_reflns.observed_criterion_F_max                       ? 
_reflns.observed_criterion_F_min                       ? 
_reflns.observed_criterion_I_max                       ? 
_reflns.observed_criterion_I_min                       ? 
_reflns.observed_criterion_sigma_F                     ? 
_reflns.observed_criterion_sigma_I                     ? 
_reflns.percent_possible_obs                           93.9 
_reflns.R_free_details                                 ? 
_reflns.Rmerge_F_all                                   ? 
_reflns.Rmerge_F_obs                                   ? 
_reflns.Friedel_coverage                               ? 
_reflns.number_gt                                      ? 
_reflns.threshold_expression                           ? 
_reflns.pdbx_redundancy                                5.5 
_reflns.pdbx_netI_over_av_sigmaI                       ? 
_reflns.pdbx_netI_over_sigmaI                          10.1 
_reflns.pdbx_res_netI_over_av_sigmaI_2                 ? 
_reflns.pdbx_res_netI_over_sigmaI_2                    ? 
_reflns.pdbx_chi_squared                               ? 
_reflns.pdbx_scaling_rejects                           ? 
_reflns.pdbx_d_res_high_opt                            ? 
_reflns.pdbx_d_res_low_opt                             ? 
_reflns.pdbx_d_res_opt_method                          ? 
_reflns.phase_calculation_details                      ? 
_reflns.pdbx_Rrim_I_all                                0.099 
_reflns.pdbx_Rpim_I_all                                0.040 
_reflns.pdbx_d_opt                                     ? 
_reflns.pdbx_number_measured_all                       129247 
_reflns.pdbx_diffrn_id                                 1 
_reflns.pdbx_ordinal                                   1 
_reflns.pdbx_CC_half                                   0.994 
_reflns.pdbx_CC_star                                   ? 
_reflns.pdbx_R_split                                   ? 
_reflns.pdbx_Rmerge_I_obs                              0.090 
_reflns.pdbx_Rmerge_I_all                              ? 
_reflns.pdbx_Rsym_value                                ? 
_reflns.pdbx_CC_split_method                           ? 
_reflns.pdbx_aniso_diffraction_limit_axis_1_ortho[1]   ? 
_reflns.pdbx_aniso_diffraction_limit_axis_1_ortho[2]   ? 
_reflns.pdbx_aniso_diffraction_limit_axis_1_ortho[3]   ? 
_reflns.pdbx_aniso_diffraction_limit_axis_2_ortho[1]   ? 
_reflns.pdbx_aniso_diffraction_limit_axis_2_ortho[2]   ? 
_reflns.pdbx_aniso_diffraction_limit_axis_2_ortho[3]   ? 
_reflns.pdbx_aniso_diffraction_limit_axis_3_ortho[1]   ? 
_reflns.pdbx_aniso_diffraction_limit_axis_3_ortho[2]   ? 
_reflns.pdbx_aniso_diffraction_limit_axis_3_ortho[3]   ? 
_reflns.pdbx_aniso_diffraction_limit_1                 ? 
_reflns.pdbx_aniso_diffraction_limit_2                 ? 
_reflns.pdbx_aniso_diffraction_limit_3                 ? 
_reflns.pdbx_aniso_B_tensor_eigenvector_1_ortho[1]     ? 
_reflns.pdbx_aniso_B_tensor_eigenvector_1_ortho[2]     ? 
_reflns.pdbx_aniso_B_tensor_eigenvector_1_ortho[3]     ? 
_reflns.pdbx_aniso_B_tensor_eigenvector_2_ortho[1]     ? 
_reflns.pdbx_aniso_B_tensor_eigenvector_2_ortho[2]     ? 
_reflns.pdbx_aniso_B_tensor_eigenvector_2_ortho[3]     ? 
_reflns.pdbx_aniso_B_tensor_eigenvector_3_ortho[1]     ? 
_reflns.pdbx_aniso_B_tensor_eigenvector_3_ortho[2]     ? 
_reflns.pdbx_aniso_B_tensor_eigenvector_3_ortho[3]     ? 
_reflns.pdbx_aniso_B_tensor_eigenvalue_1               ? 
_reflns.pdbx_aniso_B_tensor_eigenvalue_2               ? 
_reflns.pdbx_aniso_B_tensor_eigenvalue_3               ? 
_reflns.pdbx_orthogonalization_convention              ? 
_reflns.pdbx_percent_possible_ellipsoidal              ? 
_reflns.pdbx_percent_possible_spherical                ? 
_reflns.pdbx_percent_possible_ellipsoidal_anomalous    ? 
_reflns.pdbx_percent_possible_spherical_anomalous      ? 
_reflns.pdbx_redundancy_anomalous                      ? 
_reflns.pdbx_CC_half_anomalous                         ? 
_reflns.pdbx_absDiff_over_sigma_anomalous              ? 
_reflns.pdbx_percent_possible_anomalous                ? 
_reflns.pdbx_observed_signal_threshold                 ? 
_reflns.pdbx_signal_type                               ? 
_reflns.pdbx_signal_details                            ? 
_reflns.pdbx_signal_software_id                        ? 
# 
_reflns_shell.d_res_high                                    1.52 
_reflns_shell.d_res_low                                     1.57 
_reflns_shell.meanI_over_sigI_all                           ? 
_reflns_shell.meanI_over_sigI_obs                           ? 
_reflns_shell.number_measured_all                           4434 
_reflns_shell.number_measured_obs                           ? 
_reflns_shell.number_possible                               ? 
_reflns_shell.number_unique_all                             ? 
_reflns_shell.number_unique_obs                             1652 
_reflns_shell.percent_possible_obs                          68.0 
_reflns_shell.Rmerge_F_all                                  ? 
_reflns_shell.Rmerge_F_obs                                  ? 
_reflns_shell.meanI_over_sigI_gt                            ? 
_reflns_shell.meanI_over_uI_all                             ? 
_reflns_shell.meanI_over_uI_gt                              ? 
_reflns_shell.number_measured_gt                            ? 
_reflns_shell.number_unique_gt                              ? 
_reflns_shell.percent_possible_gt                           ? 
_reflns_shell.Rmerge_F_gt                                   ? 
_reflns_shell.Rmerge_I_gt                                   ? 
_reflns_shell.pdbx_redundancy                               2.7 
_reflns_shell.pdbx_chi_squared                              ? 
_reflns_shell.pdbx_netI_over_sigmaI_all                     ? 
_reflns_shell.pdbx_netI_over_sigmaI_obs                     1.7 
_reflns_shell.pdbx_Rrim_I_all                               0.754 
_reflns_shell.pdbx_Rpim_I_all                               0.429 
_reflns_shell.pdbx_rejects                                  ? 
_reflns_shell.pdbx_ordinal                                  1 
_reflns_shell.pdbx_diffrn_id                                1 
_reflns_shell.pdbx_CC_half                                  0.534 
_reflns_shell.pdbx_CC_star                                  ? 
_reflns_shell.pdbx_R_split                                  ? 
_reflns_shell.percent_possible_all                          ? 
_reflns_shell.Rmerge_I_all                                  ? 
_reflns_shell.Rmerge_I_obs                                  0.610 
_reflns_shell.pdbx_Rsym_value                               ? 
_reflns_shell.pdbx_percent_possible_ellipsoidal             ? 
_reflns_shell.pdbx_percent_possible_spherical               ? 
_reflns_shell.pdbx_percent_possible_ellipsoidal_anomalous   ? 
_reflns_shell.pdbx_percent_possible_spherical_anomalous     ? 
_reflns_shell.pdbx_redundancy_anomalous                     ? 
_reflns_shell.pdbx_CC_half_anomalous                        ? 
_reflns_shell.pdbx_absDiff_over_sigma_anomalous             ? 
_reflns_shell.pdbx_percent_possible_anomalous               ? 
# 
_refine.aniso_B[1][1]                            0.03 
_refine.aniso_B[1][2]                            0.00 
_refine.aniso_B[1][3]                            -0.00 
_refine.aniso_B[2][2]                            -0.03 
_refine.aniso_B[2][3]                            0.00 
_refine.aniso_B[3][3]                            0.00 
_refine.B_iso_max                                ? 
_refine.B_iso_mean                               24.735 
_refine.B_iso_min                                ? 
_refine.correlation_coeff_Fo_to_Fc               0.958 
_refine.correlation_coeff_Fo_to_Fc_free          0.949 
_refine.details                                  'HYDROGENS HAVE BEEN ADDED IN THE RIDING POSITIONS' 
_refine.diff_density_max                         ? 
_refine.diff_density_max_esd                     ? 
_refine.diff_density_min                         ? 
_refine.diff_density_min_esd                     ? 
_refine.diff_density_rms                         ? 
_refine.diff_density_rms_esd                     ? 
_refine.entry_id                                 8QFZ 
_refine.pdbx_refine_id                           'X-RAY DIFFRACTION' 
_refine.ls_abs_structure_details                 ? 
_refine.ls_abs_structure_Flack                   ? 
_refine.ls_abs_structure_Flack_esd               ? 
_refine.ls_abs_structure_Rogers                  ? 
_refine.ls_abs_structure_Rogers_esd              ? 
_refine.ls_d_res_high                            1.65 
_refine.ls_d_res_low                             40.97 
_refine.ls_extinction_coef                       ? 
_refine.ls_extinction_coef_esd                   ? 
_refine.ls_extinction_expression                 ? 
_refine.ls_extinction_method                     ? 
_refine.ls_goodness_of_fit_all                   ? 
_refine.ls_goodness_of_fit_all_esd               ? 
_refine.ls_goodness_of_fit_obs                   ? 
_refine.ls_goodness_of_fit_obs_esd               ? 
_refine.ls_hydrogen_treatment                    ? 
_refine.ls_matrix_type                           ? 
_refine.ls_number_constraints                    ? 
_refine.ls_number_parameters                     ? 
_refine.ls_number_reflns_all                     ? 
_refine.ls_number_reflns_obs                     18527 
_refine.ls_number_reflns_R_free                  986 
_refine.ls_number_reflns_R_work                  ? 
_refine.ls_number_restraints                     ? 
_refine.ls_percent_reflns_obs                    99.08 
_refine.ls_percent_reflns_R_free                 5.1 
_refine.ls_R_factor_all                          ? 
_refine.ls_R_factor_obs                          0.18747 
_refine.ls_R_factor_R_free                       0.20975 
_refine.ls_R_factor_R_free_error                 ? 
_refine.ls_R_factor_R_free_error_details         ? 
_refine.ls_R_factor_R_work                       0.18622 
_refine.ls_R_Fsqd_factor_obs                     ? 
_refine.ls_R_I_factor_obs                        ? 
_refine.ls_redundancy_reflns_all                 ? 
_refine.ls_redundancy_reflns_obs                 ? 
_refine.ls_restrained_S_all                      ? 
_refine.ls_restrained_S_obs                      ? 
_refine.ls_shift_over_esd_max                    ? 
_refine.ls_shift_over_esd_mean                   ? 
_refine.ls_structure_factor_coef                 ? 
_refine.ls_weighting_details                     ? 
_refine.ls_weighting_scheme                      ? 
_refine.ls_wR_factor_all                         ? 
_refine.ls_wR_factor_obs                         ? 
_refine.ls_wR_factor_R_free                      ? 
_refine.ls_wR_factor_R_work                      ? 
_refine.occupancy_max                            ? 
_refine.occupancy_min                            ? 
_refine.solvent_model_details                    'BABINET MODEL WITH MASK' 
_refine.solvent_model_param_bsol                 ? 
_refine.solvent_model_param_ksol                 ? 
_refine.pdbx_R_complete                          ? 
_refine.ls_R_factor_gt                           ? 
_refine.ls_goodness_of_fit_gt                    ? 
_refine.ls_goodness_of_fit_ref                   ? 
_refine.ls_shift_over_su_max                     ? 
_refine.ls_shift_over_su_max_lt                  ? 
_refine.ls_shift_over_su_mean                    ? 
_refine.ls_shift_over_su_mean_lt                 ? 
_refine.pdbx_ls_sigma_I                          ? 
_refine.pdbx_ls_sigma_F                          ? 
_refine.pdbx_ls_sigma_Fsqd                       ? 
_refine.pdbx_data_cutoff_high_absF               ? 
_refine.pdbx_data_cutoff_high_rms_absF           ? 
_refine.pdbx_data_cutoff_low_absF                ? 
_refine.pdbx_isotropic_thermal_model             ? 
_refine.pdbx_ls_cross_valid_method               THROUGHOUT 
_refine.pdbx_method_to_determine_struct          'MOLECULAR REPLACEMENT' 
_refine.pdbx_starting_model                      ? 
_refine.pdbx_stereochemistry_target_values       'MAXIMUM LIKELIHOOD' 
_refine.pdbx_R_Free_selection_details            RANDOM 
_refine.pdbx_stereochem_target_val_spec_case     ? 
_refine.pdbx_overall_ESU_R                       0.087 
_refine.pdbx_overall_ESU_R_Free                  0.086 
_refine.pdbx_solvent_vdw_probe_radii             1.20 
_refine.pdbx_solvent_ion_probe_radii             0.80 
_refine.pdbx_solvent_shrinkage_radii             0.80 
_refine.pdbx_real_space_R                        ? 
_refine.pdbx_density_correlation                 ? 
_refine.pdbx_pd_number_of_powder_patterns        ? 
_refine.pdbx_pd_number_of_points                 ? 
_refine.pdbx_pd_meas_number_of_points            ? 
_refine.pdbx_pd_proc_ls_prof_R_factor            ? 
_refine.pdbx_pd_proc_ls_prof_wR_factor           ? 
_refine.pdbx_pd_Marquardt_correlation_coeff      ? 
_refine.pdbx_pd_Fsqrd_R_factor                   ? 
_refine.pdbx_pd_ls_matrix_band_width             ? 
_refine.pdbx_overall_phase_error                 ? 
_refine.pdbx_overall_SU_R_free_Cruickshank_DPI   ? 
_refine.pdbx_overall_SU_R_free_Blow_DPI          ? 
_refine.pdbx_overall_SU_R_Blow_DPI               ? 
_refine.pdbx_TLS_residual_ADP_flag               ? 
_refine.pdbx_diffrn_id                           1 
_refine.overall_SU_B                             1.712 
_refine.overall_SU_ML                            0.058 
_refine.overall_SU_R_Cruickshank_DPI             ? 
_refine.overall_SU_R_free                        ? 
_refine.overall_FOM_free_R_set                   ? 
_refine.overall_FOM_work_R_set                   ? 
_refine.pdbx_average_fsc_overall                 ? 
_refine.pdbx_average_fsc_work                    ? 
_refine.pdbx_average_fsc_free                    ? 
# 
_refine_hist.pdbx_refine_id                   'X-RAY DIFFRACTION' 
_refine_hist.cycle_id                         LAST 
_refine_hist.details                          ? 
_refine_hist.d_res_high                       1.65 
_refine_hist.d_res_low                        40.97 
_refine_hist.number_atoms_solvent             74 
_refine_hist.number_atoms_total               1097 
_refine_hist.number_reflns_all                ? 
_refine_hist.number_reflns_obs                ? 
_refine_hist.number_reflns_R_free             ? 
_refine_hist.number_reflns_R_work             ? 
_refine_hist.R_factor_all                     ? 
_refine_hist.R_factor_obs                     ? 
_refine_hist.R_factor_R_free                  ? 
_refine_hist.R_factor_R_work                  ? 
_refine_hist.pdbx_number_residues_total       ? 
_refine_hist.pdbx_B_iso_mean_ligand           ? 
_refine_hist.pdbx_B_iso_mean_solvent          ? 
_refine_hist.pdbx_number_atoms_protein        1005 
_refine_hist.pdbx_number_atoms_nucleic_acid   0 
_refine_hist.pdbx_number_atoms_ligand         18 
_refine_hist.pdbx_number_atoms_lipid          ? 
_refine_hist.pdbx_number_atoms_carb           ? 
_refine_hist.pdbx_pseudo_atom_details         ? 
# 
loop_
_refine_ls_restr.pdbx_refine_id 
_refine_ls_restr.criterion 
_refine_ls_restr.dev_ideal 
_refine_ls_restr.dev_ideal_target 
_refine_ls_restr.number 
_refine_ls_restr.rejects 
_refine_ls_restr.type 
_refine_ls_restr.weight 
_refine_ls_restr.pdbx_restraint_function 
'X-RAY DIFFRACTION' ? 0.024  0.020  1051 ? r_bond_refined_d             ? ? 
'X-RAY DIFFRACTION' ? 0.002  0.020  949  ? r_bond_other_d               ? ? 
'X-RAY DIFFRACTION' ? 2.102  1.945  1418 ? r_angle_refined_deg          ? ? 
'X-RAY DIFFRACTION' ? 1.096  3.003  2179 ? r_angle_other_deg            ? ? 
'X-RAY DIFFRACTION' ? 6.170  5.000  124  ? r_dihedral_angle_1_deg       ? ? 
'X-RAY DIFFRACTION' ? 32.143 24.000 45   ? r_dihedral_angle_2_deg       ? ? 
'X-RAY DIFFRACTION' ? 13.429 15.000 175  ? r_dihedral_angle_3_deg       ? ? 
'X-RAY DIFFRACTION' ? 8.587  15.000 5    ? r_dihedral_angle_4_deg       ? ? 
'X-RAY DIFFRACTION' ? 0.127  0.200  154  ? r_chiral_restr               ? ? 
'X-RAY DIFFRACTION' ? 0.013  0.020  1168 ? r_gen_planes_refined         ? ? 
'X-RAY DIFFRACTION' ? 0.002  0.020  251  ? r_gen_planes_other           ? ? 
'X-RAY DIFFRACTION' ? ?      ?      ?    ? r_nbd_refined                ? ? 
'X-RAY DIFFRACTION' ? ?      ?      ?    ? r_nbd_other                  ? ? 
'X-RAY DIFFRACTION' ? ?      ?      ?    ? r_nbtor_refined              ? ? 
'X-RAY DIFFRACTION' ? ?      ?      ?    ? r_nbtor_other                ? ? 
'X-RAY DIFFRACTION' ? ?      ?      ?    ? r_xyhbond_nbd_refined        ? ? 
'X-RAY DIFFRACTION' ? ?      ?      ?    ? r_xyhbond_nbd_other          ? ? 
'X-RAY DIFFRACTION' ? ?      ?      ?    ? r_metal_ion_refined          ? ? 
'X-RAY DIFFRACTION' ? ?      ?      ?    ? r_metal_ion_other            ? ? 
'X-RAY DIFFRACTION' ? ?      ?      ?    ? r_symmetry_vdw_refined       ? ? 
'X-RAY DIFFRACTION' ? ?      ?      ?    ? r_symmetry_vdw_other         ? ? 
'X-RAY DIFFRACTION' ? ?      ?      ?    ? r_symmetry_hbond_refined     ? ? 
'X-RAY DIFFRACTION' ? ?      ?      ?    ? r_symmetry_hbond_other       ? ? 
'X-RAY DIFFRACTION' ? ?      ?      ?    ? r_symmetry_metal_ion_refined ? ? 
'X-RAY DIFFRACTION' ? ?      ?      ?    ? r_symmetry_metal_ion_other   ? ? 
'X-RAY DIFFRACTION' ? 2.874  2.258  505  ? r_mcbond_it                  ? ? 
'X-RAY DIFFRACTION' ? 2.820  2.257  504  ? r_mcbond_other               ? ? 
'X-RAY DIFFRACTION' ? 4.163  3.359  626  ? r_mcangle_it                 ? ? 
'X-RAY DIFFRACTION' ? 4.159  3.360  627  ? r_mcangle_other              ? ? 
'X-RAY DIFFRACTION' ? 3.775  2.524  546  ? r_scbond_it                  ? ? 
'X-RAY DIFFRACTION' ? 3.748  2.542  528  ? r_scbond_other               ? ? 
'X-RAY DIFFRACTION' ? ?      ?      ?    ? r_scangle_it                 ? ? 
'X-RAY DIFFRACTION' ? 5.651  3.683  769  ? r_scangle_other              ? ? 
'X-RAY DIFFRACTION' ? 6.443  18.209 1253 ? r_long_range_B_refined       ? ? 
'X-RAY DIFFRACTION' ? 6.480  18.014 1219 ? r_long_range_B_other         ? ? 
'X-RAY DIFFRACTION' ? ?      ?      ?    ? r_rigid_bond_restr           ? ? 
'X-RAY DIFFRACTION' ? ?      ?      ?    ? r_sphericity_free            ? ? 
'X-RAY DIFFRACTION' ? ?      ?      ?    ? r_sphericity_bonded          ? ? 
# 
_refine_ls_shell.pdbx_refine_id                   'X-RAY DIFFRACTION' 
_refine_ls_shell.d_res_high                       1.650 
_refine_ls_shell.d_res_low                        1.693 
_refine_ls_shell.number_reflns_all                ? 
_refine_ls_shell.number_reflns_obs                ? 
_refine_ls_shell.number_reflns_R_free             66 
_refine_ls_shell.number_reflns_R_work             1231 
_refine_ls_shell.percent_reflns_obs               91.34 
_refine_ls_shell.percent_reflns_R_free            ? 
_refine_ls_shell.R_factor_all                     ? 
_refine_ls_shell.R_factor_obs                     ? 
_refine_ls_shell.R_factor_R_free_error            ? 
_refine_ls_shell.R_factor_R_work                  0.235 
_refine_ls_shell.redundancy_reflns_all            ? 
_refine_ls_shell.redundancy_reflns_obs            ? 
_refine_ls_shell.wR_factor_all                    ? 
_refine_ls_shell.wR_factor_obs                    ? 
_refine_ls_shell.wR_factor_R_free                 ? 
_refine_ls_shell.wR_factor_R_work                 ? 
_refine_ls_shell.pdbx_R_complete                  ? 
_refine_ls_shell.pdbx_total_number_of_bins_used   20 
_refine_ls_shell.pdbx_phase_error                 ? 
_refine_ls_shell.pdbx_fsc_work                    ? 
_refine_ls_shell.pdbx_fsc_free                    ? 
_refine_ls_shell.R_factor_R_free                  0.295 
# 
_struct.entry_id                     8QFZ 
_struct.title                        'TSLP-Bicycle complex' 
_struct.pdbx_model_details           ? 
_struct.pdbx_formula_weight          ? 
_struct.pdbx_formula_weight_method   ? 
_struct.pdbx_model_type_details      ? 
_struct.pdbx_CASP_flag               N 
# 
_struct_keywords.entry_id        8QFZ 
_struct_keywords.text            'Inhibitor, complex, HORMONE' 
_struct_keywords.pdbx_keywords   HORMONE 
# 
loop_
_struct_asym.id 
_struct_asym.pdbx_blank_PDB_chainid_flag 
_struct_asym.pdbx_modified 
_struct_asym.entity_id 
_struct_asym.details 
A N N 1 ? 
B N N 2 ? 
C N N 3 ? 
D N N 4 ? 
E N N 4 ? 
# 
loop_
_struct_ref.id 
_struct_ref.db_name 
_struct_ref.db_code 
_struct_ref.pdbx_db_accession 
_struct_ref.pdbx_db_isoform 
_struct_ref.entity_id 
_struct_ref.pdbx_seq_one_letter_code 
_struct_ref.pdbx_align_begin 
1 UNP TSLP_HUMAN Q969D9 ? 1 
;YDFTNCDFEKIKAAYLSTISKDLITYMSGTKSTEFNNTVSCSNRPHCLTEIQSLTFNPTAGCASLAKEMFAMKTKAALAI
WCPGYSETQINATQAMKKRRKRKVTTNKCLEQVSQLQGLWRRFNRPL
;
29 
2 PDB 8QFZ       8QFZ   ? 2 ? 1  
# 
loop_
_struct_ref_seq.align_id 
_struct_ref_seq.ref_id 
_struct_ref_seq.pdbx_PDB_id_code 
_struct_ref_seq.pdbx_strand_id 
_struct_ref_seq.seq_align_beg 
_struct_ref_seq.pdbx_seq_align_beg_ins_code 
_struct_ref_seq.seq_align_end 
_struct_ref_seq.pdbx_seq_align_end_ins_code 
_struct_ref_seq.pdbx_db_accession 
_struct_ref_seq.db_align_beg 
_struct_ref_seq.pdbx_db_align_beg_ins_code 
_struct_ref_seq.db_align_end 
_struct_ref_seq.pdbx_db_align_end_ins_code 
_struct_ref_seq.pdbx_auth_seq_align_beg 
_struct_ref_seq.pdbx_auth_seq_align_end 
1 1 8QFZ A 2 ? 128 ? Q969D9 29 ? 155 ? 29 155 
2 2 8QFZ B 1 ? 12  ? 8QFZ   11 ? 22  ? 11 22  
# 
_struct_ref_seq_dif.align_id                     1 
_struct_ref_seq_dif.pdbx_pdb_id_code             8QFZ 
_struct_ref_seq_dif.mon_id                       MET 
_struct_ref_seq_dif.pdbx_pdb_strand_id           A 
_struct_ref_seq_dif.seq_num                      1 
_struct_ref_seq_dif.pdbx_pdb_ins_code            ? 
_struct_ref_seq_dif.pdbx_seq_db_name             UNP 
_struct_ref_seq_dif.pdbx_seq_db_accession_code   Q969D9 
_struct_ref_seq_dif.db_mon_id                    ? 
_struct_ref_seq_dif.pdbx_seq_db_seq_num          ? 
_struct_ref_seq_dif.details                      'initiating methionine' 
_struct_ref_seq_dif.pdbx_auth_seq_num            28 
_struct_ref_seq_dif.pdbx_ordinal                 1 
# 
_pdbx_struct_assembly.id                   1 
_pdbx_struct_assembly.details              author_and_software_defined_assembly 
_pdbx_struct_assembly.method_details       PISA 
_pdbx_struct_assembly.oligomeric_details   dimeric 
_pdbx_struct_assembly.oligomeric_count     2 
# 
loop_
_pdbx_struct_assembly_prop.biol_id 
_pdbx_struct_assembly_prop.type 
_pdbx_struct_assembly_prop.value 
_pdbx_struct_assembly_prop.details 
1 'ABSA (A^2)' 1010 ? 
1 MORE         -11  ? 
1 'SSA (A^2)'  7290 ? 
# 
_pdbx_struct_assembly_gen.assembly_id       1 
_pdbx_struct_assembly_gen.oper_expression   1 
_pdbx_struct_assembly_gen.asym_id_list      A,B,C,D,E 
# 
_pdbx_struct_assembly_auth_evidence.id                     1 
_pdbx_struct_assembly_auth_evidence.assembly_id            1 
_pdbx_struct_assembly_auth_evidence.experimental_support   none 
_pdbx_struct_assembly_auth_evidence.details                ? 
# 
_pdbx_struct_oper_list.id                   1 
_pdbx_struct_oper_list.type                 'identity operation' 
_pdbx_struct_oper_list.name                 1_555 
_pdbx_struct_oper_list.symmetry_operation   x,y,z 
_pdbx_struct_oper_list.matrix[1][1]         1.0000000000 
_pdbx_struct_oper_list.matrix[1][2]         0.0000000000 
_pdbx_struct_oper_list.matrix[1][3]         0.0000000000 
_pdbx_struct_oper_list.vector[1]            0.0000000000 
_pdbx_struct_oper_list.matrix[2][1]         0.0000000000 
_pdbx_struct_oper_list.matrix[2][2]         1.0000000000 
_pdbx_struct_oper_list.matrix[2][3]         0.0000000000 
_pdbx_struct_oper_list.vector[2]            0.0000000000 
_pdbx_struct_oper_list.matrix[3][1]         0.0000000000 
_pdbx_struct_oper_list.matrix[3][2]         0.0000000000 
_pdbx_struct_oper_list.matrix[3][3]         1.0000000000 
_pdbx_struct_oper_list.vector[3]            0.0000000000 
# 
loop_
_struct_conf.conf_type_id 
_struct_conf.id 
_struct_conf.pdbx_PDB_helix_id 
_struct_conf.beg_label_comp_id 
_struct_conf.beg_label_asym_id 
_struct_conf.beg_label_seq_id 
_struct_conf.pdbx_beg_PDB_ins_code 
_struct_conf.end_label_comp_id 
_struct_conf.end_label_asym_id 
_struct_conf.end_label_seq_id 
_struct_conf.pdbx_end_PDB_ins_code 
_struct_conf.beg_auth_comp_id 
_struct_conf.beg_auth_asym_id 
_struct_conf.beg_auth_seq_id 
_struct_conf.end_auth_comp_id 
_struct_conf.end_auth_asym_id 
_struct_conf.end_auth_seq_id 
_struct_conf.pdbx_PDB_helix_class 
_struct_conf.details 
_struct_conf.pdbx_PDB_helix_length 
HELX_P HELX_P1 AA1 ASP A 3   ? CYS A 7   ? ASP A 30  CYS A 34  5 ? 5  
HELX_P HELX_P2 AA2 ASP A 8   ? SER A 29  ? ASP A 35  SER A 56  1 ? 22 
HELX_P HELX_P3 AA3 LYS A 32  ? PHE A 36  ? LYS A 59  PHE A 63  5 ? 5  
HELX_P HELX_P4 AA4 ASN A 44  ? ASN A 58  ? ASN A 71  ASN A 85  1 ? 15 
HELX_P HELX_P5 AA5 GLU A 69  ? CYS A 83  ? GLU A 96  CYS A 110 1 ? 15 
HELX_P HELX_P6 AA6 GLY A 85  ? GLN A 90  ? GLY A 112 GLN A 117 1 ? 6  
HELX_P HELX_P7 AA7 LYS A 109 ? ASN A 125 ? LYS A 136 ASN A 152 1 ? 17 
# 
_struct_conf_type.id          HELX_P 
_struct_conf_type.criteria    ? 
_struct_conf_type.reference   ? 
# 
loop_
_struct_conn.id 
_struct_conn.conn_type_id 
_struct_conn.pdbx_leaving_atom_flag 
_struct_conn.pdbx_PDB_id 
_struct_conn.ptnr1_label_asym_id 
_struct_conn.ptnr1_label_comp_id 
_struct_conn.ptnr1_label_seq_id 
_struct_conn.ptnr1_label_atom_id 
_struct_conn.pdbx_ptnr1_label_alt_id 
_struct_conn.pdbx_ptnr1_PDB_ins_code 
_struct_conn.pdbx_ptnr1_standard_comp_id 
_struct_conn.ptnr1_symmetry 
_struct_conn.ptnr2_label_asym_id 
_struct_conn.ptnr2_label_comp_id 
_struct_conn.ptnr2_label_seq_id 
_struct_conn.ptnr2_label_atom_id 
_struct_conn.pdbx_ptnr2_label_alt_id 
_struct_conn.pdbx_ptnr2_PDB_ins_code 
_struct_conn.ptnr1_auth_asym_id 
_struct_conn.ptnr1_auth_comp_id 
_struct_conn.ptnr1_auth_seq_id 
_struct_conn.ptnr2_auth_asym_id 
_struct_conn.ptnr2_auth_comp_id 
_struct_conn.ptnr2_auth_seq_id 
_struct_conn.ptnr2_symmetry 
_struct_conn.pdbx_ptnr3_label_atom_id 
_struct_conn.pdbx_ptnr3_label_seq_id 
_struct_conn.pdbx_ptnr3_label_comp_id 
_struct_conn.pdbx_ptnr3_label_asym_id 
_struct_conn.pdbx_ptnr3_label_alt_id 
_struct_conn.pdbx_ptnr3_PDB_ins_code 
_struct_conn.details 
_struct_conn.pdbx_dist_value 
_struct_conn.pdbx_value_order 
_struct_conn.pdbx_role 
disulf1 disulf ?   ? A CYS 7  SG ? ? ? 1_555 A CYS 83  SG  ? ? A CYS 34 A CYS 110 1_555 ? ? ? ? ? ? ? 2.190 ? ? 
disulf2 disulf ?   ? A CYS 42 SG ? ? ? 1_555 A CYS 48  SG  ? ? A CYS 69 A CYS 75  1_555 ? ? ? ? ? ? ? 2.122 ? ? 
disulf3 disulf ?   ? A CYS 63 SG ? ? ? 1_555 A CYS 110 SG  ? ? A CYS 90 A CYS 137 1_555 ? ? ? ? ? ? ? 2.197 ? ? 
covale1 covale one ? B CYS 1  SG ? ? ? 1_555 C LFI .   C12 ? ? B CYS 11 B LFI 101 1_555 ? ? ? ? ? ? ? 1.715 ? ? 
covale2 covale one ? B CYS 7  SG ? ? ? 1_555 C LFI .   C10 ? ? B CYS 17 B LFI 101 1_555 ? ? ? ? ? ? ? 1.723 ? ? 
covale3 covale one ? B CYS 12 SG ? ? ? 1_555 C LFI .   C11 ? ? B CYS 22 B LFI 101 1_555 ? ? ? ? ? ? ? 1.777 ? ? 
# 
loop_
_struct_conn_type.id 
_struct_conn_type.criteria 
_struct_conn_type.reference 
disulf ? ? 
covale ? ? 
# 
loop_
_pdbx_modification_feature.ordinal 
_pdbx_modification_feature.label_comp_id 
_pdbx_modification_feature.label_asym_id 
_pdbx_modification_feature.label_seq_id 
_pdbx_modification_feature.label_alt_id 
_pdbx_modification_feature.modified_residue_label_comp_id 
_pdbx_modification_feature.modified_residue_label_asym_id 
_pdbx_modification_feature.modified_residue_label_seq_id 
_pdbx_modification_feature.modified_residue_label_alt_id 
_pdbx_modification_feature.auth_comp_id 
_pdbx_modification_feature.auth_asym_id 
_pdbx_modification_feature.auth_seq_id 
_pdbx_modification_feature.PDB_ins_code 
_pdbx_modification_feature.symmetry 
_pdbx_modification_feature.modified_residue_auth_comp_id 
_pdbx_modification_feature.modified_residue_auth_asym_id 
_pdbx_modification_feature.modified_residue_auth_seq_id 
_pdbx_modification_feature.modified_residue_PDB_ins_code 
_pdbx_modification_feature.modified_residue_symmetry 
_pdbx_modification_feature.comp_id_linking_atom 
_pdbx_modification_feature.modified_residue_id_linking_atom 
_pdbx_modification_feature.modified_residue_id 
_pdbx_modification_feature.ref_pcm_id 
_pdbx_modification_feature.ref_comp_id 
_pdbx_modification_feature.type 
_pdbx_modification_feature.category 
1 LFI C .  ? CYS B 7   ? LFI B 101 ? 1_555 CYS B 17  ? 1_555 C10 SG CYS 1 LFI None Crosslinker        
2 LFI C .  ? CYS B 12  ? LFI B 101 ? 1_555 CYS B 22  ? 1_555 C11 SG CYS 2 LFI None Crosslinker        
3 LFI C .  ? CYS B 1   ? LFI B 101 ? 1_555 CYS B 11  ? 1_555 C12 SG CYS 3 LFI None Crosslinker        
4 CYS A 7  ? CYS A 83  ? CYS A 34  ? 1_555 CYS A 110 ? 1_555 SG  SG .   . .   None 'Disulfide bridge' 
5 CYS A 42 ? CYS A 48  ? CYS A 69  ? 1_555 CYS A 75  ? 1_555 SG  SG .   . .   None 'Disulfide bridge' 
6 CYS A 63 ? CYS A 110 ? CYS A 90  ? 1_555 CYS A 137 ? 1_555 SG  SG .   . .   None 'Disulfide bridge' 
# 
_pdbx_entry_details.entry_id                   8QFZ 
_pdbx_entry_details.has_ligand_of_interest     Y 
_pdbx_entry_details.compound_details           ? 
_pdbx_entry_details.source_details             ? 
_pdbx_entry_details.nonpolymer_details         ? 
_pdbx_entry_details.sequence_details           ? 
_pdbx_entry_details.has_protein_modification   Y 
# 
_pdbx_validate_torsion.id              1 
_pdbx_validate_torsion.PDB_model_num   1 
_pdbx_validate_torsion.auth_comp_id    THR 
_pdbx_validate_torsion.auth_asym_id    A 
_pdbx_validate_torsion.auth_seq_id     46 
_pdbx_validate_torsion.PDB_ins_code    ? 
_pdbx_validate_torsion.label_alt_id    ? 
_pdbx_validate_torsion.phi             -150.91 
_pdbx_validate_torsion.psi             -25.70 
# 
loop_
_pdbx_unobs_or_zero_occ_residues.id 
_pdbx_unobs_or_zero_occ_residues.PDB_model_num 
_pdbx_unobs_or_zero_occ_residues.polymer_flag 
_pdbx_unobs_or_zero_occ_residues.occupancy_flag 
_pdbx_unobs_or_zero_occ_residues.auth_asym_id 
_pdbx_unobs_or_zero_occ_residues.auth_comp_id 
_pdbx_unobs_or_zero_occ_residues.auth_seq_id 
_pdbx_unobs_or_zero_occ_residues.PDB_ins_code 
_pdbx_unobs_or_zero_occ_residues.label_asym_id 
_pdbx_unobs_or_zero_occ_residues.label_comp_id 
_pdbx_unobs_or_zero_occ_residues.label_seq_id 
1  1 Y 1 A ALA 120 ? A ALA 93  
2  1 Y 1 A THR 121 ? A THR 94  
3  1 Y 1 A GLN 122 ? A GLN 95  
4  1 Y 1 A ALA 123 ? A ALA 96  
5  1 Y 1 A MET 124 ? A MET 97  
6  1 Y 1 A LYS 125 ? A LYS 98  
7  1 Y 1 A LYS 126 ? A LYS 99  
8  1 Y 1 A ARG 127 ? A ARG 100 
9  1 Y 1 A ARG 128 ? A ARG 101 
10 1 Y 1 A LYS 129 ? A LYS 102 
11 1 Y 1 A ARG 130 ? A ARG 103 
12 1 Y 1 A LYS 131 ? A LYS 104 
13 1 Y 1 A VAL 132 ? A VAL 105 
# 
loop_
_chem_comp_atom.comp_id 
_chem_comp_atom.atom_id 
_chem_comp_atom.type_symbol 
_chem_comp_atom.pdbx_aromatic_flag 
_chem_comp_atom.pdbx_stereo_config 
_chem_comp_atom.pdbx_ordinal 
ALA N    N  N N 1   
ALA CA   C  N S 2   
ALA C    C  N N 3   
ALA O    O  N N 4   
ALA CB   C  N N 5   
ALA OXT  O  N N 6   
ALA H    H  N N 7   
ALA H2   H  N N 8   
ALA HA   H  N N 9   
ALA HB1  H  N N 10  
ALA HB2  H  N N 11  
ALA HB3  H  N N 12  
ALA HXT  H  N N 13  
ARG N    N  N N 14  
ARG CA   C  N S 15  
ARG C    C  N N 16  
ARG O    O  N N 17  
ARG CB   C  N N 18  
ARG CG   C  N N 19  
ARG CD   C  N N 20  
ARG NE   N  N N 21  
ARG CZ   C  N N 22  
ARG NH1  N  N N 23  
ARG NH2  N  N N 24  
ARG OXT  O  N N 25  
ARG H    H  N N 26  
ARG H2   H  N N 27  
ARG HA   H  N N 28  
ARG HB2  H  N N 29  
ARG HB3  H  N N 30  
ARG HG2  H  N N 31  
ARG HG3  H  N N 32  
ARG HD2  H  N N 33  
ARG HD3  H  N N 34  
ARG HE   H  N N 35  
ARG HH11 H  N N 36  
ARG HH12 H  N N 37  
ARG HH21 H  N N 38  
ARG HH22 H  N N 39  
ARG HXT  H  N N 40  
ASN N    N  N N 41  
ASN CA   C  N S 42  
ASN C    C  N N 43  
ASN O    O  N N 44  
ASN CB   C  N N 45  
ASN CG   C  N N 46  
ASN OD1  O  N N 47  
ASN ND2  N  N N 48  
ASN OXT  O  N N 49  
ASN H    H  N N 50  
ASN H2   H  N N 51  
ASN HA   H  N N 52  
ASN HB2  H  N N 53  
ASN HB3  H  N N 54  
ASN HD21 H  N N 55  
ASN HD22 H  N N 56  
ASN HXT  H  N N 57  
ASP N    N  N N 58  
ASP CA   C  N S 59  
ASP C    C  N N 60  
ASP O    O  N N 61  
ASP CB   C  N N 62  
ASP CG   C  N N 63  
ASP OD1  O  N N 64  
ASP OD2  O  N N 65  
ASP OXT  O  N N 66  
ASP H    H  N N 67  
ASP H2   H  N N 68  
ASP HA   H  N N 69  
ASP HB2  H  N N 70  
ASP HB3  H  N N 71  
ASP HD2  H  N N 72  
ASP HXT  H  N N 73  
CYS N    N  N N 74  
CYS CA   C  N R 75  
CYS C    C  N N 76  
CYS O    O  N N 77  
CYS CB   C  N N 78  
CYS SG   S  N N 79  
CYS OXT  O  N N 80  
CYS H    H  N N 81  
CYS H2   H  N N 82  
CYS HA   H  N N 83  
CYS HB2  H  N N 84  
CYS HB3  H  N N 85  
CYS HG   H  N N 86  
CYS HXT  H  N N 87  
GLN N    N  N N 88  
GLN CA   C  N S 89  
GLN C    C  N N 90  
GLN O    O  N N 91  
GLN CB   C  N N 92  
GLN CG   C  N N 93  
GLN CD   C  N N 94  
GLN OE1  O  N N 95  
GLN NE2  N  N N 96  
GLN OXT  O  N N 97  
GLN H    H  N N 98  
GLN H2   H  N N 99  
GLN HA   H  N N 100 
GLN HB2  H  N N 101 
GLN HB3  H  N N 102 
GLN HG2  H  N N 103 
GLN HG3  H  N N 104 
GLN HE21 H  N N 105 
GLN HE22 H  N N 106 
GLN HXT  H  N N 107 
GLU N    N  N N 108 
GLU CA   C  N S 109 
GLU C    C  N N 110 
GLU O    O  N N 111 
GLU CB   C  N N 112 
GLU CG   C  N N 113 
GLU CD   C  N N 114 
GLU OE1  O  N N 115 
GLU OE2  O  N N 116 
GLU OXT  O  N N 117 
GLU H    H  N N 118 
GLU H2   H  N N 119 
GLU HA   H  N N 120 
GLU HB2  H  N N 121 
GLU HB3  H  N N 122 
GLU HG2  H  N N 123 
GLU HG3  H  N N 124 
GLU HE2  H  N N 125 
GLU HXT  H  N N 126 
GLY N    N  N N 127 
GLY CA   C  N N 128 
GLY C    C  N N 129 
GLY O    O  N N 130 
GLY OXT  O  N N 131 
GLY H    H  N N 132 
GLY H2   H  N N 133 
GLY HA2  H  N N 134 
GLY HA3  H  N N 135 
GLY HXT  H  N N 136 
HIS N    N  N N 137 
HIS CA   C  N S 138 
HIS C    C  N N 139 
HIS O    O  N N 140 
HIS CB   C  N N 141 
HIS CG   C  Y N 142 
HIS ND1  N  Y N 143 
HIS CD2  C  Y N 144 
HIS CE1  C  Y N 145 
HIS NE2  N  Y N 146 
HIS OXT  O  N N 147 
HIS H    H  N N 148 
HIS H2   H  N N 149 
HIS HA   H  N N 150 
HIS HB2  H  N N 151 
HIS HB3  H  N N 152 
HIS HD1  H  N N 153 
HIS HD2  H  N N 154 
HIS HE1  H  N N 155 
HIS HE2  H  N N 156 
HIS HXT  H  N N 157 
HOH O    O  N N 158 
HOH H1   H  N N 159 
HOH H2   H  N N 160 
ILE N    N  N N 161 
ILE CA   C  N S 162 
ILE C    C  N N 163 
ILE O    O  N N 164 
ILE CB   C  N S 165 
ILE CG1  C  N N 166 
ILE CG2  C  N N 167 
ILE CD1  C  N N 168 
ILE OXT  O  N N 169 
ILE H    H  N N 170 
ILE H2   H  N N 171 
ILE HA   H  N N 172 
ILE HB   H  N N 173 
ILE HG12 H  N N 174 
ILE HG13 H  N N 175 
ILE HG21 H  N N 176 
ILE HG22 H  N N 177 
ILE HG23 H  N N 178 
ILE HD11 H  N N 179 
ILE HD12 H  N N 180 
ILE HD13 H  N N 181 
ILE HXT  H  N N 182 
LEU N    N  N N 183 
LEU CA   C  N S 184 
LEU C    C  N N 185 
LEU O    O  N N 186 
LEU CB   C  N N 187 
LEU CG   C  N N 188 
LEU CD1  C  N N 189 
LEU CD2  C  N N 190 
LEU OXT  O  N N 191 
LEU H    H  N N 192 
LEU H2   H  N N 193 
LEU HA   H  N N 194 
LEU HB2  H  N N 195 
LEU HB3  H  N N 196 
LEU HG   H  N N 197 
LEU HD11 H  N N 198 
LEU HD12 H  N N 199 
LEU HD13 H  N N 200 
LEU HD21 H  N N 201 
LEU HD22 H  N N 202 
LEU HD23 H  N N 203 
LEU HXT  H  N N 204 
LFI C10  C  N N 205 
LFI C11  C  N N 206 
LFI C12  C  N N 207 
LFI C1   C  N N 208 
LFI C2   C  N N 209 
LFI C3   C  N N 210 
LFI C4   C  N N 211 
LFI C5   C  N N 212 
LFI C6   C  N N 213 
LFI C7   C  N N 214 
LFI C8   C  N N 215 
LFI C9   C  N N 216 
LFI N1   N  N N 217 
LFI N2   N  N N 218 
LFI N3   N  N N 219 
LFI O1   O  N N 220 
LFI O2   O  N N 221 
LFI O3   O  N N 222 
LFI H1   H  N N 223 
LFI H2   H  N N 224 
LFI H4   H  N N 225 
LFI H5   H  N N 226 
LFI H7   H  N N 227 
LFI H8   H  N N 228 
LFI H10  H  N N 229 
LFI H11  H  N N 230 
LFI H12  H  N N 231 
LFI H13  H  N N 232 
LFI H14  H  N N 233 
LFI H15  H  N N 234 
LFI H16  H  N N 235 
LFI H17  H  N N 236 
LFI H18  H  N N 237 
LFI H19  H  N N 238 
LFI H20  H  N N 239 
LFI H21  H  N N 240 
LFI BR1  BR N N 241 
LFI BR2  BR N N 242 
LFI BR3  BR N N 243 
LYS N    N  N N 244 
LYS CA   C  N S 245 
LYS C    C  N N 246 
LYS O    O  N N 247 
LYS CB   C  N N 248 
LYS CG   C  N N 249 
LYS CD   C  N N 250 
LYS CE   C  N N 251 
LYS NZ   N  N N 252 
LYS OXT  O  N N 253 
LYS H    H  N N 254 
LYS H2   H  N N 255 
LYS HA   H  N N 256 
LYS HB2  H  N N 257 
LYS HB3  H  N N 258 
LYS HG2  H  N N 259 
LYS HG3  H  N N 260 
LYS HD2  H  N N 261 
LYS HD3  H  N N 262 
LYS HE2  H  N N 263 
LYS HE3  H  N N 264 
LYS HZ1  H  N N 265 
LYS HZ2  H  N N 266 
LYS HZ3  H  N N 267 
LYS HXT  H  N N 268 
MET N    N  N N 269 
MET CA   C  N S 270 
MET C    C  N N 271 
MET O    O  N N 272 
MET CB   C  N N 273 
MET CG   C  N N 274 
MET SD   S  N N 275 
MET CE   C  N N 276 
MET OXT  O  N N 277 
MET H    H  N N 278 
MET H2   H  N N 279 
MET HA   H  N N 280 
MET HB2  H  N N 281 
MET HB3  H  N N 282 
MET HG2  H  N N 283 
MET HG3  H  N N 284 
MET HE1  H  N N 285 
MET HE2  H  N N 286 
MET HE3  H  N N 287 
MET HXT  H  N N 288 
PHE N    N  N N 289 
PHE CA   C  N S 290 
PHE C    C  N N 291 
PHE O    O  N N 292 
PHE CB   C  N N 293 
PHE CG   C  Y N 294 
PHE CD1  C  Y N 295 
PHE CD2  C  Y N 296 
PHE CE1  C  Y N 297 
PHE CE2  C  Y N 298 
PHE CZ   C  Y N 299 
PHE OXT  O  N N 300 
PHE H    H  N N 301 
PHE H2   H  N N 302 
PHE HA   H  N N 303 
PHE HB2  H  N N 304 
PHE HB3  H  N N 305 
PHE HD1  H  N N 306 
PHE HD2  H  N N 307 
PHE HE1  H  N N 308 
PHE HE2  H  N N 309 
PHE HZ   H  N N 310 
PHE HXT  H  N N 311 
PRO N    N  N N 312 
PRO CA   C  N S 313 
PRO C    C  N N 314 
PRO O    O  N N 315 
PRO CB   C  N N 316 
PRO CG   C  N N 317 
PRO CD   C  N N 318 
PRO OXT  O  N N 319 
PRO H    H  N N 320 
PRO HA   H  N N 321 
PRO HB2  H  N N 322 
PRO HB3  H  N N 323 
PRO HG2  H  N N 324 
PRO HG3  H  N N 325 
PRO HD2  H  N N 326 
PRO HD3  H  N N 327 
PRO HXT  H  N N 328 
SER N    N  N N 329 
SER CA   C  N S 330 
SER C    C  N N 331 
SER O    O  N N 332 
SER CB   C  N N 333 
SER OG   O  N N 334 
SER OXT  O  N N 335 
SER H    H  N N 336 
SER H2   H  N N 337 
SER HA   H  N N 338 
SER HB2  H  N N 339 
SER HB3  H  N N 340 
SER HG   H  N N 341 
SER HXT  H  N N 342 
THR N    N  N N 343 
THR CA   C  N S 344 
THR C    C  N N 345 
THR O    O  N N 346 
THR CB   C  N R 347 
THR OG1  O  N N 348 
THR CG2  C  N N 349 
THR OXT  O  N N 350 
THR H    H  N N 351 
THR H2   H  N N 352 
THR HA   H  N N 353 
THR HB   H  N N 354 
THR HG1  H  N N 355 
THR HG21 H  N N 356 
THR HG22 H  N N 357 
THR HG23 H  N N 358 
THR HXT  H  N N 359 
TRP N    N  N N 360 
TRP CA   C  N S 361 
TRP C    C  N N 362 
TRP O    O  N N 363 
TRP CB   C  N N 364 
TRP CG   C  Y N 365 
TRP CD1  C  Y N 366 
TRP CD2  C  Y N 367 
TRP NE1  N  Y N 368 
TRP CE2  C  Y N 369 
TRP CE3  C  Y N 370 
TRP CZ2  C  Y N 371 
TRP CZ3  C  Y N 372 
TRP CH2  C  Y N 373 
TRP OXT  O  N N 374 
TRP H    H  N N 375 
TRP H2   H  N N 376 
TRP HA   H  N N 377 
TRP HB2  H  N N 378 
TRP HB3  H  N N 379 
TRP HD1  H  N N 380 
TRP HE1  H  N N 381 
TRP HE3  H  N N 382 
TRP HZ2  H  N N 383 
TRP HZ3  H  N N 384 
TRP HH2  H  N N 385 
TRP HXT  H  N N 386 
TYR N    N  N N 387 
TYR CA   C  N S 388 
TYR C    C  N N 389 
TYR O    O  N N 390 
TYR CB   C  N N 391 
TYR CG   C  Y N 392 
TYR CD1  C  Y N 393 
TYR CD2  C  Y N 394 
TYR CE1  C  Y N 395 
TYR CE2  C  Y N 396 
TYR CZ   C  Y N 397 
TYR OH   O  N N 398 
TYR OXT  O  N N 399 
TYR H    H  N N 400 
TYR H2   H  N N 401 
TYR HA   H  N N 402 
TYR HB2  H  N N 403 
TYR HB3  H  N N 404 
TYR HD1  H  N N 405 
TYR HD2  H  N N 406 
TYR HE1  H  N N 407 
TYR HE2  H  N N 408 
TYR HH   H  N N 409 
TYR HXT  H  N N 410 
VAL N    N  N N 411 
VAL CA   C  N S 412 
VAL C    C  N N 413 
VAL O    O  N N 414 
VAL CB   C  N N 415 
VAL CG1  C  N N 416 
VAL CG2  C  N N 417 
VAL OXT  O  N N 418 
VAL H    H  N N 419 
VAL H2   H  N N 420 
VAL HA   H  N N 421 
VAL HB   H  N N 422 
VAL HG11 H  N N 423 
VAL HG12 H  N N 424 
VAL HG13 H  N N 425 
VAL HG21 H  N N 426 
VAL HG22 H  N N 427 
VAL HG23 H  N N 428 
VAL HXT  H  N N 429 
# 
loop_
_chem_comp_bond.comp_id 
_chem_comp_bond.atom_id_1 
_chem_comp_bond.atom_id_2 
_chem_comp_bond.value_order 
_chem_comp_bond.pdbx_aromatic_flag 
_chem_comp_bond.pdbx_stereo_config 
_chem_comp_bond.pdbx_ordinal 
ALA N   CA   sing N N 1   
ALA N   H    sing N N 2   
ALA N   H2   sing N N 3   
ALA CA  C    sing N N 4   
ALA CA  CB   sing N N 5   
ALA CA  HA   sing N N 6   
ALA C   O    doub N N 7   
ALA C   OXT  sing N N 8   
ALA CB  HB1  sing N N 9   
ALA CB  HB2  sing N N 10  
ALA CB  HB3  sing N N 11  
ALA OXT HXT  sing N N 12  
ARG N   CA   sing N N 13  
ARG N   H    sing N N 14  
ARG N   H2   sing N N 15  
ARG CA  C    sing N N 16  
ARG CA  CB   sing N N 17  
ARG CA  HA   sing N N 18  
ARG C   O    doub N N 19  
ARG C   OXT  sing N N 20  
ARG CB  CG   sing N N 21  
ARG CB  HB2  sing N N 22  
ARG CB  HB3  sing N N 23  
ARG CG  CD   sing N N 24  
ARG CG  HG2  sing N N 25  
ARG CG  HG3  sing N N 26  
ARG CD  NE   sing N N 27  
ARG CD  HD2  sing N N 28  
ARG CD  HD3  sing N N 29  
ARG NE  CZ   sing N N 30  
ARG NE  HE   sing N N 31  
ARG CZ  NH1  sing N N 32  
ARG CZ  NH2  doub N N 33  
ARG NH1 HH11 sing N N 34  
ARG NH1 HH12 sing N N 35  
ARG NH2 HH21 sing N N 36  
ARG NH2 HH22 sing N N 37  
ARG OXT HXT  sing N N 38  
ASN N   CA   sing N N 39  
ASN N   H    sing N N 40  
ASN N   H2   sing N N 41  
ASN CA  C    sing N N 42  
ASN CA  CB   sing N N 43  
ASN CA  HA   sing N N 44  
ASN C   O    doub N N 45  
ASN C   OXT  sing N N 46  
ASN CB  CG   sing N N 47  
ASN CB  HB2  sing N N 48  
ASN CB  HB3  sing N N 49  
ASN CG  OD1  doub N N 50  
ASN CG  ND2  sing N N 51  
ASN ND2 HD21 sing N N 52  
ASN ND2 HD22 sing N N 53  
ASN OXT HXT  sing N N 54  
ASP N   CA   sing N N 55  
ASP N   H    sing N N 56  
ASP N   H2   sing N N 57  
ASP CA  C    sing N N 58  
ASP CA  CB   sing N N 59  
ASP CA  HA   sing N N 60  
ASP C   O    doub N N 61  
ASP C   OXT  sing N N 62  
ASP CB  CG   sing N N 63  
ASP CB  HB2  sing N N 64  
ASP CB  HB3  sing N N 65  
ASP CG  OD1  doub N N 66  
ASP CG  OD2  sing N N 67  
ASP OD2 HD2  sing N N 68  
ASP OXT HXT  sing N N 69  
CYS N   CA   sing N N 70  
CYS N   H    sing N N 71  
CYS N   H2   sing N N 72  
CYS CA  C    sing N N 73  
CYS CA  CB   sing N N 74  
CYS CA  HA   sing N N 75  
CYS C   O    doub N N 76  
CYS C   OXT  sing N N 77  
CYS CB  SG   sing N N 78  
CYS CB  HB2  sing N N 79  
CYS CB  HB3  sing N N 80  
CYS SG  HG   sing N N 81  
CYS OXT HXT  sing N N 82  
GLN N   CA   sing N N 83  
GLN N   H    sing N N 84  
GLN N   H2   sing N N 85  
GLN CA  C    sing N N 86  
GLN CA  CB   sing N N 87  
GLN CA  HA   sing N N 88  
GLN C   O    doub N N 89  
GLN C   OXT  sing N N 90  
GLN CB  CG   sing N N 91  
GLN CB  HB2  sing N N 92  
GLN CB  HB3  sing N N 93  
GLN CG  CD   sing N N 94  
GLN CG  HG2  sing N N 95  
GLN CG  HG3  sing N N 96  
GLN CD  OE1  doub N N 97  
GLN CD  NE2  sing N N 98  
GLN NE2 HE21 sing N N 99  
GLN NE2 HE22 sing N N 100 
GLN OXT HXT  sing N N 101 
GLU N   CA   sing N N 102 
GLU N   H    sing N N 103 
GLU N   H2   sing N N 104 
GLU CA  C    sing N N 105 
GLU CA  CB   sing N N 106 
GLU CA  HA   sing N N 107 
GLU C   O    doub N N 108 
GLU C   OXT  sing N N 109 
GLU CB  CG   sing N N 110 
GLU CB  HB2  sing N N 111 
GLU CB  HB3  sing N N 112 
GLU CG  CD   sing N N 113 
GLU CG  HG2  sing N N 114 
GLU CG  HG3  sing N N 115 
GLU CD  OE1  doub N N 116 
GLU CD  OE2  sing N N 117 
GLU OE2 HE2  sing N N 118 
GLU OXT HXT  sing N N 119 
GLY N   CA   sing N N 120 
GLY N   H    sing N N 121 
GLY N   H2   sing N N 122 
GLY CA  C    sing N N 123 
GLY CA  HA2  sing N N 124 
GLY CA  HA3  sing N N 125 
GLY C   O    doub N N 126 
GLY C   OXT  sing N N 127 
GLY OXT HXT  sing N N 128 
HIS N   CA   sing N N 129 
HIS N   H    sing N N 130 
HIS N   H2   sing N N 131 
HIS CA  C    sing N N 132 
HIS CA  CB   sing N N 133 
HIS CA  HA   sing N N 134 
HIS C   O    doub N N 135 
HIS C   OXT  sing N N 136 
HIS CB  CG   sing N N 137 
HIS CB  HB2  sing N N 138 
HIS CB  HB3  sing N N 139 
HIS CG  ND1  sing Y N 140 
HIS CG  CD2  doub Y N 141 
HIS ND1 CE1  doub Y N 142 
HIS ND1 HD1  sing N N 143 
HIS CD2 NE2  sing Y N 144 
HIS CD2 HD2  sing N N 145 
HIS CE1 NE2  sing Y N 146 
HIS CE1 HE1  sing N N 147 
HIS NE2 HE2  sing N N 148 
HIS OXT HXT  sing N N 149 
HOH O   H1   sing N N 150 
HOH O   H2   sing N N 151 
ILE N   CA   sing N N 152 
ILE N   H    sing N N 153 
ILE N   H2   sing N N 154 
ILE CA  C    sing N N 155 
ILE CA  CB   sing N N 156 
ILE CA  HA   sing N N 157 
ILE C   O    doub N N 158 
ILE C   OXT  sing N N 159 
ILE CB  CG1  sing N N 160 
ILE CB  CG2  sing N N 161 
ILE CB  HB   sing N N 162 
ILE CG1 CD1  sing N N 163 
ILE CG1 HG12 sing N N 164 
ILE CG1 HG13 sing N N 165 
ILE CG2 HG21 sing N N 166 
ILE CG2 HG22 sing N N 167 
ILE CG2 HG23 sing N N 168 
ILE CD1 HD11 sing N N 169 
ILE CD1 HD12 sing N N 170 
ILE CD1 HD13 sing N N 171 
ILE OXT HXT  sing N N 172 
LEU N   CA   sing N N 173 
LEU N   H    sing N N 174 
LEU N   H2   sing N N 175 
LEU CA  C    sing N N 176 
LEU CA  CB   sing N N 177 
LEU CA  HA   sing N N 178 
LEU C   O    doub N N 179 
LEU C   OXT  sing N N 180 
LEU CB  CG   sing N N 181 
LEU CB  HB2  sing N N 182 
LEU CB  HB3  sing N N 183 
LEU CG  CD1  sing N N 184 
LEU CG  CD2  sing N N 185 
LEU CG  HG   sing N N 186 
LEU CD1 HD11 sing N N 187 
LEU CD1 HD12 sing N N 188 
LEU CD1 HD13 sing N N 189 
LEU CD2 HD21 sing N N 190 
LEU CD2 HD22 sing N N 191 
LEU CD2 HD23 sing N N 192 
LEU OXT HXT  sing N N 193 
LFI O1  C6   doub N N 194 
LFI C8  C10  sing N N 195 
LFI C8  C4   sing N N 196 
LFI C1  N2   sing N N 197 
LFI C1  N1   sing N N 198 
LFI C6  N2   sing N N 199 
LFI C6  C7   sing N N 200 
LFI C4  N1   sing N N 201 
LFI C4  O2   doub N N 202 
LFI N2  C2   sing N N 203 
LFI N1  C3   sing N N 204 
LFI C7  C12  sing N N 205 
LFI C3  N3   sing N N 206 
LFI C2  N3   sing N N 207 
LFI N3  C5   sing N N 208 
LFI C5  O3   doub N N 209 
LFI C5  C9   sing N N 210 
LFI C9  C11  sing N N 211 
LFI C10 H1   sing N N 212 
LFI C10 H2   sing N N 213 
LFI C11 H4   sing N N 214 
LFI C11 H5   sing N N 215 
LFI C12 H7   sing N N 216 
LFI C12 H8   sing N N 217 
LFI C1  H10  sing N N 218 
LFI C1  H11  sing N N 219 
LFI C2  H12  sing N N 220 
LFI C2  H13  sing N N 221 
LFI C3  H14  sing N N 222 
LFI C3  H15  sing N N 223 
LFI C7  H16  sing N N 224 
LFI C7  H17  sing N N 225 
LFI C8  H18  sing N N 226 
LFI C8  H19  sing N N 227 
LFI C9  H20  sing N N 228 
LFI C9  H21  sing N N 229 
LFI C10 BR1  sing N N 230 
LFI C12 BR2  sing N N 231 
LFI C11 BR3  sing N N 232 
LYS N   CA   sing N N 233 
LYS N   H    sing N N 234 
LYS N   H2   sing N N 235 
LYS CA  C    sing N N 236 
LYS CA  CB   sing N N 237 
LYS CA  HA   sing N N 238 
LYS C   O    doub N N 239 
LYS C   OXT  sing N N 240 
LYS CB  CG   sing N N 241 
LYS CB  HB2  sing N N 242 
LYS CB  HB3  sing N N 243 
LYS CG  CD   sing N N 244 
LYS CG  HG2  sing N N 245 
LYS CG  HG3  sing N N 246 
LYS CD  CE   sing N N 247 
LYS CD  HD2  sing N N 248 
LYS CD  HD3  sing N N 249 
LYS CE  NZ   sing N N 250 
LYS CE  HE2  sing N N 251 
LYS CE  HE3  sing N N 252 
LYS NZ  HZ1  sing N N 253 
LYS NZ  HZ2  sing N N 254 
LYS NZ  HZ3  sing N N 255 
LYS OXT HXT  sing N N 256 
MET N   CA   sing N N 257 
MET N   H    sing N N 258 
MET N   H2   sing N N 259 
MET CA  C    sing N N 260 
MET CA  CB   sing N N 261 
MET CA  HA   sing N N 262 
MET C   O    doub N N 263 
MET C   OXT  sing N N 264 
MET CB  CG   sing N N 265 
MET CB  HB2  sing N N 266 
MET CB  HB3  sing N N 267 
MET CG  SD   sing N N 268 
MET CG  HG2  sing N N 269 
MET CG  HG3  sing N N 270 
MET SD  CE   sing N N 271 
MET CE  HE1  sing N N 272 
MET CE  HE2  sing N N 273 
MET CE  HE3  sing N N 274 
MET OXT HXT  sing N N 275 
PHE N   CA   sing N N 276 
PHE N   H    sing N N 277 
PHE N   H2   sing N N 278 
PHE CA  C    sing N N 279 
PHE CA  CB   sing N N 280 
PHE CA  HA   sing N N 281 
PHE C   O    doub N N 282 
PHE C   OXT  sing N N 283 
PHE CB  CG   sing N N 284 
PHE CB  HB2  sing N N 285 
PHE CB  HB3  sing N N 286 
PHE CG  CD1  doub Y N 287 
PHE CG  CD2  sing Y N 288 
PHE CD1 CE1  sing Y N 289 
PHE CD1 HD1  sing N N 290 
PHE CD2 CE2  doub Y N 291 
PHE CD2 HD2  sing N N 292 
PHE CE1 CZ   doub Y N 293 
PHE CE1 HE1  sing N N 294 
PHE CE2 CZ   sing Y N 295 
PHE CE2 HE2  sing N N 296 
PHE CZ  HZ   sing N N 297 
PHE OXT HXT  sing N N 298 
PRO N   CA   sing N N 299 
PRO N   CD   sing N N 300 
PRO N   H    sing N N 301 
PRO CA  C    sing N N 302 
PRO CA  CB   sing N N 303 
PRO CA  HA   sing N N 304 
PRO C   O    doub N N 305 
PRO C   OXT  sing N N 306 
PRO CB  CG   sing N N 307 
PRO CB  HB2  sing N N 308 
PRO CB  HB3  sing N N 309 
PRO CG  CD   sing N N 310 
PRO CG  HG2  sing N N 311 
PRO CG  HG3  sing N N 312 
PRO CD  HD2  sing N N 313 
PRO CD  HD3  sing N N 314 
PRO OXT HXT  sing N N 315 
SER N   CA   sing N N 316 
SER N   H    sing N N 317 
SER N   H2   sing N N 318 
SER CA  C    sing N N 319 
SER CA  CB   sing N N 320 
SER CA  HA   sing N N 321 
SER C   O    doub N N 322 
SER C   OXT  sing N N 323 
SER CB  OG   sing N N 324 
SER CB  HB2  sing N N 325 
SER CB  HB3  sing N N 326 
SER OG  HG   sing N N 327 
SER OXT HXT  sing N N 328 
THR N   CA   sing N N 329 
THR N   H    sing N N 330 
THR N   H2   sing N N 331 
THR CA  C    sing N N 332 
THR CA  CB   sing N N 333 
THR CA  HA   sing N N 334 
THR C   O    doub N N 335 
THR C   OXT  sing N N 336 
THR CB  OG1  sing N N 337 
THR CB  CG2  sing N N 338 
THR CB  HB   sing N N 339 
THR OG1 HG1  sing N N 340 
THR CG2 HG21 sing N N 341 
THR CG2 HG22 sing N N 342 
THR CG2 HG23 sing N N 343 
THR OXT HXT  sing N N 344 
TRP N   CA   sing N N 345 
TRP N   H    sing N N 346 
TRP N   H2   sing N N 347 
TRP CA  C    sing N N 348 
TRP CA  CB   sing N N 349 
TRP CA  HA   sing N N 350 
TRP C   O    doub N N 351 
TRP C   OXT  sing N N 352 
TRP CB  CG   sing N N 353 
TRP CB  HB2  sing N N 354 
TRP CB  HB3  sing N N 355 
TRP CG  CD1  doub Y N 356 
TRP CG  CD2  sing Y N 357 
TRP CD1 NE1  sing Y N 358 
TRP CD1 HD1  sing N N 359 
TRP CD2 CE2  doub Y N 360 
TRP CD2 CE3  sing Y N 361 
TRP NE1 CE2  sing Y N 362 
TRP NE1 HE1  sing N N 363 
TRP CE2 CZ2  sing Y N 364 
TRP CE3 CZ3  doub Y N 365 
TRP CE3 HE3  sing N N 366 
TRP CZ2 CH2  doub Y N 367 
TRP CZ2 HZ2  sing N N 368 
TRP CZ3 CH2  sing Y N 369 
TRP CZ3 HZ3  sing N N 370 
TRP CH2 HH2  sing N N 371 
TRP OXT HXT  sing N N 372 
TYR N   CA   sing N N 373 
TYR N   H    sing N N 374 
TYR N   H2   sing N N 375 
TYR CA  C    sing N N 376 
TYR CA  CB   sing N N 377 
TYR CA  HA   sing N N 378 
TYR C   O    doub N N 379 
TYR C   OXT  sing N N 380 
TYR CB  CG   sing N N 381 
TYR CB  HB2  sing N N 382 
TYR CB  HB3  sing N N 383 
TYR CG  CD1  doub Y N 384 
TYR CG  CD2  sing Y N 385 
TYR CD1 CE1  sing Y N 386 
TYR CD1 HD1  sing N N 387 
TYR CD2 CE2  doub Y N 388 
TYR CD2 HD2  sing N N 389 
TYR CE1 CZ   doub Y N 390 
TYR CE1 HE1  sing N N 391 
TYR CE2 CZ   sing Y N 392 
TYR CE2 HE2  sing N N 393 
TYR CZ  OH   sing N N 394 
TYR OH  HH   sing N N 395 
TYR OXT HXT  sing N N 396 
VAL N   CA   sing N N 397 
VAL N   H    sing N N 398 
VAL N   H2   sing N N 399 
VAL CA  C    sing N N 400 
VAL CA  CB   sing N N 401 
VAL CA  HA   sing N N 402 
VAL C   O    doub N N 403 
VAL C   OXT  sing N N 404 
VAL CB  CG1  sing N N 405 
VAL CB  CG2  sing N N 406 
VAL CB  HB   sing N N 407 
VAL CG1 HG11 sing N N 408 
VAL CG1 HG12 sing N N 409 
VAL CG1 HG13 sing N N 410 
VAL CG2 HG21 sing N N 411 
VAL CG2 HG22 sing N N 412 
VAL CG2 HG23 sing N N 413 
VAL OXT HXT  sing N N 414 
# 
_pdbx_audit_support.funding_organization   'Not funded' 
_pdbx_audit_support.country                ? 
_pdbx_audit_support.grant_number           ? 
_pdbx_audit_support.ordinal                1 
# 
_atom_sites.entry_id                    8QFZ 
_atom_sites.Cartn_transf_matrix[1][1]   ? 
_atom_sites.Cartn_transf_matrix[1][2]   ? 
_atom_sites.Cartn_transf_matrix[1][3]   ? 
_atom_sites.Cartn_transf_matrix[2][1]   ? 
_atom_sites.Cartn_transf_matrix[2][2]   ? 
_atom_sites.Cartn_transf_matrix[2][3]   ? 
_atom_sites.Cartn_transf_matrix[3][1]   ? 
_atom_sites.Cartn_transf_matrix[3][2]   ? 
_atom_sites.Cartn_transf_matrix[3][3]   ? 
_atom_sites.Cartn_transf_vector[1]      ? 
_atom_sites.Cartn_transf_vector[2]      ? 
_atom_sites.Cartn_transf_vector[3]      ? 
_atom_sites.Cartn_transform_axes        ? 
_atom_sites.fract_transf_matrix[1][1]   -0.01101434 
_atom_sites.fract_transf_matrix[1][2]   -0.01843829 
_atom_sites.fract_transf_matrix[1][3]   -0.00359881 
_atom_sites.fract_transf_matrix[2][1]   0.00691709 
_atom_sites.fract_transf_matrix[2][2]   -0.00730168 
_atom_sites.fract_transf_matrix[2][3]   0.01623963 
_atom_sites.fract_transf_matrix[3][1]   -0.01189429 
_atom_sites.fract_transf_matrix[3][2]   0.00562291 
_atom_sites.fract_transf_matrix[3][3]   0.00759442 
_atom_sites.fract_transf_vector[1]      -0.379187 
_atom_sites.fract_transf_vector[2]      -0.137822 
_atom_sites.fract_transf_vector[3]      0.169749 
_atom_sites.solution_primary            ? 
_atom_sites.solution_secondary          ? 
_atom_sites.solution_hydrogens          ? 
_atom_sites.special_details             ? 
# 
loop_
_atom_type.symbol 
C 
N 
O 
S 
# 
loop_
_atom_site.group_PDB 
_atom_site.id 
_atom_site.type_symbol 
_atom_site.label_atom_id 
_atom_site.label_alt_id 
_atom_site.label_comp_id 
_atom_site.label_asym_id 
_atom_site.label_entity_id 
_atom_site.label_seq_id 
_atom_site.pdbx_PDB_ins_code 
_atom_site.Cartn_x 
_atom_site.Cartn_y 
_atom_site.Cartn_z 
_atom_site.occupancy 
_atom_site.B_iso_or_equiv 
_atom_site.pdbx_formal_charge 
_atom_site.auth_seq_id 
_atom_site.auth_comp_id 
_atom_site.auth_asym_id 
_atom_site.auth_atom_id 
_atom_site.pdbx_PDB_model_num 
ATOM   1    N N   . MET A 1 1   ? -3.158  -15.672 0.141   1.00 65.11 ? 28  MET A N   1 
ATOM   2    C CA  . MET A 1 1   ? -2.368  -16.074 -1.060  1.00 58.07 ? 28  MET A CA  1 
ATOM   3    C C   . MET A 1 1   ? -0.907  -15.553 -0.992  1.00 57.81 ? 28  MET A C   1 
ATOM   4    O O   . MET A 1 1   ? -0.071  -16.073 -0.197  1.00 51.24 ? 28  MET A O   1 
ATOM   5    C CB  . MET A 1 1   ? -3.085  -15.582 -2.331  1.00 61.49 ? 28  MET A CB  1 
ATOM   6    N N   . TYR A 1 2   ? -0.598  -14.502 -1.762  1.00 40.60 ? 29  TYR A N   1 
ATOM   7    C CA  . TYR A 1 2   ? 0.799   -14.167 -2.078  1.00 32.59 ? 29  TYR A CA  1 
ATOM   8    C C   . TYR A 1 2   ? 1.587   -13.825 -0.863  1.00 35.16 ? 29  TYR A C   1 
ATOM   9    O O   . TYR A 1 2   ? 1.200   -12.989 -0.059  1.00 35.26 ? 29  TYR A O   1 
ATOM   10   C CB  . TYR A 1 2   ? 0.915   -12.992 -3.048  1.00 29.23 ? 29  TYR A CB  1 
ATOM   11   C CG  . TYR A 1 2   ? 2.335   -12.684 -3.551  1.00 24.20 ? 29  TYR A CG  1 
ATOM   12   C CD1 . TYR A 1 2   ? 2.985   -13.427 -4.529  1.00 22.80 ? 29  TYR A CD1 1 
ATOM   13   C CD2 . TYR A 1 2   ? 3.036   -11.602 -3.062  1.00 20.88 ? 29  TYR A CD2 1 
ATOM   14   C CE1 . TYR A 1 2   ? 4.286   -13.163 -4.921  1.00 21.37 ? 29  TYR A CE1 1 
ATOM   15   C CE2 . TYR A 1 2   ? 4.346   -11.347 -3.424  1.00 21.90 ? 29  TYR A CE2 1 
ATOM   16   C CZ  . TYR A 1 2   ? 4.955   -12.073 -4.425  1.00 21.72 ? 29  TYR A CZ  1 
ATOM   17   O OH  . TYR A 1 2   ? 6.237   -11.810 -4.786  1.00 21.80 ? 29  TYR A OH  1 
ATOM   18   N N   . ASP A 1 3   ? 2.773   -14.351 -0.945  1.00 39.16 ? 30  ASP A N   1 
ATOM   19   C CA  . ASP A 1 3   ? 3.706   -14.396 0.027   1.00 47.11 ? 30  ASP A CA  1 
ATOM   20   C C   . ASP A 1 3   ? 4.828   -13.441 -0.475  1.00 43.00 ? 30  ASP A C   1 
ATOM   21   O O   . ASP A 1 3   ? 5.557   -13.667 -1.473  1.00 48.96 ? 30  ASP A O   1 
ATOM   22   C CB  . ASP A 1 3   ? 4.202   -15.837 0.100   1.00 58.02 ? 30  ASP A CB  1 
ATOM   23   C CG  . ASP A 1 3   ? 5.252   -15.993 1.096   1.00 55.78 ? 30  ASP A CG  1 
ATOM   24   O OD1 . ASP A 1 3   ? 6.205   -15.247 0.912   1.00 42.52 ? 30  ASP A OD1 1 
ATOM   25   O OD2 . ASP A 1 3   ? 5.119   -16.812 2.030   1.00 52.12 ? 30  ASP A OD2 1 
ATOM   26   N N   . PHE A 1 4   ? 4.902   -12.387 0.290   1.00 23.18 ? 31  PHE A N   1 
ATOM   27   C CA  . PHE A 1 4   ? 5.831   -11.265 0.146   1.00 20.36 ? 31  PHE A CA  1 
ATOM   28   C C   . PHE A 1 4   ? 7.205   -11.518 0.692   1.00 24.17 ? 31  PHE A C   1 
ATOM   29   O O   . PHE A 1 4   ? 8.062   -10.623 0.701   1.00 23.78 ? 31  PHE A O   1 
ATOM   30   C CB  . PHE A 1 4   ? 5.201   -10.022 0.802   1.00 19.93 ? 31  PHE A CB  1 
ATOM   31   C CG  . PHE A 1 4   ? 3.987   -9.493  0.044   1.00 18.03 ? 31  PHE A CG  1 
ATOM   32   C CD1 . PHE A 1 4   ? 4.141   -8.696  -1.054  1.00 19.33 ? 31  PHE A CD1 1 
ATOM   33   C CD2 . PHE A 1 4   ? 2.714   -9.798  0.445   1.00 18.40 ? 31  PHE A CD2 1 
ATOM   34   C CE1 . PHE A 1 4   ? 3.017   -8.259  -1.751  1.00 19.55 ? 31  PHE A CE1 1 
ATOM   35   C CE2 . PHE A 1 4   ? 1.607   -9.350  -0.222  1.00 18.05 ? 31  PHE A CE2 1 
ATOM   36   C CZ  . PHE A 1 4   ? 1.765   -8.581  -1.328  1.00 19.19 ? 31  PHE A CZ  1 
ATOM   37   N N   . THR A 1 5   ? 7.562   -12.766 0.924   1.00 22.20 ? 32  THR A N   1 
ATOM   38   C CA  . THR A 1 5   ? 8.855   -13.032 1.532   1.00 22.16 ? 32  THR A CA  1 
ATOM   39   C C   . THR A 1 5   ? 10.012  -12.922 0.596   1.00 22.09 ? 32  THR A C   1 
ATOM   40   O O   . THR A 1 5   ? 11.141  -12.785 1.045   1.00 24.22 ? 32  THR A O   1 
ATOM   41   C CB  . THR A 1 5   ? 8.881   -14.423 2.184   1.00 27.19 ? 32  THR A CB  1 
ATOM   42   O OG1 . THR A 1 5   ? 8.569   -15.384 1.168   1.00 29.07 ? 32  THR A OG1 1 
ATOM   43   C CG2 . THR A 1 5   ? 7.876   -14.562 3.271   1.00 29.11 ? 32  THR A CG2 1 
ATOM   44   N N   . ASN A 1 6   ? 9.750   -12.897 -0.720  1.00 22.12 ? 33  ASN A N   1 
ATOM   45   C CA  . ASN A 1 6   ? 10.864  -12.746 -1.706  1.00 23.50 ? 33  ASN A CA  1 
ATOM   46   C C   . ASN A 1 6   ? 11.036  -11.351 -2.309  1.00 21.35 ? 33  ASN A C   1 
ATOM   47   O O   . ASN A 1 6   ? 11.801  -11.192 -3.261  1.00 22.89 ? 33  ASN A O   1 
ATOM   48   C CB  . ASN A 1 6   ? 10.660  -13.737 -2.851  1.00 27.25 ? 33  ASN A CB  1 
ATOM   49   C CG  . ASN A 1 6   ? 10.815  -15.161 -2.421  1.00 31.86 ? 33  ASN A CG  1 
ATOM   50   O OD1 . ASN A 1 6   ? 11.758  -15.494 -1.700  1.00 36.12 ? 33  ASN A OD1 1 
ATOM   51   N ND2 . ASN A 1 6   ? 9.952   -16.000 -2.907  1.00 33.17 ? 33  ASN A ND2 1 
ATOM   52   N N   . CYS A 1 7   ? 10.348  -10.347 -1.767  1.00 20.74 ? 34  CYS A N   1 
ATOM   53   C CA  . CYS A 1 7   ? 10.419  -9.027  -2.327  1.00 20.25 ? 34  CYS A CA  1 
ATOM   54   C C   . CYS A 1 7   ? 11.705  -8.305  -1.970  1.00 19.29 ? 34  CYS A C   1 
ATOM   55   O O   . CYS A 1 7   ? 12.371  -8.629  -0.981  1.00 21.35 ? 34  CYS A O   1 
ATOM   56   C CB  . CYS A 1 7   ? 9.277   -8.182  -1.769  1.00 20.46 ? 34  CYS A CB  1 
ATOM   57   S SG  . CYS A 1 7   ? 7.577   -8.759  -2.017  1.00 24.10 ? 34  CYS A SG  1 
ATOM   58   N N   . ASP A 1 8   ? 12.070  -7.362  -2.842  1.00 18.88 ? 35  ASP A N   1 
ATOM   59   C CA  . ASP A 1 8   ? 13.196  -6.433  -2.656  1.00 21.67 ? 35  ASP A CA  1 
ATOM   60   C C   . ASP A 1 8   ? 12.731  -5.296  -1.715  1.00 19.52 ? 35  ASP A C   1 
ATOM   61   O O   . ASP A 1 8   ? 12.276  -4.235  -2.136  1.00 18.31 ? 35  ASP A O   1 
ATOM   62   C CB  . ASP A 1 8   ? 13.741  -5.887  -3.961  1.00 20.96 ? 35  ASP A CB  1 
ATOM   63   C CG  . ASP A 1 8   ? 15.055  -5.213  -3.772  1.00 26.63 ? 35  ASP A CG  1 
ATOM   64   O OD1 . ASP A 1 8   ? 15.317  -4.637  -2.665  1.00 26.39 ? 35  ASP A OD1 1 
ATOM   65   O OD2 . ASP A 1 8   ? 15.864  -5.265  -4.735  1.00 29.61 ? 35  ASP A OD2 1 
ATOM   66   N N   . PHE A 1 9   ? 12.805  -5.565  -0.413  1.00 19.54 ? 36  PHE A N   1 
ATOM   67   C CA  . PHE A 1 9   ? 12.204  -4.665  0.575   1.00 20.79 ? 36  PHE A CA  1 
ATOM   68   C C   . PHE A 1 9   ? 12.846  -3.244  0.523   1.00 19.67 ? 36  PHE A C   1 
ATOM   69   O O   . PHE A 1 9   ? 12.125  -2.262  0.701   1.00 20.57 ? 36  PHE A O   1 
ATOM   70   C CB  . PHE A 1 9   ? 12.297  -5.213  1.987   1.00 19.51 ? 36  PHE A CB  1 
ATOM   71   C CG  . PHE A 1 9   ? 11.714  -6.599  2.132   1.00 19.42 ? 36  PHE A CG  1 
ATOM   72   C CD1 . PHE A 1 9   ? 10.388  -6.856  1.893   1.00 19.81 ? 36  PHE A CD1 1 
ATOM   73   C CD2 . PHE A 1 9   ? 12.514  -7.648  2.554   1.00 24.67 ? 36  PHE A CD2 1 
ATOM   74   C CE1 . PHE A 1 9   ? 9.842   -8.142  1.996   1.00 22.25 ? 36  PHE A CE1 1 
ATOM   75   C CE2 . PHE A 1 9   ? 11.954  -8.924  2.658   1.00 23.71 ? 36  PHE A CE2 1 
ATOM   76   C CZ  . PHE A 1 9   ? 10.640  -9.164  2.348   1.00 21.87 ? 36  PHE A CZ  1 
ATOM   77   N N   . GLU A 1 10  ? 14.141  -3.165  0.333   1.00 19.45 ? 37  GLU A N   1 
ATOM   78   C CA  . GLU A 1 10  ? 14.801  -1.883  0.285   1.00 21.11 ? 37  GLU A CA  1 
ATOM   79   C C   . GLU A 1 10  ? 14.354  -1.002  -0.857  1.00 18.83 ? 37  GLU A C   1 
ATOM   80   O O   . GLU A 1 10  ? 14.224  0.201   -0.677  1.00 19.22 ? 37  GLU A O   1 
ATOM   81   C CB  . GLU A 1 10  ? 16.327  -2.043  0.267   1.00 25.07 ? 37  GLU A CB  1 
ATOM   82   C CG  . GLU A 1 10  ? 16.805  -2.526  1.619   1.00 30.22 ? 37  GLU A CG  1 
ATOM   83   C CD  . GLU A 1 10  ? 16.627  -1.484  2.770   1.00 40.98 ? 37  GLU A CD  1 
ATOM   84   O OE1 . GLU A 1 10  ? 16.773  -0.211  2.620   1.00 46.72 ? 37  GLU A OE1 1 
ATOM   85   O OE2 . GLU A 1 10  ? 16.254  -1.950  3.855   1.00 47.64 ? 37  GLU A OE2 1 
ATOM   86   N N   . LYS A 1 11  ? 14.118  -1.612  -2.034  1.00 18.25 ? 38  LYS A N   1 
ATOM   87   C CA  . LYS A 1 11  ? 13.609  -0.888  -3.182  1.00 17.58 ? 38  LYS A CA  1 
ATOM   88   C C   . LYS A 1 11  ? 12.214  -0.441  -2.979  1.00 16.14 ? 38  LYS A C   1 
ATOM   89   O O   . LYS A 1 11  ? 11.877  0.665   -3.354  1.00 16.61 ? 38  LYS A O   1 
ATOM   90   C CB  . LYS A 1 11  ? 13.771  -1.705  -4.466  1.00 20.57 ? 38  LYS A CB  1 
ATOM   91   C CG  . LYS A 1 11  ? 15.275  -1.811  -4.867  1.00 26.05 ? 38  LYS A CG  1 
ATOM   92   C CD  . LYS A 1 11  ? 15.619  -0.992  -6.022  1.00 34.62 ? 38  LYS A CD  1 
ATOM   93   C CE  . LYS A 1 11  ? 16.969  -1.474  -6.631  1.00 36.10 ? 38  LYS A CE  1 
ATOM   94   N NZ  . LYS A 1 11  ? 17.909  -1.060  -5.603  1.00 42.22 ? 38  LYS A NZ  1 
ATOM   95   N N   . ILE A 1 12  ? 11.368  -1.302  -2.355  1.00 16.88 ? 39  ILE A N   1 
ATOM   96   C CA  . ILE A 1 12  ? 10.000  -0.910  -2.083  1.00 16.12 ? 39  ILE A CA  1 
ATOM   97   C C   . ILE A 1 12  ? 10.006  0.282   -1.075  1.00 15.15 ? 39  ILE A C   1 
ATOM   98   O O   . ILE A 1 12  ? 9.240   1.219   -1.246  1.00 16.40 ? 39  ILE A O   1 
ATOM   99   C CB  . ILE A 1 12  ? 9.188   -2.108  -1.549  1.00 17.27 ? 39  ILE A CB  1 
ATOM   100  C CG1 . ILE A 1 12  ? 9.112   -3.151  -2.663  1.00 18.22 ? 39  ILE A CG1 1 
ATOM   101  C CG2 . ILE A 1 12  ? 7.815   -1.621  -1.160  1.00 17.44 ? 39  ILE A CG2 1 
ATOM   102  C CD1 . ILE A 1 12  ? 8.613   -4.487  -2.189  1.00 20.76 ? 39  ILE A CD1 1 
ATOM   103  N N   . LYS A 1 13  ? 10.834  0.234   -0.050  1.00 15.49 ? 40  LYS A N   1 
ATOM   104  C CA  . LYS A 1 13  ? 10.974  1.397   0.869   1.00 17.56 ? 40  LYS A CA  1 
ATOM   105  C C   . LYS A 1 13  ? 11.416  2.665   0.126   1.00 16.47 ? 40  LYS A C   1 
ATOM   106  O O   . LYS A 1 13  ? 10.800  3.715   0.339   1.00 16.91 ? 40  LYS A O   1 
ATOM   107  C CB  . LYS A 1 13  ? 11.988  1.043   1.977   1.00 17.27 ? 40  LYS A CB  1 
ATOM   108  C CG  . LYS A 1 13  ? 12.330  2.207   2.912   1.00 18.64 ? 40  LYS A CG  1 
ATOM   109  C CD  . LYS A 1 13  ? 13.368  1.787   3.941   1.00 21.01 ? 40  LYS A CD  1 
ATOM   110  C CE  . LYS A 1 13  ? 13.760  2.959   4.775   1.00 22.96 ? 40  LYS A CE  1 
ATOM   111  N NZ  . LYS A 1 13  ? 14.479  2.545   5.996   1.00 27.87 ? 40  LYS A NZ  1 
ATOM   112  N N   . ALA A 1 14  ? 12.397  2.585   -0.761  1.00 18.07 ? 41  ALA A N   1 
ATOM   113  C CA  . ALA A 1 14  ? 12.815  3.728   -1.555  1.00 16.87 ? 41  ALA A CA  1 
ATOM   114  C C   . ALA A 1 14  ? 11.671  4.218   -2.399  1.00 17.39 ? 41  ALA A C   1 
ATOM   115  O O   . ALA A 1 14  ? 11.468  5.404   -2.507  1.00 18.70 ? 41  ALA A O   1 
ATOM   116  C CB  . ALA A 1 14  ? 13.974  3.326   -2.424  1.00 18.16 ? 41  ALA A CB  1 
ATOM   117  N N   . ALA A 1 15  ? 10.891  3.290   -3.032  1.00 15.54 ? 42  ALA A N   1 
ATOM   118  C CA  . ALA A 1 15  ? 9.738   3.736   -3.814  1.00 18.05 ? 42  ALA A CA  1 
ATOM   119  C C   . ALA A 1 15  ? 8.704   4.463   -2.936  1.00 16.78 ? 42  ALA A C   1 
ATOM   120  O O   . ALA A 1 15  ? 8.147   5.530   -3.354  1.00 18.12 ? 42  ALA A O   1 
ATOM   121  C CB  . ALA A 1 15  ? 9.103   2.534   -4.499  1.00 18.29 ? 42  ALA A CB  1 
ATOM   122  N N   . TYR A 1 16  ? 8.399   3.967   -1.711  1.00 16.36 ? 43  TYR A N   1 
ATOM   123  C CA  . TYR A 1 16  ? 7.443   4.566   -0.831  1.00 16.62 ? 43  TYR A CA  1 
ATOM   124  C C   . TYR A 1 16  ? 7.867   5.968   -0.433  1.00 16.72 ? 43  TYR A C   1 
ATOM   125  O O   . TYR A 1 16  ? 7.154   6.964   -0.619  1.00 17.21 ? 43  TYR A O   1 
ATOM   126  C CB  . TYR A 1 16  ? 7.269   3.727   0.449   1.00 17.64 ? 43  TYR A CB  1 
ATOM   127  C CG  . TYR A 1 16  ? 6.256   4.356   1.339   1.00 19.45 ? 43  TYR A CG  1 
ATOM   128  C CD1 . TYR A 1 16  ? 4.892   4.123   1.119   1.00 23.91 ? 43  TYR A CD1 1 
ATOM   129  C CD2 . TYR A 1 16  ? 6.649   5.148   2.404   1.00 22.33 ? 43  TYR A CD2 1 
ATOM   130  C CE1 . TYR A 1 16  ? 3.953   4.721   1.969   1.00 22.68 ? 43  TYR A CE1 1 
ATOM   131  C CE2 . TYR A 1 16  ? 5.711   5.709   3.255   1.00 23.20 ? 43  TYR A CE2 1 
ATOM   132  C CZ  . TYR A 1 16  ? 4.377   5.505   2.989   1.00 23.44 ? 43  TYR A CZ  1 
ATOM   133  O OH  . TYR A 1 16  ? 3.436   6.073   3.875   1.00 29.89 ? 43  TYR A OH  1 
ATOM   134  N N   . LEU A 1 17  ? 9.117   6.077   -0.030  1.00 15.50 ? 44  LEU A N   1 
ATOM   135  C CA  . LEU A 1 17  ? 9.575   7.398   0.411   1.00 16.44 ? 44  LEU A CA  1 
ATOM   136  C C   . LEU A 1 17  ? 9.726   8.369   -0.735  1.00 19.54 ? 44  LEU A C   1 
ATOM   137  O O   . LEU A 1 17  ? 9.449   9.577   -0.534  1.00 21.87 ? 44  LEU A O   1 
ATOM   138  C CB  . LEU A 1 17  ? 10.900  7.216   1.083   1.00 18.19 ? 44  LEU A CB  1 
ATOM   139  C CG  . LEU A 1 17  ? 10.903  6.454   2.417   1.00 19.56 ? 44  LEU A CG  1 
ATOM   140  C CD1 . LEU A 1 17  ? 12.322  6.212   2.818   1.00 21.20 ? 44  LEU A CD1 1 
ATOM   141  C CD2 . LEU A 1 17  ? 10.121  7.184   3.509   1.00 23.67 ? 44  LEU A CD2 1 
ATOM   142  N N   . SER A 1 18  ? 10.042  7.870   -1.915  1.00 19.43 ? 45  SER A N   1 
ATOM   143  C CA  . SER A 1 18  ? 10.214  8.738   -3.081  1.00 19.52 ? 45  SER A CA  1 
ATOM   144  C C   . SER A 1 18  ? 8.948   9.297   -3.636  1.00 19.59 ? 45  SER A C   1 
ATOM   145  O O   . SER A 1 18  ? 8.961   10.437  -4.125  1.00 21.57 ? 45  SER A O   1 
ATOM   146  C CB  . SER A 1 18  ? 10.992  8.019   -4.227  1.00 23.03 ? 45  SER A CB  1 
ATOM   147  O OG  . SER A 1 18  ? 12.335  7.753   -3.769  1.00 29.12 ? 45  SER A OG  1 
ATOM   148  N N   . THR A 1 19  ? 7.878   8.530   -3.567  1.00 17.26 ? 46  THR A N   1 
ATOM   149  C CA  . THR A 1 19  ? 6.703   8.898   -4.326  1.00 18.64 ? 46  THR A CA  1 
ATOM   150  C C   . THR A 1 19  ? 5.360   8.471   -3.760  1.00 19.25 ? 46  THR A C   1 
ATOM   151  O O   . THR A 1 19  ? 4.373   9.079   -4.140  1.00 20.64 ? 46  THR A O   1 
ATOM   152  C CB  . THR A 1 19  ? 6.901   8.441   -5.794  1.00 23.42 ? 46  THR A CB  1 
ATOM   153  O OG1 . THR A 1 19  ? 6.088   9.238   -6.691  1.00 24.68 ? 46  THR A OG1 1 
ATOM   154  C CG2 . THR A 1 19  ? 6.726   6.991   -5.988  1.00 21.88 ? 46  THR A CG2 1 
ATOM   155  N N   . ILE A 1 20  ? 5.290   7.409   -2.960  1.00 18.33 ? 47  ILE A N   1 
ATOM   156  C CA  . ILE A 1 20  ? 3.992   6.927   -2.476  1.00 17.47 ? 47  ILE A CA  1 
ATOM   157  C C   . ILE A 1 20  ? 3.544   7.698   -1.260  1.00 17.56 ? 47  ILE A C   1 
ATOM   158  O O   . ILE A 1 20  ? 2.377   8.092   -1.161  1.00 18.47 ? 47  ILE A O   1 
ATOM   159  C CB  . ILE A 1 20  ? 4.012   5.450   -2.135  1.00 19.55 ? 47  ILE A CB  1 
ATOM   160  C CG1 . ILE A 1 20  ? 4.537   4.685   -3.345  1.00 19.99 ? 47  ILE A CG1 1 
ATOM   161  C CG2 . ILE A 1 20  ? 2.608   5.012   -1.785  1.00 18.97 ? 47  ILE A CG2 1 
ATOM   162  C CD1 . ILE A 1 20  ? 4.603   3.226   -3.181  1.00 19.27 ? 47  ILE A CD1 1 
ATOM   163  N N   . SER A 1 21  ? 4.461   7.943   -0.359  1.00 16.67 ? 48  SER A N   1 
ATOM   164  C CA  . SER A 1 21  ? 4.209   8.630   0.915   1.00 16.58 ? 48  SER A CA  1 
ATOM   165  C C   . SER A 1 21  ? 3.461   9.939   0.766   1.00 17.86 ? 48  SER A C   1 
ATOM   166  O O   . SER A 1 21  ? 2.453   10.221  1.406   1.00 18.84 ? 48  SER A O   1 
ATOM   167  C CB  . SER A 1 21  ? 5.527   8.808   1.672   1.00 18.98 ? 48  SER A CB  1 
ATOM   168  O OG  . SER A 1 21  ? 5.194   9.478   2.925   1.00 24.19 ? 48  SER A OG  1 
ATOM   169  N N   . LYS A 1 22  ? 3.968   10.737  -0.189  1.00 17.84 ? 49  LYS A N   1 
ATOM   170  C CA  . LYS A 1 22  ? 3.375   12.076  -0.412  1.00 19.90 ? 49  LYS A CA  1 
ATOM   171  C C   . LYS A 1 22  ? 1.949   11.960  -0.880  1.00 20.98 ? 49  LYS A C   1 
ATOM   172  O O   . LYS A 1 22  ? 1.108   12.765  -0.489  1.00 20.04 ? 49  LYS A O   1 
ATOM   173  C CB  . LYS A 1 22  ? 4.235   12.869  -1.429  1.00 22.85 ? 49  LYS A CB  1 
ATOM   174  C CG  . LYS A 1 22  ? 4.219   12.293  -2.806  1.00 26.58 ? 49  LYS A CG  1 
ATOM   175  C CD  . LYS A 1 22  ? 4.944   13.127  -3.861  1.00 31.59 ? 49  LYS A CD  1 
ATOM   176  C CE  . LYS A 1 22  ? 4.728   12.442  -5.223  1.00 38.62 ? 49  LYS A CE  1 
ATOM   177  N NZ  . LYS A 1 22  ? 5.097   13.375  -6.325  1.00 41.72 ? 49  LYS A NZ  1 
ATOM   178  N N   . ASP A 1 23  ? 1.630   10.905  -1.645  1.00 19.17 ? 50  ASP A N   1 
ATOM   179  C CA  . ASP A 1 23  ? 0.259   10.668  -2.042  1.00 19.49 ? 50  ASP A CA  1 
ATOM   180  C C   . ASP A 1 23  ? -0.691  10.216  -0.965  1.00 18.56 ? 50  ASP A C   1 
ATOM   181  O O   . ASP A 1 23  ? -1.880  10.623  -1.002  1.00 19.08 ? 50  ASP A O   1 
ATOM   182  C CB  . ASP A 1 23  ? 0.170   9.774   -3.280  1.00 22.03 ? 50  ASP A CB  1 
ATOM   183  C CG  . ASP A 1 23  ? 0.740   10.440  -4.497  1.00 29.84 ? 50  ASP A CG  1 
ATOM   184  O OD1 . ASP A 1 23  ? 0.848   11.715  -4.605  1.00 30.24 ? 50  ASP A OD1 1 
ATOM   185  O OD2 . ASP A 1 23  ? 1.139   9.664   -5.408  1.00 29.08 ? 50  ASP A OD2 1 
ATOM   186  N N   . LEU A 1 24  ? -0.196  9.464   0.024   1.00 17.27 ? 51  LEU A N   1 
ATOM   187  C CA  . LEU A 1 24  ? -1.078  9.126   1.168   1.00 18.55 ? 51  LEU A CA  1 
ATOM   188  C C   . LEU A 1 24  ? -1.319  10.383  1.956   1.00 18.36 ? 51  LEU A C   1 
ATOM   189  O O   . LEU A 1 24  ? -2.441  10.618  2.404   1.00 19.20 ? 51  LEU A O   1 
ATOM   190  C CB  . LEU A 1 24  ? -0.464  8.054   2.077   1.00 21.10 ? 51  LEU A CB  1 
ATOM   191  C CG  . LEU A 1 24  ? -0.476  6.647   1.517   1.00 29.29 ? 51  LEU A CG  1 
ATOM   192  C CD1 . LEU A 1 24  ? 0.830   5.928   1.891   1.00 37.42 ? 51  LEU A CD1 1 
ATOM   193  C CD2 . LEU A 1 24  ? -1.559  5.876   2.090   1.00 37.88 ? 51  LEU A CD2 1 
ATOM   194  N N   . ILE A 1 25  ? -0.287  11.192  2.156   1.00 18.13 ? 52  ILE A N   1 
ATOM   195  C CA  . ILE A 1 25  ? -0.414  12.431  2.915   1.00 18.39 ? 52  ILE A CA  1 
ATOM   196  C C   . ILE A 1 25  ? -1.436  13.329  2.189   1.00 20.24 ? 52  ILE A C   1 
ATOM   197  O O   . ILE A 1 25  ? -2.331  13.923  2.860   1.00 19.48 ? 52  ILE A O   1 
ATOM   198  C CB  . ILE A 1 25  ? 0.942   13.142  3.089   1.00 22.17 ? 52  ILE A CB  1 
ATOM   199  C CG1 . ILE A 1 25  ? 1.857   12.347  4.049   1.00 21.14 ? 52  ILE A CG1 1 
ATOM   200  C CG2 . ILE A 1 25  ? 0.720   14.571  3.621   1.00 24.83 ? 52  ILE A CG2 1 
ATOM   201  C CD1 . ILE A 1 25  ? 3.329   12.711  4.059   1.00 24.87 ? 52  ILE A CD1 1 
ATOM   202  N N   . THR A 1 26  ? -1.297  13.460  0.861   1.00 19.05 ? 53  THR A N   1 
ATOM   203  C CA  . THR A 1 26  ? -2.278  14.272  0.098   1.00 21.38 ? 53  THR A CA  1 
ATOM   204  C C   . THR A 1 26  ? -3.710  13.761  0.294   1.00 22.54 ? 53  THR A C   1 
ATOM   205  O O   . THR A 1 26  ? -4.652  14.567  0.537   1.00 21.10 ? 53  THR A O   1 
ATOM   206  C CB  . THR A 1 26  ? -1.855  14.419  -1.368  1.00 25.93 ? 53  THR A CB  1 
ATOM   207  O OG1 . THR A 1 26  ? -0.608  15.089  -1.345  1.00 26.79 ? 53  THR A OG1 1 
ATOM   208  C CG2 . THR A 1 26  ? -2.891  15.271  -2.112  1.00 25.42 ? 53  THR A CG2 1 
ATOM   209  N N   . TYR A 1 27  ? -3.896  12.442  0.224   1.00 18.96 ? 54  TYR A N   1 
ATOM   210  C CA  . TYR A 1 27  ? -5.210  11.843  0.359   1.00 17.88 ? 54  TYR A CA  1 
ATOM   211  C C   . TYR A 1 27  ? -5.818  12.234  1.705   1.00 19.36 ? 54  TYR A C   1 
ATOM   212  O O   . TYR A 1 27  ? -6.999  12.500  1.780   1.00 19.57 ? 54  TYR A O   1 
ATOM   213  C CB  . TYR A 1 27  ? -5.107  10.343  0.222   1.00 20.41 ? 54  TYR A CB  1 
ATOM   214  C CG  . TYR A 1 27  ? -6.425  9.640   0.310   1.00 18.88 ? 54  TYR A CG  1 
ATOM   215  C CD1 . TYR A 1 27  ? -7.021  9.359   1.566   1.00 20.46 ? 54  TYR A CD1 1 
ATOM   216  C CD2 . TYR A 1 27  ? -7.112  9.277   -0.817  1.00 22.53 ? 54  TYR A CD2 1 
ATOM   217  C CE1 . TYR A 1 27  ? -8.269  8.751   1.621   1.00 20.95 ? 54  TYR A CE1 1 
ATOM   218  C CE2 . TYR A 1 27  ? -8.338  8.655   -0.734  1.00 21.46 ? 54  TYR A CE2 1 
ATOM   219  C CZ  . TYR A 1 27  ? -8.904  8.370   0.452   1.00 21.26 ? 54  TYR A CZ  1 
ATOM   220  O OH  . TYR A 1 27  ? -10.153 7.732   0.479   1.00 24.78 ? 54  TYR A OH  1 
ATOM   221  N N   . MET A 1 28  ? -5.007  12.219  2.750   1.00 19.04 ? 55  MET A N   1 
ATOM   222  C CA  . MET A 1 28  ? -5.485  12.510  4.114   1.00 21.25 ? 55  MET A CA  1 
ATOM   223  C C   . MET A 1 28  ? -5.947  13.939  4.298   1.00 26.44 ? 55  MET A C   1 
ATOM   224  O O   . MET A 1 28  ? -6.801  14.151  5.131   1.00 27.18 ? 55  MET A O   1 
ATOM   225  C CB  . MET A 1 28  ? -4.397  12.132  5.142   1.00 21.99 ? 55  MET A CB  1 
ATOM   226  C CG  . MET A 1 28  ? -4.188  10.617  5.226   1.00 21.69 ? 55  MET A CG  1 
ATOM   227  S SD  . MET A 1 28  ? -5.600  9.647   5.676   1.00 22.09 ? 55  MET A SD  1 
ATOM   228  C CE  . MET A 1 28  ? -6.005  10.373  7.254   1.00 23.21 ? 55  MET A CE  1 
ATOM   229  N N   . SER A 1 29  ? -5.492  14.863  3.450   1.00 23.73 ? 56  SER A N   1 
ATOM   230  C CA  . SER A 1 29  ? -6.198  16.169  3.268   1.00 32.33 ? 56  SER A CA  1 
ATOM   231  C C   . SER A 1 29  ? -6.363  16.816  4.577   1.00 31.58 ? 56  SER A C   1 
ATOM   232  O O   . SER A 1 29  ? -7.452  17.191  4.882   1.00 36.24 ? 56  SER A O   1 
ATOM   233  C CB  . SER A 1 29  ? -7.640  15.999  2.701   1.00 35.75 ? 56  SER A CB  1 
ATOM   234  O OG  . SER A 1 29  ? -7.690  15.438  1.410   1.00 31.12 ? 56  SER A OG  1 
ATOM   235  N N   . GLY A 1 30  ? -5.302  16.877  5.365   1.00 32.44 ? 57  GLY A N   1 
ATOM   236  C CA  . GLY A 1 30  ? -5.359  17.585  6.640   1.00 35.92 ? 57  GLY A CA  1 
ATOM   237  C C   . GLY A 1 30  ? -5.905  16.830  7.857   1.00 39.61 ? 57  GLY A C   1 
ATOM   238  O O   . GLY A 1 30  ? -5.626  17.231  8.999   1.00 43.15 ? 57  GLY A O   1 
ATOM   239  N N   . THR A 1 31  ? -6.694  15.770  7.642   1.00 28.13 ? 58  THR A N   1 
ATOM   240  C CA  . THR A 1 31  ? -7.159  14.904  8.764   1.00 26.10 ? 58  THR A CA  1 
ATOM   241  C C   . THR A 1 31  ? -5.912  14.364  9.419   1.00 27.84 ? 58  THR A C   1 
ATOM   242  O O   . THR A 1 31  ? -4.982  13.865  8.776   1.00 26.29 ? 58  THR A O   1 
ATOM   243  C CB  . THR A 1 31  ? -8.053  13.768  8.268   1.00 25.71 ? 58  THR A CB  1 
ATOM   244  O OG1 . THR A 1 31  ? -9.334  14.333  7.853   1.00 29.21 ? 58  THR A OG1 1 
ATOM   245  C CG2 . THR A 1 31  ? -8.347  12.784  9.389   1.00 27.04 ? 58  THR A CG2 1 
ATOM   246  N N   . LYS A 1 32  ? -5.902  14.383  10.743  1.00 28.28 ? 59  LYS A N   1 
ATOM   247  C CA  . LYS A 1 32  ? -4.705  13.911  11.481  1.00 31.58 ? 59  LYS A CA  1 
ATOM   248  C C   . LYS A 1 32  ? -4.858  12.493  12.031  1.00 27.66 ? 59  LYS A C   1 
ATOM   249  O O   . LYS A 1 32  ? -5.952  12.005  12.184  1.00 26.08 ? 59  LYS A O   1 
ATOM   250  C CB  . LYS A 1 32  ? -4.523  14.844  12.666  1.00 36.61 ? 59  LYS A CB  1 
ATOM   251  C CG  . LYS A 1 32  ? -4.121  16.238  12.217  1.00 46.25 ? 59  LYS A CG  1 
ATOM   252  C CD  . LYS A 1 32  ? -3.284  16.981  13.254  1.00 54.82 ? 59  LYS A CD  1 
ATOM   253  C CE  . LYS A 1 32  ? -2.697  18.238  12.620  1.00 62.14 ? 59  LYS A CE  1 
ATOM   254  N NZ  . LYS A 1 32  ? -2.537  19.340  13.615  1.00 69.22 ? 59  LYS A NZ  1 
ATOM   255  N N   . SER A 1 33  ? -3.757  11.851  12.312  1.00 27.35 ? 60  SER A N   1 
ATOM   256  C CA  . SER A 1 33  ? -3.759  10.454  12.743  1.00 27.97 ? 60  SER A CA  1 
ATOM   257  C C   . SER A 1 33  ? -4.404  10.289  14.124  1.00 27.44 ? 60  SER A C   1 
ATOM   258  O O   . SER A 1 33  ? -4.940  9.222   14.441  1.00 26.66 ? 60  SER A O   1 
ATOM   259  C CB  . SER A 1 33  ? -2.347  9.911   12.781  1.00 33.73 ? 60  SER A CB  1 
ATOM   260  O OG  . SER A 1 33  ? -1.533  10.662  13.654  1.00 36.69 ? 60  SER A OG  1 
ATOM   261  N N   . THR A 1 34  ? -4.430  11.374  14.892  1.00 28.25 ? 61  THR A N   1 
ATOM   262  C CA  . THR A 1 34  ? -5.100  11.333  16.168  1.00 26.08 ? 61  THR A CA  1 
ATOM   263  C C   . THR A 1 34  ? -6.608  11.389  16.107  1.00 31.15 ? 61  THR A C   1 
ATOM   264  O O   . THR A 1 34  ? -7.253  11.352  17.158  1.00 30.66 ? 61  THR A O   1 
ATOM   265  C CB  . THR A 1 34  ? -4.701  12.543  16.991  1.00 31.67 ? 61  THR A CB  1 
ATOM   266  O OG1 . THR A 1 34  ? -4.781  13.711  16.146  1.00 31.99 ? 61  THR A OG1 1 
ATOM   267  C CG2 . THR A 1 34  ? -3.335  12.325  17.559  1.00 29.65 ? 61  THR A CG2 1 
ATOM   268  N N   . GLU A 1 35  ? -7.200  11.480  14.931  1.00 25.77 ? 62  GLU A N   1 
ATOM   269  C CA  . GLU A 1 35  ? -8.618  11.260  14.801  1.00 27.87 ? 62  GLU A CA  1 
ATOM   270  C C   . GLU A 1 35  ? -8.950  9.811   14.979  1.00 28.18 ? 62  GLU A C   1 
ATOM   271  O O   . GLU A 1 35  ? -10.120 9.499   15.108  1.00 29.72 ? 62  GLU A O   1 
ATOM   272  C CB  . GLU A 1 35  ? -9.157  11.765  13.438  1.00 26.80 ? 62  GLU A CB  1 
ATOM   273  N N   . PHE A 1 36  ? -7.971  8.894   14.902  1.00 26.43 ? 63  PHE A N   1 
ATOM   274  C CA  . PHE A 1 36  ? -8.309  7.462   14.860  1.00 23.52 ? 63  PHE A CA  1 
ATOM   275  C C   . PHE A 1 36  ? -7.510  6.695   15.898  1.00 26.86 ? 63  PHE A C   1 
ATOM   276  O O   . PHE A 1 36  ? -6.290  6.541   15.760  1.00 28.54 ? 63  PHE A O   1 
ATOM   277  C CB  . PHE A 1 36  ? -7.931  6.878   13.515  1.00 24.11 ? 63  PHE A CB  1 
ATOM   278  C CG  . PHE A 1 36  ? -8.536  7.667   12.373  1.00 21.62 ? 63  PHE A CG  1 
ATOM   279  C CD1 . PHE A 1 36  ? -9.900  7.681   12.224  1.00 27.87 ? 63  PHE A CD1 1 
ATOM   280  C CD2 . PHE A 1 36  ? -7.750  8.363   11.501  1.00 26.41 ? 63  PHE A CD2 1 
ATOM   281  C CE1 . PHE A 1 36  ? -10.488 8.393   11.208  1.00 30.95 ? 63  PHE A CE1 1 
ATOM   282  C CE2 . PHE A 1 36  ? -8.348  9.090   10.473  1.00 26.14 ? 63  PHE A CE2 1 
ATOM   283  C CZ  . PHE A 1 36  ? -9.673  9.105   10.329  1.00 28.58 ? 63  PHE A CZ  1 
ATOM   284  N N   . ASN A 1 37  ? -8.218  6.149   16.876  1.00 24.97 ? 64  ASN A N   1 
ATOM   285  C CA  . ASN A 1 37  ? -7.511  5.525   17.988  1.00 22.98 ? 64  ASN A CA  1 
ATOM   286  C C   . ASN A 1 37  ? -7.110  4.080   17.705  1.00 26.52 ? 64  ASN A C   1 
ATOM   287  O O   . ASN A 1 37  ? -6.168  3.569   18.314  1.00 24.94 ? 64  ASN A O   1 
ATOM   288  C CB  . ASN A 1 37  ? -8.384  5.529   19.210  1.00 22.14 ? 64  ASN A CB  1 
ATOM   289  C CG  . ASN A 1 37  ? -8.710  6.921   19.648  1.00 23.64 ? 64  ASN A CG  1 
ATOM   290  O OD1 . ASN A 1 37  ? -7.864  7.796   19.537  1.00 22.24 ? 64  ASN A OD1 1 
ATOM   291  N ND2 . ASN A 1 37  ? -9.867  7.122   20.263  1.00 24.39 ? 64  ASN A ND2 1 
ATOM   292  N N   . ASN A 1 38  ? -7.808  3.419   16.784  1.00 25.18 ? 65  ASN A N   1 
ATOM   293  C CA  . ASN A 1 38  ? -7.593  2.025   16.512  1.00 28.92 ? 65  ASN A CA  1 
ATOM   294  C C   . ASN A 1 38  ? -6.543  1.968   15.415  1.00 29.99 ? 65  ASN A C   1 
ATOM   295  O O   . ASN A 1 38  ? -6.698  2.604   14.355  1.00 43.40 ? 65  ASN A O   1 
ATOM   296  C CB  . ASN A 1 38  ? -8.887  1.364   16.019  1.00 27.19 ? 65  ASN A CB  1 
ATOM   297  C CG  . ASN A 1 38  ? -8.860  -0.145  16.172  1.00 33.51 ? 65  ASN A CG  1 
ATOM   298  O OD1 . ASN A 1 38  ? -8.307  -0.716  17.142  1.00 35.18 ? 65  ASN A OD1 1 
ATOM   299  N ND2 . ASN A 1 38  ? -9.443  -0.804  15.206  1.00 35.06 ? 65  ASN A ND2 1 
ATOM   300  N N   . THR A 1 39  ? -5.523  1.191   15.640  1.00 35.46 ? 66  THR A N   1 
ATOM   301  C CA  . THR A 1 39  ? -4.438  1.069   14.666  1.00 39.39 ? 66  THR A CA  1 
ATOM   302  C C   . THR A 1 39  ? -4.247  -0.421  14.340  1.00 36.63 ? 66  THR A C   1 
ATOM   303  O O   . THR A 1 39  ? -4.888  -1.317  14.904  1.00 33.66 ? 66  THR A O   1 
ATOM   304  C CB  . THR A 1 39  ? -3.114  1.711   15.160  1.00 44.24 ? 66  THR A CB  1 
ATOM   305  O OG1 . THR A 1 39  ? -2.720  1.098   16.386  1.00 44.60 ? 66  THR A OG1 1 
ATOM   306  C CG2 . THR A 1 39  ? -3.236  3.303   15.301  1.00 49.47 ? 66  THR A CG2 1 
ATOM   307  N N   . VAL A 1 40  ? -3.439  -0.681  13.340  1.00 33.36 ? 67  VAL A N   1 
ATOM   308  C CA  . VAL A 1 40  ? -3.251  -2.061  12.842  1.00 33.00 ? 67  VAL A CA  1 
ATOM   309  C C   . VAL A 1 40  ? -1.757  -2.221  12.900  1.00 34.82 ? 67  VAL A C   1 
ATOM   310  O O   . VAL A 1 40  ? -1.031  -1.390  12.386  1.00 38.16 ? 67  VAL A O   1 
ATOM   311  C CB  . VAL A 1 40  ? -3.697  -2.230  11.350  1.00 39.36 ? 67  VAL A CB  1 
ATOM   312  C CG1 . VAL A 1 40  ? -3.430  -3.665  10.812  1.00 39.28 ? 67  VAL A CG1 1 
ATOM   313  C CG2 . VAL A 1 40  ? -5.175  -1.882  11.170  1.00 42.19 ? 67  VAL A CG2 1 
ATOM   314  N N   . SER A 1 41  ? -1.304  -3.321  13.448  1.00 29.19 ? 68  SER A N   1 
ATOM   315  C CA  . SER A 1 41  ? 0.102   -3.428  13.699  1.00 32.16 ? 68  SER A CA  1 
ATOM   316  C C   . SER A 1 41  ? 0.595   -4.512  12.741  1.00 27.37 ? 68  SER A C   1 
ATOM   317  O O   . SER A 1 41  ? -0.188  -5.240  12.088  1.00 28.36 ? 68  SER A O   1 
ATOM   318  C CB  . SER A 1 41  ? 0.271   -3.704  15.202  1.00 38.87 ? 68  SER A CB  1 
ATOM   319  O OG  . SER A 1 41  ? -0.046  -5.038  15.417  1.00 46.47 ? 68  SER A OG  1 
ATOM   320  N N   . CYS A 1 42  ? 1.903   -4.585  12.584  1.00 26.25 ? 69  CYS A N   1 
ATOM   321  C CA  . CYS A 1 42  ? 2.527   -5.654  11.878  1.00 23.79 ? 69  CYS A CA  1 
ATOM   322  C C   . CYS A 1 42  ? 3.908   -5.986  12.494  1.00 21.95 ? 69  CYS A C   1 
ATOM   323  O O   . CYS A 1 42  ? 4.487   -5.174  13.199  1.00 24.63 ? 69  CYS A O   1 
ATOM   324  C CB  . CYS A 1 42  ? 2.618   -5.377  10.362  1.00 25.00 ? 69  CYS A CB  1 
ATOM   325  S SG  . CYS A 1 42  ? 3.398   -3.862  9.774   1.00 26.34 ? 69  CYS A SG  1 
ATOM   326  N N   . SER A 1 43  ? 4.412   -7.148  12.133  1.00 26.14 ? 70  SER A N   1 
ATOM   327  C CA  . SER A 1 43  ? 5.482   -7.817  12.856  1.00 26.01 ? 70  SER A CA  1 
ATOM   328  C C   . SER A 1 43  ? 6.781   -7.998  12.162  1.00 26.65 ? 70  SER A C   1 
ATOM   329  O O   . SER A 1 43  ? 7.767   -8.249  12.839  1.00 25.78 ? 70  SER A O   1 
ATOM   330  C CB  . SER A 1 43  ? 5.027   -9.202  13.286  1.00 29.63 ? 70  SER A CB  1 
ATOM   331  O OG  . SER A 1 43  ? 4.075   -9.023  14.344  1.00 38.88 ? 70  SER A OG  1 
ATOM   332  N N   . ASN A 1 44  ? 6.854   -7.886  10.842  1.00 21.44 ? 71  ASN A N   1 
ATOM   333  C CA  . ASN A 1 44  ? 8.085   -8.009  10.114  1.00 20.45 ? 71  ASN A CA  1 
ATOM   334  C C   . ASN A 1 44  ? 7.757   -7.482  8.676   1.00 19.59 ? 71  ASN A C   1 
ATOM   335  O O   . ASN A 1 44  ? 6.567   -7.190  8.398   1.00 21.61 ? 71  ASN A O   1 
ATOM   336  C CB  . ASN A 1 44  ? 8.577   -9.449  10.086  1.00 23.71 ? 71  ASN A CB  1 
ATOM   337  C CG  . ASN A 1 44  ? 7.545   -10.443 9.653   1.00 25.94 ? 71  ASN A CG  1 
ATOM   338  O OD1 . ASN A 1 44  ? 7.014   -10.435 8.538   1.00 24.00 ? 71  ASN A OD1 1 
ATOM   339  N ND2 . ASN A 1 44  ? 7.183   -11.322 10.599  1.00 32.83 ? 71  ASN A ND2 1 
ATOM   340  N N   . ARG A 1 45  ? 8.745   -7.392  7.829   1.00 20.99 ? 72  ARG A N   1 
ATOM   341  C CA  . ARG A 1 45  ? 8.537   -6.736  6.509   1.00 19.34 ? 72  ARG A CA  1 
ATOM   342  C C   . ARG A 1 45  ? 7.535   -7.482  5.660   1.00 18.84 ? 72  ARG A C   1 
ATOM   343  O O   . ARG A 1 45  ? 6.583   -6.840  5.159   1.00 18.82 ? 72  ARG A O   1 
ATOM   344  C CB  . ARG A 1 45  ? 9.837   -6.379  5.799   1.00 21.01 ? 72  ARG A CB  1 
ATOM   345  C CG  . ARG A 1 45  ? 10.696  -5.324  6.526   1.00 23.56 ? 72  ARG A CG  1 
ATOM   346  C CD  . ARG A 1 45  ? 12.010  -5.011  5.807   1.00 24.24 ? 72  ARG A CD  1 
ATOM   347  N NE  . ARG A 1 45  ? 12.827  -6.168  5.968   1.00 30.22 ? 72  ARG A NE  1 
ATOM   348  C CZ  . ARG A 1 45  ? 14.082  -6.322  5.503   1.00 35.23 ? 72  ARG A CZ  1 
ATOM   349  N NH1 . ARG A 1 45  ? 14.722  -7.431  5.791   1.00 35.26 ? 72  ARG A NH1 1 
ATOM   350  N NH2 . ARG A 1 45  ? 14.677  -5.380  4.806   1.00 34.62 ? 72  ARG A NH2 1 
ATOM   351  N N   . PRO A 1 46  ? 7.621   -8.801  5.518   1.00 19.73 ? 73  PRO A N   1 
ATOM   352  C CA  . PRO A 1 46  ? 6.572   -9.426  4.701   1.00 20.68 ? 73  PRO A CA  1 
ATOM   353  C C   . PRO A 1 46  ? 5.206   -9.413  5.263   1.00 20.78 ? 73  PRO A C   1 
ATOM   354  O O   . PRO A 1 46  ? 4.254   -9.291  4.516   1.00 20.42 ? 73  PRO A O   1 
ATOM   355  C CB  . PRO A 1 46  ? 7.011   -10.913 4.624   1.00 25.20 ? 73  PRO A CB  1 
ATOM   356  C CG  . PRO A 1 46  ? 8.379   -10.914 5.066   1.00 24.32 ? 73  PRO A CG  1 
ATOM   357  C CD  . PRO A 1 46  ? 8.721   -9.739  5.863   1.00 20.72 ? 73  PRO A CD  1 
ATOM   358  N N   . HIS A 1 47  ? 5.070   -9.487  6.600   1.00 19.52 ? 74  HIS A N   1 
ATOM   359  C CA  . HIS A 1 47  ? 3.790   -9.394  7.203   1.00 20.83 ? 74  HIS A CA  1 
ATOM   360  C C   . HIS A 1 47  ? 3.204   -8.000  6.974   1.00 19.05 ? 74  HIS A C   1 
ATOM   361  O O   . HIS A 1 47  ? 2.020   -7.819  6.666   1.00 19.27 ? 74  HIS A O   1 
ATOM   362  C CB  . HIS A 1 47  ? 3.900   -9.652  8.725   1.00 22.04 ? 74  HIS A CB  1 
ATOM   363  C CG  . HIS A 1 47  ? 2.595   -9.590  9.409   1.00 25.38 ? 74  HIS A CG  1 
ATOM   364  N ND1 . HIS A 1 47  ? 2.400   -8.955  10.625  1.00 28.78 ? 74  HIS A ND1 1 
ATOM   365  C CD2 . HIS A 1 47  ? 1.391   -10.080 9.053   1.00 28.08 ? 74  HIS A CD2 1 
ATOM   366  C CE1 . HIS A 1 47  ? 1.121   -8.997  10.947  1.00 29.27 ? 74  HIS A CE1 1 
ATOM   367  N NE2 . HIS A 1 47  ? 0.496   -9.699  10.025  1.00 32.78 ? 74  HIS A NE2 1 
ATOM   368  N N   . CYS A 1 48  ? 4.038   -6.981  7.116   1.00 18.42 ? 75  CYS A N   1 
ATOM   369  C CA  . CYS A 1 48  ? 3.594   -5.606  6.791   1.00 18.54 ? 75  CYS A CA  1 
ATOM   370  C C   . CYS A 1 48  ? 3.073   -5.486  5.345   1.00 17.07 ? 75  CYS A C   1 
ATOM   371  O O   . CYS A 1 48  ? 2.018   -4.907  5.142   1.00 17.97 ? 75  CYS A O   1 
ATOM   372  C CB  . CYS A 1 48  ? 4.678   -4.571  7.004   1.00 19.16 ? 75  CYS A CB  1 
ATOM   373  S SG  . CYS A 1 48  ? 5.168   -4.438  8.757   1.00 23.51 ? 75  CYS A SG  1 
ATOM   374  N N   . LEU A 1 49  ? 3.802   -6.021  4.375   1.00 17.36 ? 76  LEU A N   1 
ATOM   375  C CA  . LEU A 1 49  ? 3.300   -6.024  3.000   1.00 16.10 ? 76  LEU A CA  1 
ATOM   376  C C   . LEU A 1 49  ? 2.007   -6.748  2.834   1.00 16.46 ? 76  LEU A C   1 
ATOM   377  O O   . LEU A 1 49  ? 1.161   -6.294  2.113   1.00 17.15 ? 76  LEU A O   1 
ATOM   378  C CB  . LEU A 1 49  ? 4.344   -6.521  2.032   1.00 16.64 ? 76  LEU A CB  1 
ATOM   379  C CG  . LEU A 1 49  ? 5.532   -5.629  1.812   1.00 18.66 ? 76  LEU A CG  1 
ATOM   380  C CD1 . LEU A 1 49  ? 6.465   -6.207  0.788   1.00 23.07 ? 76  LEU A CD1 1 
ATOM   381  C CD2 . LEU A 1 49  ? 5.206   -4.210  1.374   1.00 19.61 ? 76  LEU A CD2 1 
ATOM   382  N N   . THR A 1 50  ? 1.820   -7.925  3.479   1.00 17.23 ? 77  THR A N   1 
ATOM   383  C CA  . THR A 1 50  ? 0.574   -8.592  3.462   1.00 18.22 ? 77  THR A CA  1 
ATOM   384  C C   . THR A 1 50  ? -0.596  -7.707  3.904   1.00 18.07 ? 77  THR A C   1 
ATOM   385  O O   . THR A 1 50  ? -1.650  -7.659  3.243   1.00 20.88 ? 77  THR A O   1 
ATOM   386  C CB  . THR A 1 50  ? 0.639   -9.838  4.379   1.00 22.76 ? 77  THR A CB  1 
ATOM   387  O OG1 . THR A 1 50  ? 1.625   -10.682 3.820   1.00 22.76 ? 77  THR A OG1 1 
ATOM   388  C CG2 . THR A 1 50  ? -0.680  -10.523 4.432   1.00 28.29 ? 77  THR A CG2 1 
ATOM   389  N N   . GLU A 1 51  ? -0.399  -6.978  4.992   1.00 18.64 ? 78  GLU A N   1 
ATOM   390  C CA  . GLU A 1 51  ? -1.445  -6.106  5.514   1.00 17.76 ? 78  GLU A CA  1 
ATOM   391  C C   . GLU A 1 51  ? -1.636  -4.854  4.651   1.00 16.92 ? 78  GLU A C   1 
ATOM   392  O O   . GLU A 1 51  ? -2.780  -4.390  4.485   1.00 19.41 ? 78  GLU A O   1 
ATOM   393  C CB  . GLU A 1 51  ? -1.124  -5.690  6.978   1.00 22.38 ? 78  GLU A CB  1 
ATOM   394  C CG  . GLU A 1 51  ? -0.999  -6.834  7.985   1.00 25.89 ? 78  GLU A CG  1 
ATOM   395  C CD  . GLU A 1 51  ? -2.334  -7.453  8.373   1.00 37.48 ? 78  GLU A CD  1 
ATOM   396  O OE1 . GLU A 1 51  ? -3.358  -7.213  7.720   1.00 37.26 ? 78  GLU A OE1 1 
ATOM   397  O OE2 . GLU A 1 51  ? -2.326  -8.251  9.346   1.00 52.59 ? 78  GLU A OE2 1 
ATOM   398  N N   . ILE A 1 52  ? -0.513  -4.298  4.144   1.00 16.39 ? 79  ILE A N   1 
ATOM   399  C CA  . ILE A 1 52  ? -0.572  -3.221  3.150   1.00 17.05 ? 79  ILE A CA  1 
ATOM   400  C C   . ILE A 1 52  ? -1.364  -3.616  1.911   1.00 16.46 ? 79  ILE A C   1 
ATOM   401  O O   . ILE A 1 52  ? -2.289  -2.882  1.440   1.00 18.12 ? 79  ILE A O   1 
ATOM   402  C CB  . ILE A 1 52  ? 0.812   -2.669  2.821   1.00 16.91 ? 79  ILE A CB  1 
ATOM   403  C CG1 . ILE A 1 52  ? 1.358   -1.894  4.019   1.00 17.59 ? 79  ILE A CG1 1 
ATOM   404  C CG2 . ILE A 1 52  ? 0.780   -1.840  1.555   1.00 18.69 ? 79  ILE A CG2 1 
ATOM   405  C CD1 . ILE A 1 52  ? 2.827   -1.717  4.002   1.00 17.70 ? 79  ILE A CD1 1 
ATOM   406  N N   . GLN A 1 53  ? -1.077  -4.799  1.346   1.00 17.74 ? 80  GLN A N   1 
ATOM   407  C CA  . GLN A 1 53  ? -1.865  -5.339  0.249   1.00 18.35 ? 80  GLN A CA  1 
ATOM   408  C C   . GLN A 1 53  ? -3.349  -5.409  0.546   1.00 21.43 ? 80  GLN A C   1 
ATOM   409  O O   . GLN A 1 53  ? -4.177  -4.985  -0.236  1.00 20.27 ? 80  GLN A O   1 
ATOM   410  C CB  . GLN A 1 53  ? -1.337  -6.689  -0.158  1.00 19.30 ? 80  GLN A CB  1 
ATOM   411  C CG  . GLN A 1 53  ? -2.194  -7.424  -1.187  1.00 23.32 ? 80  GLN A CG  1 
ATOM   412  C CD  . GLN A 1 53  ? -2.067  -6.864  -2.539  1.00 23.18 ? 80  GLN A CD  1 
ATOM   413  O OE1 . GLN A 1 53  ? -1.060  -6.232  -2.920  1.00 25.12 ? 80  GLN A OE1 1 
ATOM   414  N NE2 . GLN A 1 53  ? -3.099  -7.119  -3.328  1.00 24.77 ? 80  GLN A NE2 1 
ATOM   415  N N   . SER A 1 54  ? -3.664  -6.036  1.685   1.00 19.29 ? 81  SER A N   1 
ATOM   416  C CA  . SER A 1 54  ? -5.056  -6.164  2.070   1.00 22.70 ? 81  SER A CA  1 
ATOM   417  C C   . SER A 1 54  ? -5.779  -4.795  2.242   1.00 23.86 ? 81  SER A C   1 
ATOM   418  O O   . SER A 1 54  ? -6.856  -4.603  1.649   1.00 24.23 ? 81  SER A O   1 
ATOM   419  C CB  . SER A 1 54  ? -5.145  -7.093  3.295   1.00 25.45 ? 81  SER A CB  1 
ATOM   420  O OG  . SER A 1 54  ? -6.425  -6.934  3.860   1.00 37.79 ? 81  SER A OG  1 
ATOM   421  N N   . LEU A 1 55  ? -5.211  -3.816  2.944   1.00 22.44 ? 82  LEU A N   1 
ATOM   422  C CA  . LEU A 1 55  ? -5.883  -2.503  3.197   1.00 25.17 ? 82  LEU A CA  1 
ATOM   423  C C   . LEU A 1 55  ? -5.894  -1.597  1.986   1.00 24.66 ? 82  LEU A C   1 
ATOM   424  O O   . LEU A 1 55  ? -6.779  -0.752  1.805   1.00 25.07 ? 82  LEU A O   1 
ATOM   425  C CB  . LEU A 1 55  ? -5.206  -1.715  4.301   1.00 30.11 ? 82  LEU A CB  1 
ATOM   426  C CG  . LEU A 1 55  ? -5.731  -1.855  5.690   1.00 35.85 ? 82  LEU A CG  1 
ATOM   427  C CD1 . LEU A 1 55  ? -5.727  -3.328  6.108   1.00 42.80 ? 82  LEU A CD1 1 
ATOM   428  C CD2 . LEU A 1 55  ? -4.982  -0.928  6.615   1.00 32.23 ? 82  LEU A CD2 1 
ATOM   429  N N   . THR A 1 56  ? -4.874  -1.731  1.125   1.00 19.59 ? 83  THR A N   1 
ATOM   430  C CA  . THR A 1 56  ? -4.856  -0.923  -0.092  1.00 20.04 ? 83  THR A CA  1 
ATOM   431  C C   . THR A 1 56  ? -5.925  -1.398  -1.118  1.00 24.03 ? 83  THR A C   1 
ATOM   432  O O   . THR A 1 56  ? -6.543  -0.550  -1.775  1.00 23.82 ? 83  THR A O   1 
ATOM   433  C CB  . THR A 1 56  ? -3.432  -0.914  -0.678  1.00 18.02 ? 83  THR A CB  1 
ATOM   434  O OG1 . THR A 1 56  ? -2.480  -0.428  0.280   1.00 17.30 ? 83  THR A OG1 1 
ATOM   435  C CG2 . THR A 1 56  ? -3.388  0.005   -1.896  1.00 17.72 ? 83  THR A CG2 1 
ATOM   436  N N   . PHE A 1 57  ? -6.045  -2.704  -1.299  1.00 20.74 ? 84  PHE A N   1 
ATOM   437  C CA  . PHE A 1 57  ? -6.682  -3.264  -2.517  1.00 21.92 ? 84  PHE A CA  1 
ATOM   438  C C   . PHE A 1 57  ? -7.917  -4.094  -2.251  1.00 25.06 ? 84  PHE A C   1 
ATOM   439  O O   . PHE A 1 57  ? -8.646  -4.330  -3.200  1.00 32.03 ? 84  PHE A O   1 
ATOM   440  C CB  . PHE A 1 57  ? -5.735  -4.145  -3.281  1.00 20.60 ? 84  PHE A CB  1 
ATOM   441  C CG  . PHE A 1 57  ? -4.504  -3.405  -3.767  1.00 18.83 ? 84  PHE A CG  1 
ATOM   442  C CD1 . PHE A 1 57  ? -4.597  -2.404  -4.723  1.00 20.21 ? 84  PHE A CD1 1 
ATOM   443  C CD2 . PHE A 1 57  ? -3.288  -3.653  -3.215  1.00 18.53 ? 84  PHE A CD2 1 
ATOM   444  C CE1 . PHE A 1 57  ? -3.455  -1.707  -5.106  1.00 18.77 ? 84  PHE A CE1 1 
ATOM   445  C CE2 . PHE A 1 57  ? -2.153  -2.986  -3.619  1.00 20.08 ? 84  PHE A CE2 1 
ATOM   446  C CZ  . PHE A 1 57  ? -2.216  -2.029  -4.571  1.00 18.84 ? 84  PHE A CZ  1 
ATOM   447  N N   . ASN A 1 58  ? -8.227  -4.424  -1.017  1.00 24.83 ? 85  ASN A N   1 
ATOM   448  C CA  . ASN A 1 58  ? -9.408  -5.271  -0.740  1.00 27.07 ? 85  ASN A CA  1 
ATOM   449  C C   . ASN A 1 58  ? -10.569 -4.394  -0.298  1.00 30.43 ? 85  ASN A C   1 
ATOM   450  O O   . ASN A 1 58  ? -10.436 -3.599  0.607   1.00 31.71 ? 85  ASN A O   1 
ATOM   451  C CB  . ASN A 1 58  ? -9.132  -6.311  0.287   1.00 29.43 ? 85  ASN A CB  1 
ATOM   452  C CG  . ASN A 1 58  ? -8.182  -7.362  -0.196  1.00 35.52 ? 85  ASN A CG  1 
ATOM   453  O OD1 . ASN A 1 58  ? -7.919  -7.475  -1.360  1.00 37.20 ? 85  ASN A OD1 1 
ATOM   454  N ND2 . ASN A 1 58  ? -7.624  -8.109  0.732   1.00 39.81 ? 85  ASN A ND2 1 
ATOM   455  N N   . PRO A 1 59  ? -11.771 -4.610  -0.868  1.00 30.36 ? 86  PRO A N   1 
ATOM   456  C CA  . PRO A 1 59  ? -12.872 -3.868  -0.378  1.00 32.23 ? 86  PRO A CA  1 
ATOM   457  C C   . PRO A 1 59  ? -13.227 -4.206  1.084   1.00 29.77 ? 86  PRO A C   1 
ATOM   458  O O   . PRO A 1 59  ? -12.959 -5.342  1.583   1.00 32.13 ? 86  PRO A O   1 
ATOM   459  C CB  . PRO A 1 59  ? -14.046 -4.296  -1.275  1.00 36.05 ? 86  PRO A CB  1 
ATOM   460  C CG  . PRO A 1 59  ? -13.537 -5.278  -2.212  1.00 39.12 ? 86  PRO A CG  1 
ATOM   461  C CD  . PRO A 1 59  ? -12.041 -5.242  -2.168  1.00 34.96 ? 86  PRO A CD  1 
ATOM   462  N N   . THR A 1 60  ? -13.670 -3.176  1.801   1.00 29.64 ? 87  THR A N   1 
ATOM   463  C CA  . THR A 1 60  ? -14.106 -3.353  3.196   1.00 32.81 ? 87  THR A CA  1 
ATOM   464  C C   . THR A 1 60  ? -15.510 -2.814  3.298   1.00 34.69 ? 87  THR A C   1 
ATOM   465  O O   . THR A 1 60  ? -16.064 -2.157  2.378   1.00 28.57 ? 87  THR A O   1 
ATOM   466  C CB  . THR A 1 60  ? -13.135 -2.707  4.233   1.00 32.20 ? 87  THR A CB  1 
ATOM   467  O OG1 . THR A 1 60  ? -13.147 -1.290  4.031   1.00 31.45 ? 87  THR A OG1 1 
ATOM   468  C CG2 . THR A 1 60  ? -11.736 -3.185  4.078   1.00 36.75 ? 87  THR A CG2 1 
ATOM   469  N N   . ALA A 1 61  ? -16.110 -3.089  4.465   1.00 39.20 ? 88  ALA A N   1 
ATOM   470  C CA  . ALA A 1 61  ? -17.483 -2.673  4.730   1.00 40.23 ? 88  ALA A CA  1 
ATOM   471  C C   . ALA A 1 61  ? -17.632 -1.151  4.621   1.00 37.22 ? 88  ALA A C   1 
ATOM   472  O O   . ALA A 1 61  ? -18.594 -0.630  4.022   1.00 39.08 ? 88  ALA A O   1 
ATOM   473  C CB  . ALA A 1 61  ? -17.877 -3.145  6.133   1.00 41.88 ? 88  ALA A CB  1 
ATOM   474  N N   . GLY A 1 62  ? -16.651 -0.438  5.163   1.00 31.47 ? 89  GLY A N   1 
ATOM   475  C CA  . GLY A 1 62  ? -16.663 1.025   5.161   1.00 28.43 ? 89  GLY A CA  1 
ATOM   476  C C   . GLY A 1 62  ? -15.883 1.788   4.078   1.00 26.80 ? 89  GLY A C   1 
ATOM   477  O O   . GLY A 1 62  ? -15.901 2.997   4.051   1.00 29.28 ? 89  GLY A O   1 
ATOM   478  N N   . CYS A 1 63  ? -15.154 1.056   3.254   1.00 27.30 ? 90  CYS A N   1 
ATOM   479  C CA  . CYS A 1 63  ? -14.360 1.651   2.162   1.00 29.54 ? 90  CYS A CA  1 
ATOM   480  C C   . CYS A 1 63  ? -14.294 0.719   0.977   1.00 26.31 ? 90  CYS A C   1 
ATOM   481  O O   . CYS A 1 63  ? -13.564 -0.267  0.957   1.00 28.94 ? 90  CYS A O   1 
ATOM   482  C CB  . CYS A 1 63  ? -13.003 2.037   2.709   1.00 27.52 ? 90  CYS A CB  1 
ATOM   483  S SG  . CYS A 1 63  ? -12.100 2.967   1.418   1.00 31.79 ? 90  CYS A SG  1 
ATOM   484  N N   . ALA A 1 64  ? -15.121 1.000   -0.012  1.00 28.32 ? 91  ALA A N   1 
ATOM   485  C CA  . ALA A 1 64  ? -15.421 0.052   -1.075  1.00 33.58 ? 91  ALA A CA  1 
ATOM   486  C C   . ALA A 1 64  ? -14.190 -0.297  -1.904  1.00 37.82 ? 91  ALA A C   1 
ATOM   487  O O   . ALA A 1 64  ? -13.922 -1.482  -2.215  1.00 39.65 ? 91  ALA A O   1 
ATOM   488  C CB  . ALA A 1 64  ? -16.534 0.586   -2.028  1.00 35.73 ? 91  ALA A CB  1 
ATOM   489  N N   . SER A 1 65  ? -13.412 0.712   -2.237  1.00 35.24 ? 92  SER A N   1 
ATOM   490  C CA  . SER A 1 65  ? -12.172 0.411   -2.977  1.00 35.74 ? 92  SER A CA  1 
ATOM   491  C C   . SER A 1 65  ? -11.300 1.639   -3.004  1.00 28.64 ? 92  SER A C   1 
ATOM   492  O O   . SER A 1 65  ? -11.780 2.712   -3.310  1.00 33.42 ? 92  SER A O   1 
ATOM   493  C CB  . SER A 1 65  ? -12.464 0.013   -4.433  1.00 40.26 ? 92  SER A CB  1 
ATOM   494  O OG  . SER A 1 65  ? -11.227 0.002   -5.158  1.00 41.64 ? 92  SER A OG  1 
ATOM   495  N N   . LEU A 1 66  ? -10.029 1.459   -2.708  1.00 25.13 ? 93  LEU A N   1 
ATOM   496  C CA  . LEU A 1 66  ? -9.052  2.530   -2.906  1.00 20.63 ? 93  LEU A CA  1 
ATOM   497  C C   . LEU A 1 66  ? -8.204  2.281   -4.168  1.00 21.40 ? 93  LEU A C   1 
ATOM   498  O O   . LEU A 1 66  ? -7.226  3.051   -4.373  1.00 19.84 ? 93  LEU A O   1 
ATOM   499  C CB  . LEU A 1 66  ? -8.106  2.547   -1.724  1.00 21.42 ? 93  LEU A CB  1 
ATOM   500  C CG  . LEU A 1 66  ? -8.732  2.872   -0.339  1.00 22.85 ? 93  LEU A CG  1 
ATOM   501  C CD1 . LEU A 1 66  ? -7.810  2.557   0.795   1.00 24.46 ? 93  LEU A CD1 1 
ATOM   502  C CD2 . LEU A 1 66  ? -9.069  4.322   -0.344  1.00 24.95 ? 93  LEU A CD2 1 
ATOM   503  N N   . ALA A 1 67  ? -8.526  1.238   -4.928  1.00 23.43 ? 94  ALA A N   1 
ATOM   504  C CA  . ALA A 1 67  ? -7.628  0.786   -6.011  1.00 26.40 ? 94  ALA A CA  1 
ATOM   505  C C   . ALA A 1 67  ? -7.356  1.820   -7.073  1.00 25.25 ? 94  ALA A C   1 
ATOM   506  O O   . ALA A 1 67  ? -6.300  1.782   -7.681  1.00 24.31 ? 94  ALA A O   1 
ATOM   507  C CB  . ALA A 1 67  ? -8.172  -0.495  -6.655  1.00 29.32 ? 94  ALA A CB  1 
ATOM   508  N N   . LYS A 1 68  ? -8.257  2.768   -7.289  1.00 22.64 ? 95  LYS A N   1 
ATOM   509  C CA  . LYS A 1 68  ? -8.065  3.830   -8.243  1.00 22.74 ? 95  LYS A CA  1 
ATOM   510  C C   . LYS A 1 68  ? -7.331  5.074   -7.734  1.00 21.62 ? 95  LYS A C   1 
ATOM   511  O O   . LYS A 1 68  ? -7.023  6.033   -8.464  1.00 24.71 ? 95  LYS A O   1 
ATOM   512  C CB  . LYS A 1 68  ? -9.405  4.220   -8.878  1.00 31.82 ? 95  LYS A CB  1 
ATOM   513  C CG  . LYS A 1 68  ? -9.862  3.180   -9.874  1.00 38.02 ? 95  LYS A CG  1 
ATOM   514  C CD  . LYS A 1 68  ? -10.760 3.777   -10.952 1.00 48.91 ? 95  LYS A CD  1 
ATOM   515  C CE  . LYS A 1 68  ? -10.683 2.903   -12.202 1.00 55.32 ? 95  LYS A CE  1 
ATOM   516  N NZ  . LYS A 1 68  ? -12.024 2.350   -12.534 1.00 65.12 ? 95  LYS A NZ  1 
ATOM   517  N N   . GLU A 1 69  ? -7.031  5.136   -6.448  1.00 18.95 ? 96  GLU A N   1 
ATOM   518  C CA  . GLU A 1 69  ? -6.302  6.242   -5.934  1.00 18.85 ? 96  GLU A CA  1 
ATOM   519  C C   . GLU A 1 69  ? -4.822  6.194   -6.359  1.00 17.76 ? 96  GLU A C   1 
ATOM   520  O O   . GLU A 1 69  ? -4.209  5.094   -6.449  1.00 17.03 ? 96  GLU A O   1 
ATOM   521  C CB  . GLU A 1 69  ? -6.305  6.260   -4.410  1.00 20.55 ? 96  GLU A CB  1 
ATOM   522  C CG  . GLU A 1 69  ? -7.725  6.387   -3.772  1.00 22.45 ? 96  GLU A CG  1 
ATOM   523  C CD  . GLU A 1 69  ? -8.436  7.704   -4.171  1.00 26.54 ? 96  GLU A CD  1 
ATOM   524  O OE1 . GLU A 1 69  ? -7.721  8.686   -4.282  1.00 27.33 ? 96  GLU A OE1 1 
ATOM   525  O OE2 . GLU A 1 69  ? -9.703  7.728   -4.249  1.00 30.65 ? 96  GLU A OE2 1 
ATOM   526  N N   . MET A 1 70  ? -4.216  7.357   -6.481  1.00 18.14 ? 97  MET A N   1 
ATOM   527  C CA  . MET A 1 70  ? -2.812  7.410   -6.935  1.00 20.33 ? 97  MET A CA  1 
ATOM   528  C C   . MET A 1 70  ? -1.887  6.628   -6.021  1.00 18.09 ? 97  MET A C   1 
ATOM   529  O O   . MET A 1 70  ? -1.018  5.847   -6.534  1.00 16.94 ? 97  MET A O   1 
ATOM   530  C CB  . MET A 1 70  ? -2.278  8.833   -7.180  1.00 21.07 ? 97  MET A CB  1 
ATOM   531  C CG  . MET A 1 70  ? -0.949  8.864   -7.873  1.00 24.74 ? 97  MET A CG  1 
ATOM   532  S SD  . MET A 1 70  ? -0.748  7.944   -9.432  1.00 27.93 ? 97  MET A SD  1 
ATOM   533  C CE  . MET A 1 70  ? -1.767  8.826   -10.587 1.00 34.84 ? 97  MET A CE  1 
ATOM   534  N N   . PHE A 1 71  ? -2.051  6.752   -4.708  1.00 17.64 ? 98  PHE A N   1 
ATOM   535  C CA  . PHE A 1 71  ? -1.124  6.026   -3.853  1.00 17.95 ? 98  PHE A CA  1 
ATOM   536  C C   . PHE A 1 71  ? -1.234  4.488   -4.081  1.00 18.00 ? 98  PHE A C   1 
ATOM   537  O O   . PHE A 1 71  ? -0.219  3.771   -3.972  1.00 16.81 ? 98  PHE A O   1 
ATOM   538  C CB  . PHE A 1 71  ? -1.287  6.362   -2.335  1.00 18.45 ? 98  PHE A CB  1 
ATOM   539  C CG  . PHE A 1 71  ? -2.565  5.818   -1.686  1.00 19.99 ? 98  PHE A CG  1 
ATOM   540  C CD1 . PHE A 1 71  ? -2.621  4.532   -1.186  1.00 21.13 ? 98  PHE A CD1 1 
ATOM   541  C CD2 . PHE A 1 71  ? -3.691  6.625   -1.581  1.00 21.73 ? 98  PHE A CD2 1 
ATOM   542  C CE1 . PHE A 1 71  ? -3.817  4.077   -0.632  1.00 22.61 ? 98  PHE A CE1 1 
ATOM   543  C CE2 . PHE A 1 71  ? -4.893  6.141   -1.059  1.00 23.82 ? 98  PHE A CE2 1 
ATOM   544  C CZ  . PHE A 1 71  ? -4.938  4.851   -0.642  1.00 21.07 ? 98  PHE A CZ  1 
ATOM   545  N N   . ALA A 1 72  ? -2.418  4.029   -4.349  1.00 17.33 ? 99  ALA A N   1 
ATOM   546  C CA  . ALA A 1 72  ? -2.673  2.626   -4.587  1.00 16.19 ? 99  ALA A CA  1 
ATOM   547  C C   . ALA A 1 72  ? -2.114  2.191   -5.890  1.00 15.38 ? 99  ALA A C   1 
ATOM   548  O O   . ALA A 1 72  ? -1.529  1.098   -6.002  1.00 16.23 ? 99  ALA A O   1 
ATOM   549  C CB  . ALA A 1 72  ? -4.180  2.325   -4.526  1.00 17.79 ? 99  ALA A CB  1 
ATOM   550  N N   . MET A 1 73  ? -2.303  3.013   -6.923  1.00 15.69 ? 100 MET A N   1 
ATOM   551  C CA  . MET A 1 73  ? -1.728  2.665   -8.218  1.00 14.95 ? 100 MET A CA  1 
ATOM   552  C C   . MET A 1 73  ? -0.192  2.569   -8.174  1.00 13.69 ? 100 MET A C   1 
ATOM   553  O O   . MET A 1 73  ? 0.458   1.759   -8.897  1.00 14.93 ? 100 MET A O   1 
ATOM   554  C CB  . MET A 1 73  ? -2.221  3.657   -9.305  1.00 16.40 ? 100 MET A CB  1 
ATOM   555  C CG  . MET A 1 73  ? -3.712  3.526   -9.443  1.00 18.16 ? 100 MET A CG  1 
ATOM   556  S SD  . MET A 1 73  ? -4.398  4.340   -10.878 1.00 24.80 ? 100 MET A SD  1 
ATOM   557  C CE  . MET A 1 73  ? -3.881  5.869   -10.536 1.00 21.11 ? 100 MET A CE  1 
ATOM   558  N N   . LYS A 1 74  ? 0.411   3.488   -7.443  1.00 13.43 ? 101 LYS A N   1 
ATOM   559  C CA  . LYS A 1 74  ? 1.846   3.443   -7.241  1.00 15.23 ? 101 LYS A CA  1 
ATOM   560  C C   . LYS A 1 74  ? 2.323   2.270   -6.390  1.00 15.55 ? 101 LYS A C   1 
ATOM   561  O O   . LYS A 1 74  ? 3.394   1.675   -6.675  1.00 15.14 ? 101 LYS A O   1 
ATOM   562  C CB  . LYS A 1 74  ? 2.316   4.695   -6.613  1.00 15.18 ? 101 LYS A CB  1 
ATOM   563  C CG  . LYS A 1 74  ? 2.188   5.924   -7.517  1.00 14.95 ? 101 LYS A CG  1 
ATOM   564  C CD  . LYS A 1 74  ? 2.675   7.195   -6.838  1.00 16.96 ? 101 LYS A CD  1 
ATOM   565  C CE  . LYS A 1 74  ? 2.880   8.332   -7.842  1.00 18.70 ? 101 LYS A CE  1 
ATOM   566  N NZ  . LYS A 1 74  ? 3.159   9.609   -7.100  1.00 22.30 ? 101 LYS A NZ  1 
ATOM   567  N N   . THR A 1 75  ? 1.539   1.913   -5.334  1.00 14.74 ? 102 THR A N   1 
ATOM   568  C CA  . THR A 1 75  ? 1.837   0.723   -4.562  1.00 15.96 ? 102 THR A CA  1 
ATOM   569  C C   . THR A 1 75  ? 1.829   -0.514  -5.450  1.00 14.99 ? 102 THR A C   1 
ATOM   570  O O   . THR A 1 75  ? 2.697   -1.368  -5.413  1.00 14.31 ? 102 THR A O   1 
ATOM   571  C CB  . THR A 1 75  ? 0.806   0.581   -3.411  1.00 15.13 ? 102 THR A CB  1 
ATOM   572  O OG1 . THR A 1 75  ? 0.926   1.713   -2.501  1.00 16.59 ? 102 THR A OG1 1 
ATOM   573  C CG2 . THR A 1 75  ? 1.017   -0.685  -2.591  1.00 16.20 ? 102 THR A CG2 1 
ATOM   574  N N   . LYS A 1 76  ? 0.787   -0.627  -6.259  1.00 13.97 ? 103 LYS A N   1 
ATOM   575  C CA  . LYS A 1 76  ? 0.675   -1.788  -7.153  1.00 14.37 ? 103 LYS A CA  1 
ATOM   576  C C   . LYS A 1 76  ? 1.870   -1.939  -8.075  1.00 14.34 ? 103 LYS A C   1 
ATOM   577  O O   . LYS A 1 76  ? 2.399   -3.034  -8.255  1.00 14.72 ? 103 LYS A O   1 
ATOM   578  C CB  . LYS A 1 76  ? -0.642  -1.661  -7.983  1.00 16.25 ? 103 LYS A CB  1 
ATOM   579  C CG  . LYS A 1 76  ? -0.939  -2.984  -8.710  1.00 17.17 ? 103 LYS A CG  1 
ATOM   580  C CD  . LYS A 1 76  ? -2.325  -2.827  -9.305  1.00 18.88 ? 103 LYS A CD  1 
ATOM   581  C CE  . LYS A 1 76  ? -2.805  -4.157  -9.934  1.00 22.11 ? 103 LYS A CE  1 
ATOM   582  N NZ  . LYS A 1 76  ? -4.200  -4.037  -10.458 1.00 20.43 ? 103 LYS A NZ  1 
ATOM   583  N N   . ALA A 1 77  ? 2.340   -0.814  -8.638  1.00 14.00 ? 104 ALA A N   1 
ATOM   584  C CA  . ALA A 1 77  ? 3.469   -0.783  -9.549  1.00 13.95 ? 104 ALA A CA  1 
ATOM   585  C C   . ALA A 1 77  ? 4.710   -1.216  -8.778  1.00 14.66 ? 104 ALA A C   1 
ATOM   586  O O   . ALA A 1 77  ? 5.488   -2.014  -9.304  1.00 16.44 ? 104 ALA A O   1 
ATOM   587  C CB  . ALA A 1 77  ? 3.645   0.586   -10.230 1.00 15.85 ? 104 ALA A CB  1 
ATOM   588  N N   . ALA A 1 78  ? 4.905   -0.712  -7.575  1.00 14.47 ? 105 ALA A N   1 
ATOM   589  C CA  . ALA A 1 78  ? 6.101   -1.057  -6.793  1.00 14.82 ? 105 ALA A CA  1 
ATOM   590  C C   . ALA A 1 78  ? 6.154   -2.547  -6.487  1.00 14.24 ? 105 ALA A C   1 
ATOM   591  O O   . ALA A 1 78  ? 7.187   -3.164  -6.609  1.00 15.67 ? 105 ALA A O   1 
ATOM   592  C CB  . ALA A 1 78  ? 6.209   -0.179  -5.530  1.00 15.68 ? 105 ALA A CB  1 
ATOM   593  N N   . LEU A 1 79  ? 5.026   -3.091  -6.098  1.00 13.58 ? 106 LEU A N   1 
ATOM   594  C CA  . LEU A 1 79  ? 4.932   -4.548  -5.846  1.00 15.91 ? 106 LEU A CA  1 
ATOM   595  C C   . LEU A 1 79  ? 5.152   -5.363  -7.143  1.00 14.61 ? 106 LEU A C   1 
ATOM   596  O O   . LEU A 1 79  ? 5.873   -6.372  -7.135  1.00 15.54 ? 106 LEU A O   1 
ATOM   597  C CB  . LEU A 1 79  ? 3.644   -4.883  -5.166  1.00 15.44 ? 106 LEU A CB  1 
ATOM   598  C CG  . LEU A 1 79  ? 3.361   -4.194  -3.857  1.00 17.61 ? 106 LEU A CG  1 
ATOM   599  C CD1 . LEU A 1 79  ? 1.985   -4.496  -3.316  1.00 19.61 ? 106 LEU A CD1 1 
ATOM   600  C CD2 . LEU A 1 79  ? 4.447   -4.498  -2.830  1.00 19.44 ? 106 LEU A CD2 1 
ATOM   601  N N   . ALA A 1 80  ? 4.601   -4.885  -8.261  1.00 15.08 ? 107 ALA A N   1 
ATOM   602  C CA  . ALA A 1 80  ? 4.806   -5.532  -9.520  1.00 13.69 ? 107 ALA A CA  1 
ATOM   603  C C   . ALA A 1 80  ? 6.271   -5.578  -9.942  1.00 16.85 ? 107 ALA A C   1 
ATOM   604  O O   . ALA A 1 80  ? 6.755   -6.541  -10.569 1.00 17.24 ? 107 ALA A O   1 
ATOM   605  C CB  . ALA A 1 80  ? 3.966   -4.881  -10.522 1.00 14.77 ? 107 ALA A CB  1 
ATOM   606  N N   . ILE A 1 81  ? 7.002   -4.516  -9.645  1.00 15.27 ? 108 ILE A N   1 
ATOM   607  C CA  . ILE A 1 81  ? 8.388   -4.455  -10.064 1.00 15.46 ? 108 ILE A CA  1 
ATOM   608  C C   . ILE A 1 81  ? 9.318   -5.238  -9.121  1.00 14.56 ? 108 ILE A C   1 
ATOM   609  O O   . ILE A 1 81  ? 10.185  -6.066  -9.558  1.00 17.49 ? 108 ILE A O   1 
ATOM   610  C CB  . ILE A 1 81  ? 8.910   -3.020  -10.093 1.00 15.48 ? 108 ILE A CB  1 
ATOM   611  C CG1 . ILE A 1 81  ? 8.147   -2.207  -11.150 1.00 16.53 ? 108 ILE A CG1 1 
ATOM   612  C CG2 . ILE A 1 81  ? 10.415  -2.983  -10.332 1.00 17.60 ? 108 ILE A CG2 1 
ATOM   613  C CD1 . ILE A 1 81  ? 8.407   -0.720  -11.087 1.00 18.86 ? 108 ILE A CD1 1 
ATOM   614  N N   . TRP A 1 82  ? 9.095   -5.103  -7.834  1.00 14.83 ? 109 TRP A N   1 
ATOM   615  C CA  . TRP A 1 82  ? 10.036  -5.575  -6.838  1.00 16.13 ? 109 TRP A CA  1 
ATOM   616  C C   . TRP A 1 82  ? 9.650   -6.794  -6.089  1.00 17.17 ? 109 TRP A C   1 
ATOM   617  O O   . TRP A 1 82  ? 10.431  -7.265  -5.247  1.00 18.68 ? 109 TRP A O   1 
ATOM   618  C CB  . TRP A 1 82  ? 10.409  -4.413  -5.879  1.00 16.46 ? 109 TRP A CB  1 
ATOM   619  C CG  . TRP A 1 82  ? 11.254  -3.402  -6.607  1.00 17.86 ? 109 TRP A CG  1 
ATOM   620  C CD1 . TRP A 1 82  ? 12.539  -3.602  -7.154  1.00 20.10 ? 109 TRP A CD1 1 
ATOM   621  C CD2 . TRP A 1 82  ? 10.927  -2.042  -6.941  1.00 18.20 ? 109 TRP A CD2 1 
ATOM   622  N NE1 . TRP A 1 82  ? 13.003  -2.475  -7.770  1.00 19.50 ? 109 TRP A NE1 1 
ATOM   623  C CE2 . TRP A 1 82  ? 12.051  -1.498  -7.669  1.00 20.35 ? 109 TRP A CE2 1 
ATOM   624  C CE3 . TRP A 1 82  ? 9.851   -1.236  -6.700  1.00 17.21 ? 109 TRP A CE3 1 
ATOM   625  C CZ2 . TRP A 1 82  ? 12.046  -0.174  -8.172  1.00 22.32 ? 109 TRP A CZ2 1 
ATOM   626  C CZ3 . TRP A 1 82  ? 9.862   0.067   -7.210  1.00 17.22 ? 109 TRP A CZ3 1 
ATOM   627  C CH2 . TRP A 1 82  ? 10.939  0.574   -7.918  1.00 20.45 ? 109 TRP A CH2 1 
ATOM   628  N N   . CYS A 1 83  ? 8.497   -7.385  -6.368  1.00 17.86 ? 110 CYS A N   1 
ATOM   629  C CA  . CYS A 1 83  ? 8.065   -8.686  -5.722  1.00 16.61 ? 110 CYS A CA  1 
ATOM   630  C C   . CYS A 1 83  ? 7.930   -9.766  -6.786  1.00 18.48 ? 110 CYS A C   1 
ATOM   631  O O   . CYS A 1 83  ? 7.002   -9.739  -7.573  1.00 17.78 ? 110 CYS A O   1 
ATOM   632  C CB  . CYS A 1 83  ? 6.737   -8.483  -5.028  1.00 18.52 ? 110 CYS A CB  1 
ATOM   633  S SG  . CYS A 1 83  ? 6.794   -7.400  -3.545  1.00 21.31 ? 110 CYS A SG  1 
ATOM   634  N N   . PRO A 1 84  ? 8.878   -10.675 -6.887  1.00 18.22 ? 111 PRO A N   1 
ATOM   635  C CA  . PRO A 1 84  ? 8.816   -11.679 -7.912  1.00 20.87 ? 111 PRO A CA  1 
ATOM   636  C C   . PRO A 1 84  ? 7.589   -12.553 -7.840  1.00 19.09 ? 111 PRO A C   1 
ATOM   637  O O   . PRO A 1 84  ? 7.212   -13.062 -6.780  1.00 20.33 ? 111 PRO A O   1 
ATOM   638  C CB  . PRO A 1 84  ? 10.091  -12.514 -7.679  1.00 24.87 ? 111 PRO A CB  1 
ATOM   639  C CG  . PRO A 1 84  ? 10.952  -11.701 -6.810  1.00 29.57 ? 111 PRO A CG  1 
ATOM   640  C CD  . PRO A 1 84  ? 10.044  -10.861 -5.983  1.00 22.80 ? 111 PRO A CD  1 
ATOM   641  N N   . GLY A 1 85  ? 6.863   -12.560 -8.905  1.00 19.00 ? 112 GLY A N   1 
ATOM   642  C CA  . GLY A 1 85  ? 5.643   -13.318 -8.942  1.00 19.90 ? 112 GLY A CA  1 
ATOM   643  C C   . GLY A 1 85  ? 4.356   -12.571 -8.560  1.00 16.97 ? 112 GLY A C   1 
ATOM   644  O O   . GLY A 1 85  ? 3.266   -13.112 -8.698  1.00 18.52 ? 112 GLY A O   1 
ATOM   645  N N   . TYR A 1 86  ? 4.471   -11.324 -8.100  1.00 15.20 ? 113 TYR A N   1 
ATOM   646  C CA  . TYR A 1 86  ? 3.310   -10.583 -7.688  1.00 16.32 ? 113 TYR A CA  1 
ATOM   647  C C   . TYR A 1 86  ? 2.403   -10.294 -8.875  1.00 16.83 ? 113 TYR A C   1 
ATOM   648  O O   . TYR A 1 86  ? 1.166   -10.527 -8.790  1.00 17.97 ? 113 TYR A O   1 
ATOM   649  C CB  . TYR A 1 86  ? 3.732   -9.301  -7.000  1.00 15.12 ? 113 TYR A CB  1 
ATOM   650  C CG  . TYR A 1 86  ? 2.582   -8.454  -6.608  1.00 17.36 ? 113 TYR A CG  1 
ATOM   651  C CD1 . TYR A 1 86  ? 1.860   -8.717  -5.466  1.00 17.68 ? 113 TYR A CD1 1 
ATOM   652  C CD2 . TYR A 1 86  ? 2.210   -7.377  -7.392  1.00 19.14 ? 113 TYR A CD2 1 
ATOM   653  C CE1 . TYR A 1 86  ? 0.814   -7.875  -5.098  1.00 22.11 ? 113 TYR A CE1 1 
ATOM   654  C CE2 . TYR A 1 86  ? 1.160   -6.519  -7.022  1.00 19.81 ? 113 TYR A CE2 1 
ATOM   655  C CZ  . TYR A 1 86  ? 0.459   -6.799  -5.874  1.00 19.91 ? 113 TYR A CZ  1 
ATOM   656  O OH  . TYR A 1 86  ? -0.534  -5.907  -5.487  1.00 23.13 ? 113 TYR A OH  1 
ATOM   657  N N   . SER A 1 87  ? 2.952   -9.822  -9.972  1.00 15.12 ? 114 SER A N   1 
ATOM   658  C CA  . SER A 1 87  ? 2.111   -9.430  -11.101 1.00 17.54 ? 114 SER A CA  1 
ATOM   659  C C   . SER A 1 87  ? 1.214   -10.559 -11.646 1.00 17.24 ? 114 SER A C   1 
ATOM   660  O O   . SER A 1 87  ? 0.080   -10.315 -11.909 1.00 19.43 ? 114 SER A O   1 
ATOM   661  C CB  . SER A 1 87  ? 2.954   -9.035  -12.270 1.00 21.31 ? 114 SER A CB  1 
ATOM   662  O OG  . SER A 1 87  ? 3.587   -7.872  -11.927 1.00 26.82 ? 114 SER A OG  1 
ATOM   663  N N   . GLU A 1 88  ? 1.746   -11.776 -11.546 1.00 17.08 ? 115 GLU A N   1 
ATOM   664  C CA  . GLU A 1 88  ? 0.960   -12.959 -12.013 1.00 18.99 ? 115 GLU A CA  1 
ATOM   665  C C   . GLU A 1 88  ? -0.282  -13.138 -11.216 1.00 21.84 ? 115 GLU A C   1 
ATOM   666  O O   . GLU A 1 88  ? -1.256  -13.675 -11.700 1.00 23.11 ? 115 GLU A O   1 
ATOM   667  C CB  . GLU A 1 88  ? 1.837   -14.200 -11.941 1.00 18.97 ? 115 GLU A CB  1 
ATOM   668  C CG  . GLU A 1 88  ? 2.881   -14.188 -13.013 1.00 22.17 ? 115 GLU A CG  1 
ATOM   669  C CD  . GLU A 1 88  ? 4.211   -13.657 -12.548 1.00 25.09 ? 115 GLU A CD  1 
ATOM   670  O OE1 . GLU A 1 88  ? 4.325   -12.602 -11.860 1.00 22.61 ? 115 GLU A OE1 1 
ATOM   671  O OE2 . GLU A 1 88  ? 5.276   -14.294 -12.912 1.00 26.86 ? 115 GLU A OE2 1 
ATOM   672  N N   . THR A 1 89  ? -0.251  -12.805 -9.953  1.00 18.37 ? 116 THR A N   1 
ATOM   673  C CA  . THR A 1 89  ? -1.377  -12.993 -9.051  1.00 20.06 ? 116 THR A CA  1 
ATOM   674  C C   . THR A 1 89  ? -2.458  -11.923 -9.287  1.00 22.67 ? 116 THR A C   1 
ATOM   675  O O   . THR A 1 89  ? -3.586  -12.087 -8.811  1.00 22.65 ? 116 THR A O   1 
ATOM   676  C CB  . THR A 1 89  ? -0.975  -13.026 -7.566  1.00 21.77 ? 116 THR A CB  1 
ATOM   677  O OG1 . THR A 1 89  ? -0.649  -11.690 -7.184  1.00 20.98 ? 116 THR A OG1 1 
ATOM   678  C CG2 . THR A 1 89  ? 0.183   -13.987 -7.310  1.00 22.60 ? 116 THR A CG2 1 
ATOM   679  N N   . GLN A 1 90  ? -2.137  -10.830 -9.946  1.00 22.80 ? 117 GLN A N   1 
ATOM   680  C CA  . GLN A 1 90  ? -3.088  -9.729  -10.202 1.00 22.72 ? 117 GLN A CA  1 
ATOM   681  C C   . GLN A 1 90  ? -3.767  -9.770  -11.487 1.00 27.33 ? 117 GLN A C   1 
ATOM   682  O O   . GLN A 1 90  ? -4.622  -8.916  -11.716 1.00 33.94 ? 117 GLN A O   1 
ATOM   683  C CB  . GLN A 1 90  ? -2.258  -8.392  -10.105 1.00 25.74 ? 117 GLN A CB  1 
ATOM   684  C CG  . GLN A 1 90  ? -1.629  -8.301  -8.769  1.00 25.84 ? 117 GLN A CG  1 
ATOM   685  C CD  . GLN A 1 90  ? -2.581  -8.269  -7.696  1.00 31.08 ? 117 GLN A CD  1 
ATOM   686  O OE1 . GLN A 1 90  ? -3.494  -7.429  -7.727  1.00 40.70 ? 117 GLN A OE1 1 
ATOM   687  N NE2 . GLN A 1 90  ? -2.477  -9.164  -6.762  1.00 31.45 ? 117 GLN A NE2 1 
ATOM   688  N N   . ILE A 1 91  ? -3.475  -10.735 -12.385 1.00 23.75 ? 118 ILE A N   1 
ATOM   689  C CA  . ILE A 1 91  ? -4.141  -10.753 -13.673 1.00 24.02 ? 118 ILE A CA  1 
ATOM   690  C C   . ILE A 1 91  ? -5.610  -11.029 -13.626 1.00 34.72 ? 118 ILE A C   1 
ATOM   691  O O   . ILE A 1 91  ? -6.365  -10.451 -14.402 1.00 38.43 ? 118 ILE A O   1 
ATOM   692  C CB  . ILE A 1 91  ? -3.471  -11.795 -14.611 1.00 25.68 ? 118 ILE A CB  1 
ATOM   693  C CG1 . ILE A 1 91  ? -2.081  -11.338 -14.879 1.00 30.74 ? 118 ILE A CG1 1 
ATOM   694  C CG2 . ILE A 1 91  ? -4.313  -12.046 -15.906 1.00 31.23 ? 118 ILE A CG2 1 
ATOM   695  C CD1 . ILE A 1 91  ? -1.255  -12.354 -15.632 1.00 31.33 ? 118 ILE A CD1 1 
ATOM   696  N N   . ASN A 1 92  ? -6.013  -11.903 -12.750 1.00 33.33 ? 119 ASN A N   1 
ATOM   697  C CA  . ASN A 1 92  ? -7.474  -12.118 -12.580 1.00 47.29 ? 119 ASN A CA  1 
ATOM   698  C C   . ASN A 1 92  ? -8.190  -11.149 -11.626 1.00 49.60 ? 119 ASN A C   1 
ATOM   699  O O   . ASN A 1 92  ? -7.542  -10.434 -10.858 1.00 57.12 ? 119 ASN A O   1 
ATOM   700  C CB  . ASN A 1 92  ? -7.706  -13.537 -12.130 1.00 44.82 ? 119 ASN A CB  1 
ATOM   701  C CG  . ASN A 1 92  ? -8.786  -14.230 -12.950 1.00 52.65 ? 119 ASN A CG  1 
ATOM   702  O OD1 . ASN A 1 92  ? -9.317  -13.729 -14.000 1.00 45.82 ? 119 ASN A OD1 1 
ATOM   703  N ND2 . ASN A 1 92  ? -9.101  -15.398 -12.501 1.00 43.59 ? 119 ASN A ND2 1 
ATOM   704  N N   . THR A 1 106 ? -19.609 2.842   -0.584  1.00 54.60 ? 133 THR A N   1 
ATOM   705  C CA  . THR A 1 106 ? -19.332 3.206   0.833   1.00 56.53 ? 133 THR A CA  1 
ATOM   706  C C   . THR A 1 106 ? -17.908 3.807   1.041   1.00 43.69 ? 133 THR A C   1 
ATOM   707  O O   . THR A 1 106 ? -16.917 3.237   0.551   1.00 40.46 ? 133 THR A O   1 
ATOM   708  C CB  . THR A 1 106 ? -19.482 1.972   1.750   1.00 62.19 ? 133 THR A CB  1 
ATOM   709  O OG1 . THR A 1 106 ? -18.830 0.841   1.136   1.00 66.08 ? 133 THR A OG1 1 
ATOM   710  C CG2 . THR A 1 106 ? -20.956 1.654   2.003   1.00 60.66 ? 133 THR A CG2 1 
ATOM   711  N N   . THR A 1 107 ? -17.811 4.935   1.748   1.00 37.85 ? 134 THR A N   1 
ATOM   712  C CA  . THR A 1 107 ? -16.509 5.627   2.015   1.00 37.29 ? 134 THR A CA  1 
ATOM   713  C C   . THR A 1 107 ? -16.285 6.137   3.437   1.00 33.72 ? 134 THR A C   1 
ATOM   714  O O   . THR A 1 107 ? -15.271 6.797   3.714   1.00 27.65 ? 134 THR A O   1 
ATOM   715  C CB  . THR A 1 107 ? -16.252 6.853   1.109   1.00 40.05 ? 134 THR A CB  1 
ATOM   716  O OG1 . THR A 1 107 ? -17.323 7.766   1.283   1.00 45.27 ? 134 THR A OG1 1 
ATOM   717  C CG2 . THR A 1 107 ? -16.105 6.487   -0.373  1.00 40.05 ? 134 THR A CG2 1 
ATOM   718  N N   . ASN A 1 108 ? -17.166 5.797   4.359   1.00 32.86 ? 135 ASN A N   1 
ATOM   719  C CA  . ASN A 1 108 ? -17.056 6.301   5.710   1.00 31.78 ? 135 ASN A CA  1 
ATOM   720  C C   . ASN A 1 108 ? -15.809 5.848   6.523   1.00 29.91 ? 135 ASN A C   1 
ATOM   721  O O   . ASN A 1 108 ? -15.461 6.460   7.519   1.00 34.42 ? 135 ASN A O   1 
ATOM   722  C CB  . ASN A 1 108 ? -18.336 5.986   6.494   1.00 35.47 ? 135 ASN A CB  1 
ATOM   723  C CG  . ASN A 1 108 ? -18.665 4.485   6.546   1.00 41.09 ? 135 ASN A CG  1 
ATOM   724  O OD1 . ASN A 1 108 ? -19.111 3.873   5.558   1.00 52.83 ? 135 ASN A OD1 1 
ATOM   725  N ND2 . ASN A 1 108 ? -18.497 3.906   7.709   1.00 44.91 ? 135 ASN A ND2 1 
ATOM   726  N N   . LYS A 1 109 ? -15.116 4.806   6.078   1.00 26.23 ? 136 LYS A N   1 
ATOM   727  C CA  . LYS A 1 109 ? -13.909 4.397   6.815   1.00 23.56 ? 136 LYS A CA  1 
ATOM   728  C C   . LYS A 1 109 ? -12.641 4.625   5.935   1.00 24.03 ? 136 LYS A C   1 
ATOM   729  O O   . LYS A 1 109 ? -11.521 4.273   6.361   1.00 22.49 ? 136 LYS A O   1 
ATOM   730  C CB  . LYS A 1 109 ? -13.970 2.906   7.157   1.00 29.43 ? 136 LYS A CB  1 
ATOM   731  C CG  . LYS A 1 109 ? -14.981 2.513   8.219   1.00 33.95 ? 136 LYS A CG  1 
ATOM   732  C CD  . LYS A 1 109 ? -14.682 3.303   9.442   1.00 39.11 ? 136 LYS A CD  1 
ATOM   733  C CE  . LYS A 1 109 ? -15.156 2.594   10.658  1.00 36.64 ? 136 LYS A CE  1 
ATOM   734  N NZ  . LYS A 1 109 ? -14.688 3.384   11.796  1.00 37.04 ? 136 LYS A NZ  1 
ATOM   735  N N   . CYS A 1 110 ? -12.784 5.271   4.768   1.00 25.42 ? 137 CYS A N   1 
ATOM   736  C CA  . CYS A 1 110 ? -11.602 5.388   3.879   1.00 24.91 ? 137 CYS A CA  1 
ATOM   737  C C   . CYS A 1 110 ? -10.483 6.165   4.536   1.00 21.53 ? 137 CYS A C   1 
ATOM   738  O O   . CYS A 1 110 ? -9.332  5.734   4.418   1.00 19.72 ? 137 CYS A O   1 
ATOM   739  C CB  . CYS A 1 110 ? -11.976 6.068   2.575   1.00 27.81 ? 137 CYS A CB  1 
ATOM   740  S SG  . CYS A 1 110 ? -12.987 4.976   1.489   1.00 32.66 ? 137 CYS A SG  1 
ATOM   741  N N   . LEU A 1 111 ? -10.761 7.310   5.169   1.00 19.97 ? 138 LEU A N   1 
ATOM   742  C CA  . LEU A 1 111 ? -9.673  8.055   5.859   1.00 20.78 ? 138 LEU A CA  1 
ATOM   743  C C   . LEU A 1 111 ? -9.065  7.236   6.976   1.00 21.22 ? 138 LEU A C   1 
ATOM   744  O O   . LEU A 1 111 ? -7.851  7.231   7.100   1.00 19.94 ? 138 LEU A O   1 
ATOM   745  C CB  . LEU A 1 111 ? -10.108 9.386   6.489   1.00 24.65 ? 138 LEU A CB  1 
ATOM   746  C CG  . LEU A 1 111 ? -10.430 10.478  5.510   1.00 30.64 ? 138 LEU A CG  1 
ATOM   747  C CD1 . LEU A 1 111 ? -11.092 11.623  6.262   1.00 30.48 ? 138 LEU A CD1 1 
ATOM   748  C CD2 . LEU A 1 111 ? -9.222  10.961  4.803   1.00 26.93 ? 138 LEU A CD2 1 
ATOM   749  N N   . GLU A 1 112 ? -9.905  6.546   7.768   1.00 20.57 ? 139 GLU A N   1 
ATOM   750  C CA  . GLU A 1 112 ? -9.321  5.717   8.840   1.00 24.36 ? 139 GLU A CA  1 
ATOM   751  C C   . GLU A 1 112 ? -8.384  4.683   8.254   1.00 20.15 ? 139 GLU A C   1 
ATOM   752  O O   . GLU A 1 112 ? -7.248  4.424   8.787   1.00 19.54 ? 139 GLU A O   1 
ATOM   753  C CB  . GLU A 1 112 ? -10.484 5.029   9.620   1.00 26.22 ? 139 GLU A CB  1 
ATOM   754  C CG  . GLU A 1 112 ? -9.968  4.209   10.814  1.00 27.38 ? 139 GLU A CG  1 
ATOM   755  C CD  . GLU A 1 112 ? -10.962 3.303   11.597  1.00 40.11 ? 139 GLU A CD  1 
ATOM   756  O OE1 . GLU A 1 112 ? -11.485 2.292   11.071  1.00 42.33 ? 139 GLU A OE1 1 
ATOM   757  O OE2 . GLU A 1 112 ? -11.079 3.468   12.818  1.00 40.07 ? 139 GLU A OE2 1 
ATOM   758  N N   . GLN A 1 113 ? -8.823  4.082   7.165   1.00 20.86 ? 140 GLN A N   1 
ATOM   759  C CA  . GLN A 1 113 ? -8.057  3.002   6.500   1.00 21.27 ? 140 GLN A CA  1 
ATOM   760  C C   . GLN A 1 113 ? -6.747  3.529   5.980   1.00 20.41 ? 140 GLN A C   1 
ATOM   761  O O   . GLN A 1 113 ? -5.693  2.868   6.164   1.00 19.41 ? 140 GLN A O   1 
ATOM   762  C CB  . GLN A 1 113 ? -8.873  2.375   5.383   1.00 23.90 ? 140 GLN A CB  1 
ATOM   763  C CG  . GLN A 1 113 ? -8.434  1.029   4.962   1.00 31.49 ? 140 GLN A CG  1 
ATOM   764  C CD  . GLN A 1 113 ? -9.534  0.307   4.186   1.00 32.84 ? 140 GLN A CD  1 
ATOM   765  O OE1 . GLN A 1 113 ? -10.698 0.218   4.621   1.00 30.57 ? 140 GLN A OE1 1 
ATOM   766  N NE2 . GLN A 1 113 ? -9.163  -0.185  3.025   1.00 36.32 ? 140 GLN A NE2 1 
ATOM   767  N N   . VAL A 1 114 ? -6.735  4.725   5.384   1.00 17.62 ? 141 VAL A N   1 
ATOM   768  C CA  . VAL A 1 114 ? -5.511  5.271   4.849   1.00 17.99 ? 141 VAL A CA  1 
ATOM   769  C C   . VAL A 1 114 ? -4.524  5.655   5.984   1.00 17.18 ? 141 VAL A C   1 
ATOM   770  O O   . VAL A 1 114 ? -3.321  5.472   5.883   1.00 16.82 ? 141 VAL A O   1 
ATOM   771  C CB  . VAL A 1 114 ? -5.770  6.434   3.805   1.00 19.75 ? 141 VAL A CB  1 
ATOM   772  C CG1 . VAL A 1 114 ? -4.480  7.159   3.410   1.00 19.12 ? 141 VAL A CG1 1 
ATOM   773  C CG2 . VAL A 1 114 ? -6.493  5.840   2.653   1.00 19.51 ? 141 VAL A CG2 1 
ATOM   774  N N   . SER A 1 115 ? -5.080  6.101   7.108   1.00 18.48 ? 142 SER A N   1 
ATOM   775  C CA  . SER A 1 115 ? -4.275  6.424   8.257   1.00 19.29 ? 142 SER A CA  1 
ATOM   776  C C   . SER A 1 115 ? -3.593  5.158   8.810   1.00 16.61 ? 142 SER A C   1 
ATOM   777  O O   . SER A 1 115 ? -2.383  5.176   9.155   1.00 18.63 ? 142 SER A O   1 
ATOM   778  C CB  . SER A 1 115 ? -5.127  7.022   9.363   1.00 19.82 ? 142 SER A CB  1 
ATOM   779  O OG  . SER A 1 115 ? -4.277  7.571   10.331  1.00 23.68 ? 142 SER A OG  1 
ATOM   780  N N   . GLN A 1 116 ? -4.374  4.069   8.852   1.00 16.85 ? 143 GLN A N   1 
ATOM   781  C CA  . GLN A 1 116 ? -3.806  2.742   9.264   1.00 18.26 ? 143 GLN A CA  1 
ATOM   782  C C   . GLN A 1 116 ? -2.709  2.326   8.290   1.00 20.73 ? 143 GLN A C   1 
ATOM   783  O O   . GLN A 1 116 ? -1.667  1.786   8.718   1.00 20.09 ? 143 GLN A O   1 
ATOM   784  C CB  . GLN A 1 116 ? -4.910  1.708   9.379   1.00 21.41 ? 143 GLN A CB  1 
ATOM   785  C CG  . GLN A 1 116 ? -5.811  1.969   10.599  1.00 23.98 ? 143 GLN A CG  1 
ATOM   786  C CD  . GLN A 1 116 ? -7.089  1.209   10.687  1.00 28.20 ? 143 GLN A CD  1 
ATOM   787  O OE1 . GLN A 1 116 ? -7.722  1.211   11.764  1.00 31.96 ? 143 GLN A OE1 1 
ATOM   788  N NE2 . GLN A 1 116 ? -7.515  0.564   9.618   1.00 26.91 ? 143 GLN A NE2 1 
ATOM   789  N N   . LEU A 1 117 ? -2.940  2.512   6.973   1.00 18.60 ? 144 LEU A N   1 
ATOM   790  C CA  . LEU A 1 117 ? -1.901  2.188   5.961   1.00 18.10 ? 144 LEU A CA  1 
ATOM   791  C C   . LEU A 1 117 ? -0.641  2.959   6.244   1.00 17.33 ? 144 LEU A C   1 
ATOM   792  O O   . LEU A 1 117 ? 0.459   2.451   6.128   1.00 17.26 ? 144 LEU A O   1 
ATOM   793  C CB  . LEU A 1 117 ? -2.362  2.556   4.507   1.00 18.85 ? 144 LEU A CB  1 
ATOM   794  C CG  . LEU A 1 117 ? -3.174  1.529   3.881   1.00 21.98 ? 144 LEU A CG  1 
ATOM   795  C CD1 . LEU A 1 117 ? -3.764  2.003   2.561   1.00 24.21 ? 144 LEU A CD1 1 
ATOM   796  C CD2 . LEU A 1 117 ? -2.269  0.311   3.612   1.00 23.84 ? 144 LEU A CD2 1 
ATOM   797  N N   . GLN A 1 118 ? -0.729  4.266   6.575   1.00 17.43 ? 145 GLN A N   1 
ATOM   798  C CA  . GLN A 1 118 ? 0.481   5.049   6.835   1.00 17.53 ? 145 GLN A CA  1 
ATOM   799  C C   . GLN A 1 118 ? 1.300   4.394   7.993   1.00 18.79 ? 145 GLN A C   1 
ATOM   800  O O   . GLN A 1 118 ? 2.503   4.341   7.974   1.00 19.47 ? 145 GLN A O   1 
ATOM   801  C CB  . GLN A 1 118 ? 0.169   6.511   7.185   1.00 20.63 ? 145 GLN A CB  1 
ATOM   802  C CG  . GLN A 1 118 ? -0.317  7.272   6.008   1.00 21.51 ? 145 GLN A CG  1 
ATOM   803  C CD  . GLN A 1 118 ? -0.767  8.657   6.416   1.00 27.86 ? 145 GLN A CD  1 
ATOM   804  O OE1 . GLN A 1 118 ? -1.610  8.791   7.280   1.00 29.21 ? 145 GLN A OE1 1 
ATOM   805  N NE2 . GLN A 1 118 ? -0.166  9.689   5.810   1.00 29.70 ? 145 GLN A NE2 1 
ATOM   806  N N   . GLY A 1 119 ? 0.602   3.906   8.992   1.00 18.72 ? 146 GLY A N   1 
ATOM   807  C CA  . GLY A 1 119 ? 1.294   3.228   10.126  1.00 18.60 ? 146 GLY A CA  1 
ATOM   808  C C   . GLY A 1 119 ? 1.907   1.911   9.768   1.00 17.77 ? 146 GLY A C   1 
ATOM   809  O O   . GLY A 1 119 ? 3.007   1.592   10.279  1.00 20.83 ? 146 GLY A O   1 
ATOM   810  N N   . LEU A 1 120 ? 1.226   1.159   8.882   1.00 16.72 ? 147 LEU A N   1 
ATOM   811  C CA  . LEU A 1 120 ? 1.814   -0.083  8.431   1.00 16.88 ? 147 LEU A CA  1 
ATOM   812  C C   . LEU A 1 120 ? 3.098   0.177   7.603   1.00 17.61 ? 147 LEU A C   1 
ATOM   813  O O   . LEU A 1 120 ? 4.099   -0.451  7.772   1.00 16.29 ? 147 LEU A O   1 
ATOM   814  C CB  . LEU A 1 120 ? 0.855   -0.846  7.595   1.00 18.29 ? 147 LEU A CB  1 
ATOM   815  C CG  . LEU A 1 120 ? -0.341  -1.456  8.341   1.00 20.08 ? 147 LEU A CG  1 
ATOM   816  C CD1 . LEU A 1 120 ? -1.372  -1.914  7.306   1.00 20.24 ? 147 LEU A CD1 1 
ATOM   817  C CD2 . LEU A 1 120 ? 0.013   -2.661  9.162   1.00 23.12 ? 147 LEU A CD2 1 
ATOM   818  N N   . TRP A 1 121 ? 3.087   1.200   6.742   1.00 17.05 ? 148 TRP A N   1 
ATOM   819  C CA  . TRP A 1 121 ? 4.263   1.564   6.042   1.00 16.46 ? 148 TRP A CA  1 
ATOM   820  C C   . TRP A 1 121 ? 5.408   2.058   6.947   1.00 17.82 ? 148 TRP A C   1 
ATOM   821  O O   . TRP A 1 121 ? 6.541   1.779   6.654   1.00 17.89 ? 148 TRP A O   1 
ATOM   822  C CB  . TRP A 1 121 ? 3.895   2.645   5.001   1.00 17.51 ? 148 TRP A CB  1 
ATOM   823  C CG  . TRP A 1 121 ? 3.301   2.119   3.699   1.00 16.17 ? 148 TRP A CG  1 
ATOM   824  C CD1 . TRP A 1 121 ? 1.990   2.311   3.223   1.00 15.91 ? 148 TRP A CD1 1 
ATOM   825  C CD2 . TRP A 1 121 ? 4.009   1.485   2.685   1.00 15.35 ? 148 TRP A CD2 1 
ATOM   826  N NE1 . TRP A 1 121 ? 1.887   1.785   1.990   1.00 16.51 ? 148 TRP A NE1 1 
ATOM   827  C CE2 . TRP A 1 121 ? 3.098   1.278   1.611   1.00 15.92 ? 148 TRP A CE2 1 
ATOM   828  C CE3 . TRP A 1 121 ? 5.340   1.020   2.561   1.00 14.72 ? 148 TRP A CE3 1 
ATOM   829  C CZ2 . TRP A 1 121 ? 3.461   0.638   0.451   1.00 17.26 ? 148 TRP A CZ2 1 
ATOM   830  C CZ3 . TRP A 1 121 ? 5.700   0.353   1.369   1.00 17.50 ? 148 TRP A CZ3 1 
ATOM   831  C CH2 . TRP A 1 121 ? 4.764   0.176   0.351   1.00 16.78 ? 148 TRP A CH2 1 
ATOM   832  N N   . ARG A 1 122 ? 5.095   2.821   8.009   1.00 17.89 ? 149 ARG A N   1 
ATOM   833  C CA  . ARG A 1 122 ? 6.137   3.221   8.954   1.00 19.87 ? 149 ARG A CA  1 
ATOM   834  C C   . ARG A 1 122 ? 6.855   2.009   9.524   1.00 20.95 ? 149 ARG A C   1 
ATOM   835  O O   . ARG A 1 122 ? 8.098   2.041   9.575   1.00 19.40 ? 149 ARG A O   1 
ATOM   836  C CB  . ARG A 1 122 ? 5.590   4.122   10.099  1.00 22.66 ? 149 ARG A CB  1 
ATOM   837  C CG  . ARG A 1 122 ? 5.476   5.581   9.730   1.00 31.14 ? 149 ARG A CG  1 
ATOM   838  C CD  . ARG A 1 122 ? 5.162   6.460   10.974  1.00 31.49 ? 149 ARG A CD  1 
ATOM   839  N NE  . ARG A 1 122 ? 3.841   6.158   11.622  1.00 37.16 ? 149 ARG A NE  1 
ATOM   840  C CZ  . ARG A 1 122 ? 2.649   6.617   11.231  1.00 37.64 ? 149 ARG A CZ  1 
ATOM   841  N NH1 . ARG A 1 122 ? 1.586   6.298   11.930  1.00 37.90 ? 149 ARG A NH1 1 
ATOM   842  N NH2 . ARG A 1 122 ? 2.494   7.403   10.152  1.00 37.49 ? 149 ARG A NH2 1 
ATOM   843  N N   . ARG A 1 123 ? 6.110   0.926   9.821   1.00 18.73 ? 150 ARG A N   1 
ATOM   844  C CA  . ARG A 1 123 ? 6.776   -0.247  10.400  1.00 19.33 ? 150 ARG A CA  1 
ATOM   845  C C   . ARG A 1 123 ? 7.551   -0.963  9.309   1.00 17.53 ? 150 ARG A C   1 
ATOM   846  O O   . ARG A 1 123 ? 8.703   -1.424  9.520   1.00 19.20 ? 150 ARG A O   1 
ATOM   847  C CB  . ARG A 1 123 ? 5.772   -1.184  11.075  1.00 18.70 ? 150 ARG A CB  1 
ATOM   848  C CG  . ARG A 1 123 ? 6.322   -2.508  11.498  1.00 19.53 ? 150 ARG A CG  1 
ATOM   849  C CD  . ARG A 1 123 ? 7.416   -2.346  12.481  1.00 21.48 ? 150 ARG A CD  1 
ATOM   850  N NE  . ARG A 1 123 ? 8.017   -3.620  12.825  1.00 20.83 ? 150 ARG A NE  1 
ATOM   851  C CZ  . ARG A 1 123 ? 8.976   -4.267  12.120  1.00 23.58 ? 150 ARG A CZ  1 
ATOM   852  N NH1 . ARG A 1 123 ? 9.437   -3.833  10.953  1.00 22.58 ? 150 ARG A NH1 1 
ATOM   853  N NH2 . ARG A 1 123 ? 9.505   -5.408  12.587  1.00 24.78 ? 150 ARG A NH2 1 
ATOM   854  N N   . PHE A 1 124 ? 6.969   -1.005  8.108   1.00 17.08 ? 151 PHE A N   1 
ATOM   855  C CA  . PHE A 1 124 ? 7.720   -1.619  7.008   1.00 17.84 ? 151 PHE A CA  1 
ATOM   856  C C   . PHE A 1 124 ? 9.098   -0.961  6.845   1.00 17.43 ? 151 PHE A C   1 
ATOM   857  O O   . PHE A 1 124 ? 10.110  -1.628  6.510   1.00 19.15 ? 151 PHE A O   1 
ATOM   858  C CB  . PHE A 1 124 ? 6.878   -1.605  5.705   1.00 16.04 ? 151 PHE A CB  1 
ATOM   859  C CG  . PHE A 1 124 ? 7.616   -2.152  4.526   1.00 16.89 ? 151 PHE A CG  1 
ATOM   860  C CD1 . PHE A 1 124 ? 7.648   -3.504  4.324   1.00 17.07 ? 151 PHE A CD1 1 
ATOM   861  C CD2 . PHE A 1 124 ? 8.245   -1.333  3.638   1.00 17.89 ? 151 PHE A CD2 1 
ATOM   862  C CE1 . PHE A 1 124 ? 8.350   -4.060  3.287   1.00 18.60 ? 151 PHE A CE1 1 
ATOM   863  C CE2 . PHE A 1 124 ? 8.867   -1.858  2.553   1.00 18.51 ? 151 PHE A CE2 1 
ATOM   864  C CZ  . PHE A 1 124 ? 8.965   -3.264  2.393   1.00 19.45 ? 151 PHE A CZ  1 
ATOM   865  N N   . ASN A 1 125 ? 9.111   0.350   6.975   1.00 18.25 ? 152 ASN A N   1 
ATOM   866  C CA  . ASN A 1 125 ? 10.245  1.215   6.692   1.00 18.50 ? 152 ASN A CA  1 
ATOM   867  C C   . ASN A 1 125 ? 11.228  1.300   7.853   1.00 21.23 ? 152 ASN A C   1 
ATOM   868  O O   . ASN A 1 125 ? 12.236  2.036   7.795   1.00 23.68 ? 152 ASN A O   1 
ATOM   869  C CB  . ASN A 1 125 ? 9.769   2.554   6.261   1.00 20.46 ? 152 ASN A CB  1 
ATOM   870  C CG  . ASN A 1 125 ? 9.131   2.515   4.901   1.00 21.21 ? 152 ASN A CG  1 
ATOM   871  O OD1 . ASN A 1 125 ? 9.410   1.640   4.066   1.00 21.45 ? 152 ASN A OD1 1 
ATOM   872  N ND2 . ASN A 1 125 ? 8.333   3.512   4.632   1.00 23.96 ? 152 ASN A ND2 1 
ATOM   873  N N   . ARG A 1 126 ? 10.914  0.653   8.949   1.00 21.20 ? 153 ARG A N   1 
ATOM   874  C CA  . ARG A 1 126 ? 11.700  0.822   10.186  1.00 23.83 ? 153 ARG A CA  1 
ATOM   875  C C   . ARG A 1 126 ? 13.131  0.342   9.881   1.00 24.49 ? 153 ARG A C   1 
ATOM   876  O O   . ARG A 1 126 ? 13.343  -0.683  9.200   1.00 26.14 ? 153 ARG A O   1 
ATOM   877  C CB  . ARG A 1 126 ? 11.094  -0.084  11.289  1.00 24.88 ? 153 ARG A CB  1 
ATOM   878  C CG  . ARG A 1 126 ? 11.533  0.287   12.701  1.00 27.12 ? 153 ARG A CG  1 
ATOM   879  C CD  . ARG A 1 126 ? 10.788  -0.562  13.702  1.00 26.47 ? 153 ARG A CD  1 
ATOM   880  N NE  . ARG A 1 126 ? 11.151  -1.960  13.810  1.00 23.33 ? 153 ARG A NE  1 
ATOM   881  C CZ  . ARG A 1 126 ? 10.803  -2.747  14.833  1.00 25.45 ? 153 ARG A CZ  1 
ATOM   882  N NH1 . ARG A 1 126 ? 9.861   -2.349  15.613  1.00 24.78 ? 153 ARG A NH1 1 
ATOM   883  N NH2 . ARG A 1 126 ? 11.299  -3.979  14.954  1.00 24.27 ? 153 ARG A NH2 1 
ATOM   884  N N   . PRO A 1 127 ? 14.135  1.105   10.338  1.00 24.36 ? 154 PRO A N   1 
ATOM   885  C CA  . PRO A 1 127 ? 15.466  0.623   10.249  1.00 29.72 ? 154 PRO A CA  1 
ATOM   886  C C   . PRO A 1 127 ? 15.579  -0.758  10.846  1.00 30.92 ? 154 PRO A C   1 
ATOM   887  O O   . PRO A 1 127 ? 14.797  -1.154  11.744  1.00 29.39 ? 154 PRO A O   1 
ATOM   888  C CB  . PRO A 1 127 ? 16.263  1.659   11.064  1.00 31.15 ? 154 PRO A CB  1 
ATOM   889  C CG  . PRO A 1 127 ? 15.481  2.877   11.000  1.00 32.40 ? 154 PRO A CG  1 
ATOM   890  C CD  . PRO A 1 127 ? 14.045  2.410   11.027  1.00 28.34 ? 154 PRO A CD  1 
ATOM   891  N N   . LEU A 1 128 ? 16.505  -1.541  10.309  1.00 30.90 ? 155 LEU A N   1 
ATOM   892  C CA  . LEU A 1 128 ? 16.736  -2.928  10.801  1.00 33.54 ? 155 LEU A CA  1 
ATOM   893  C C   . LEU A 1 128 ? 17.520  -2.960  12.182  1.00 34.74 ? 155 LEU A C   1 
ATOM   894  O O   . LEU A 1 128 ? 16.928  -3.468  13.207  1.00 40.69 ? 155 LEU A O   1 
ATOM   895  C CB  . LEU A 1 128 ? 17.501  -3.734  9.747   1.00 39.13 ? 155 LEU A CB  1 
ATOM   896  C CG  . LEU A 1 128 ? 16.779  -3.894  8.393   1.00 38.95 ? 155 LEU A CG  1 
ATOM   897  C CD1 . LEU A 1 128 ? 17.682  -4.722  7.464   1.00 45.91 ? 155 LEU A CD1 1 
ATOM   898  C CD2 . LEU A 1 128 ? 15.415  -4.550  8.546   1.00 38.20 ? 155 LEU A CD2 1 
ATOM   899  N N   . CYS B 2 1   ? 4.500   -6.535  -23.927 1.00 33.39 ? 11  CYS B N   1 
ATOM   900  C CA  . CYS B 2 1   ? 4.524   -6.248  -22.430 1.00 28.77 ? 11  CYS B CA  1 
ATOM   901  C C   . CYS B 2 1   ? 3.106   -6.011  -21.838 1.00 25.45 ? 11  CYS B C   1 
ATOM   902  O O   . CYS B 2 1   ? 2.353   -5.219  -22.384 1.00 30.09 ? 11  CYS B O   1 
ATOM   903  C CB  . CYS B 2 1   ? 5.347   -4.966  -22.193 1.00 33.31 ? 11  CYS B CB  1 
ATOM   904  S SG  . CYS B 2 1   ? 5.934   -4.787  -20.542 1.00 28.96 ? 11  CYS B SG  1 
ATOM   905  N N   . HIS B 2 2   ? 2.783   -6.653  -20.704 1.00 22.73 ? 12  HIS B N   1 
ATOM   906  C CA  . HIS B 2 2   ? 1.422   -6.505  -20.113 1.00 22.96 ? 12  HIS B CA  1 
ATOM   907  C C   . HIS B 2 2   ? 1.467   -5.497  -18.959 1.00 20.58 ? 12  HIS B C   1 
ATOM   908  O O   . HIS B 2 2   ? 2.020   -5.782  -17.879 1.00 17.91 ? 12  HIS B O   1 
ATOM   909  C CB  . HIS B 2 2   ? 0.887   -7.823  -19.567 1.00 20.80 ? 12  HIS B CB  1 
ATOM   910  C CG  . HIS B 2 2   ? -0.456  -7.699  -18.923 1.00 17.68 ? 12  HIS B CG  1 
ATOM   911  N ND1 . HIS B 2 2   ? -1.581  -7.308  -19.599 1.00 20.48 ? 12  HIS B ND1 1 
ATOM   912  C CD2 . HIS B 2 2   ? -0.812  -7.732  -17.615 1.00 20.73 ? 12  HIS B CD2 1 
ATOM   913  C CE1 . HIS B 2 2   ? -2.583  -7.166  -18.767 1.00 21.06 ? 12  HIS B CE1 1 
ATOM   914  N NE2 . HIS B 2 2   ? -2.159  -7.473  -17.565 1.00 19.86 ? 12  HIS B NE2 1 
ATOM   915  N N   . TRP B 2 3   ? 0.859   -4.362  -19.211 1.00 20.85 ? 13  TRP B N   1 
ATOM   916  C CA  . TRP B 2 3   ? 0.670   -3.394  -18.127 1.00 20.61 ? 13  TRP B CA  1 
ATOM   917  C C   . TRP B 2 3   ? -0.528  -3.766  -17.329 1.00 19.03 ? 13  TRP B C   1 
ATOM   918  O O   . TRP B 2 3   ? -1.628  -3.967  -17.840 1.00 20.67 ? 13  TRP B O   1 
ATOM   919  C CB  . TRP B 2 3   ? 0.533   -1.997  -18.675 1.00 21.29 ? 13  TRP B CB  1 
ATOM   920  C CG  . TRP B 2 3   ? 1.710   -1.444  -19.371 1.00 19.79 ? 13  TRP B CG  1 
ATOM   921  C CD1 . TRP B 2 3   ? 1.882   -1.294  -20.699 1.00 22.24 ? 13  TRP B CD1 1 
ATOM   922  C CD2 . TRP B 2 3   ? 2.842   -0.839  -18.742 1.00 20.24 ? 13  TRP B CD2 1 
ATOM   923  N NE1 . TRP B 2 3   ? 3.091   -0.721  -20.962 1.00 25.63 ? 13  TRP B NE1 1 
ATOM   924  C CE2 . TRP B 2 3   ? 3.718   -0.422  -19.782 1.00 24.21 ? 13  TRP B CE2 1 
ATOM   925  C CE3 . TRP B 2 3   ? 3.211   -0.650  -17.420 1.00 17.51 ? 13  TRP B CE3 1 
ATOM   926  C CZ2 . TRP B 2 3   ? 4.929   0.243   -19.525 1.00 21.35 ? 13  TRP B CZ2 1 
ATOM   927  C CZ3 . TRP B 2 3   ? 4.423   -0.052  -17.144 1.00 21.87 ? 13  TRP B CZ3 1 
ATOM   928  C CH2 . TRP B 2 3   ? 5.292   0.378   -18.195 1.00 22.77 ? 13  TRP B CH2 1 
ATOM   929  N N   . LEU B 2 4   ? -0.381  -3.809  -16.014 1.00 17.73 ? 14  LEU B N   1 
ATOM   930  C CA  . LEU B 2 4   ? -1.503  -4.056  -15.184 1.00 19.62 ? 14  LEU B CA  1 
ATOM   931  C C   . LEU B 2 4   ? -2.515  -2.929  -15.142 1.00 19.27 ? 14  LEU B C   1 
ATOM   932  O O   . LEU B 2 4   ? -2.193  -1.793  -15.390 1.00 19.26 ? 14  LEU B O   1 
ATOM   933  C CB  . LEU B 2 4   ? -0.976  -4.331  -13.808 1.00 18.58 ? 14  LEU B CB  1 
ATOM   934  C CG  . LEU B 2 4   ? -0.016  -5.491  -13.567 1.00 20.07 ? 14  LEU B CG  1 
ATOM   935  C CD1 . LEU B 2 4   ? 0.390   -5.643  -12.109 1.00 22.88 ? 14  LEU B CD1 1 
ATOM   936  C CD2 . LEU B 2 4   ? -0.755  -6.777  -13.849 1.00 26.29 ? 14  LEU B CD2 1 
ATOM   937  N N   . GLU B 2 5   ? -3.755  -3.257  -14.779 1.00 22.37 ? 15  GLU B N   1 
ATOM   938  C CA  . GLU B 2 5   ? -4.779  -2.245  -14.640 1.00 23.60 ? 15  GLU B CA  1 
ATOM   939  C C   . GLU B 2 5   ? -4.523  -1.441  -13.365 1.00 22.03 ? 15  GLU B C   1 
ATOM   940  O O   . GLU B 2 5   ? -3.974  -1.987  -12.416 1.00 20.78 ? 15  GLU B O   1 
ATOM   941  C CB  . GLU B 2 5   ? -6.169  -2.894  -14.510 1.00 31.60 ? 15  GLU B CB  1 
ATOM   942  C CG  . GLU B 2 5   ? -6.516  -3.629  -15.787 1.00 44.03 ? 15  GLU B CG  1 
ATOM   943  C CD  . GLU B 2 5   ? -8.017  -3.858  -15.998 1.00 58.28 ? 15  GLU B CD  1 
ATOM   944  O OE1 . GLU B 2 5   ? -8.819  -3.675  -15.042 1.00 71.86 ? 15  GLU B OE1 1 
ATOM   945  O OE2 . GLU B 2 5   ? -8.382  -4.247  -17.132 1.00 66.43 ? 15  GLU B OE2 1 
ATOM   946  N N   . ASN B 2 6   ? -4.916  -0.175  -13.370 1.00 21.38 ? 16  ASN B N   1 
ATOM   947  C CA  . ASN B 2 6   ? -4.827  0.733   -12.233 1.00 19.35 ? 16  ASN B CA  1 
ATOM   948  C C   . ASN B 2 6   ? -3.452  0.633   -11.578 1.00 19.12 ? 16  ASN B C   1 
ATOM   949  O O   . ASN B 2 6   ? -3.294  0.318   -10.395 1.00 18.25 ? 16  ASN B O   1 
ATOM   950  C CB  . ASN B 2 6   ? -5.932  0.430   -11.198 1.00 21.29 ? 16  ASN B CB  1 
ATOM   951  C CG  . ASN B 2 6   ? -7.334  0.612   -11.774 1.00 28.50 ? 16  ASN B CG  1 
ATOM   952  O OD1 . ASN B 2 6   ? -8.217  -0.254  -11.609 1.00 32.86 ? 16  ASN B OD1 1 
ATOM   953  N ND2 . ASN B 2 6   ? -7.516  1.639   -12.474 1.00 25.76 ? 16  ASN B ND2 1 
ATOM   954  N N   . CYS B 2 7   ? -2.447  0.907   -12.368 1.00 16.72 ? 17  CYS B N   1 
ATOM   955  C CA  . CYS B 2 7   ? -1.078  0.629   -11.991 1.00 17.17 ? 17  CYS B CA  1 
ATOM   956  C C   . CYS B 2 7   ? -0.179  1.679   -12.633 1.00 17.67 ? 17  CYS B C   1 
ATOM   957  O O   . CYS B 2 7   ? -0.214  1.836   -13.851 1.00 18.16 ? 17  CYS B O   1 
ATOM   958  C CB  . CYS B 2 7   ? -0.683  -0.763  -12.501 1.00 17.91 ? 17  CYS B CB  1 
ATOM   959  S SG  . CYS B 2 7   ? 0.935   -1.386  -12.055 1.00 17.99 ? 17  CYS B SG  1 
ATOM   960  N N   . TRP B 2 8   ? 0.496   2.466   -11.794 1.00 15.91 ? 18  TRP B N   1 
ATOM   961  C CA  . TRP B 2 8   ? 1.250   3.636   -12.288 1.00 16.58 ? 18  TRP B CA  1 
ATOM   962  C C   . TRP B 2 8   ? 2.447   3.242   -13.094 1.00 17.26 ? 18  TRP B C   1 
ATOM   963  O O   . TRP B 2 8   ? 3.141   2.284   -12.746 1.00 16.85 ? 18  TRP B O   1 
ATOM   964  C CB  . TRP B 2 8   ? 1.650   4.459   -11.071 1.00 15.99 ? 18  TRP B CB  1 
ATOM   965  C CG  . TRP B 2 8   ? 2.242   5.800   -11.374 1.00 15.54 ? 18  TRP B CG  1 
ATOM   966  C CD1 . TRP B 2 8   ? 1.603   6.831   -11.999 1.00 16.96 ? 18  TRP B CD1 1 
ATOM   967  C CD2 . TRP B 2 8   ? 3.538   6.293   -10.987 1.00 15.17 ? 18  TRP B CD2 1 
ATOM   968  N NE1 . TRP B 2 8   ? 2.432   7.933   -12.009 1.00 16.84 ? 18  TRP B NE1 1 
ATOM   969  C CE2 . TRP B 2 8   ? 3.597   7.639   -11.374 1.00 16.05 ? 18  TRP B CE2 1 
ATOM   970  C CE3 . TRP B 2 8   ? 4.630   5.726   -10.377 1.00 16.20 ? 18  TRP B CE3 1 
ATOM   971  C CZ2 . TRP B 2 8   ? 4.721   8.428   -11.149 1.00 17.19 ? 18  TRP B CZ2 1 
ATOM   972  C CZ3 . TRP B 2 8   ? 5.738   6.463   -10.177 1.00 18.00 ? 18  TRP B CZ3 1 
ATOM   973  C CH2 . TRP B 2 8   ? 5.788   7.794   -10.530 1.00 16.93 ? 18  TRP B CH2 1 
ATOM   974  N N   . ARG B 2 9   ? 2.738   3.945   -14.213 1.00 16.58 ? 19  ARG B N   1 
ATOM   975  C CA  . ARG B 2 9   ? 3.809   3.535   -15.037 1.00 16.09 ? 19  ARG B CA  1 
ATOM   976  C C   . ARG B 2 9   ? 5.072   4.363   -14.811 1.00 17.40 ? 19  ARG B C   1 
ATOM   977  O O   . ARG B 2 9   ? 6.053   4.237   -15.555 1.00 18.88 ? 19  ARG B O   1 
ATOM   978  C CB  . ARG B 2 9   ? 3.338   3.610   -16.486 1.00 16.84 ? 19  ARG B CB  1 
ATOM   979  C CG  . ARG B 2 9   ? 2.115   2.746   -16.752 1.00 16.85 ? 19  ARG B CG  1 
ATOM   980  C CD  . ARG B 2 9   ? 1.884   2.623   -18.243 1.00 18.18 ? 19  ARG B CD  1 
ATOM   981  N NE  . ARG B 2 9   ? 0.681   1.846   -18.394 1.00 19.85 ? 19  ARG B NE  1 
ATOM   982  C CZ  . ARG B 2 9   ? 0.105   1.569   -19.554 1.00 21.78 ? 19  ARG B CZ  1 
ATOM   983  N NH1 . ARG B 2 9   ? 0.666   1.982   -20.676 1.00 23.40 ? 19  ARG B NH1 1 
ATOM   984  N NH2 . ARG B 2 9   ? -1.034  0.864   -19.570 1.00 20.87 ? 19  ARG B NH2 1 
ATOM   985  N N   . GLY B 2 10  ? 5.063   5.167   -13.761 1.00 15.17 ? 20  GLY B N   1 
ATOM   986  C CA  . GLY B 2 10  ? 6.151   6.124   -13.551 1.00 15.37 ? 20  GLY B CA  1 
ATOM   987  C C   . GLY B 2 10  ? 7.440   5.685   -13.002 1.00 15.87 ? 20  GLY B C   1 
ATOM   988  O O   . GLY B 2 10  ? 8.393   6.508   -12.835 1.00 17.32 ? 20  GLY B O   1 
ATOM   989  N N   . PHE B 2 11  ? 7.577   4.407   -12.642 1.00 16.12 ? 21  PHE B N   1 
ATOM   990  C CA  . PHE B 2 11  ? 8.889   3.934   -12.245 1.00 17.57 ? 21  PHE B CA  1 
ATOM   991  C C   . PHE B 2 11  ? 9.743   3.602   -13.465 1.00 20.27 ? 21  PHE B C   1 
ATOM   992  O O   . PHE B 2 11  ? 10.913  3.304   -13.315 1.00 20.84 ? 21  PHE B O   1 
ATOM   993  C CB  . PHE B 2 11  ? 8.816   2.734   -11.268 1.00 16.39 ? 21  PHE B CB  1 
ATOM   994  C CG  . PHE B 2 11  ? 8.183   3.058   -9.938  1.00 15.70 ? 21  PHE B CG  1 
ATOM   995  C CD1 . PHE B 2 11  ? 8.834   3.847   -9.028  1.00 15.94 ? 21  PHE B CD1 1 
ATOM   996  C CD2 . PHE B 2 11  ? 6.947   2.597   -9.608  1.00 16.94 ? 21  PHE B CD2 1 
ATOM   997  C CE1 . PHE B 2 11  ? 8.288   4.201   -7.835  1.00 16.44 ? 21  PHE B CE1 1 
ATOM   998  C CE2 . PHE B 2 11  ? 6.398   2.879   -8.366  1.00 17.08 ? 21  PHE B CE2 1 
ATOM   999  C CZ  . PHE B 2 11  ? 7.059   3.736   -7.490  1.00 17.30 ? 21  PHE B CZ  1 
ATOM   1000 N N   . CYS B 2 12  ? 9.131   3.672   -14.643 1.00 20.16 ? 22  CYS B N   1 
ATOM   1001 C CA  . CYS B 2 12  ? 9.793   3.538   -15.906 1.00 27.45 ? 22  CYS B CA  1 
ATOM   1002 C C   . CYS B 2 12  ? 9.865   5.021   -16.483 1.00 25.24 ? 22  CYS B C   1 
ATOM   1003 O O   . CYS B 2 12  ? 10.990  5.234   -16.962 1.00 37.95 ? 22  CYS B O   1 
ATOM   1004 C CB  . CYS B 2 12  ? 8.981   2.660   -16.894 1.00 28.57 ? 22  CYS B CB  1 
ATOM   1005 S SG  . CYS B 2 12  ? 9.300   0.917   -16.705 1.00 34.23 ? 22  CYS B SG  1 
HETATM 1006 C C10 . LFI C 3 .   ? 1.829   -0.948  -13.461 1.00 19.49 ? 101 LFI B C10 1 
HETATM 1007 C C11 . LFI C 3 .   ? 7.898   0.814   -15.618 1.00 17.19 ? 101 LFI B C11 1 
HETATM 1008 C C12 . LFI C 3 .   ? 4.799   -3.767  -19.760 1.00 22.33 ? 101 LFI B C12 1 
HETATM 1009 C C1  . LFI C 3 .   ? 4.724   -4.610  -15.434 1.00 22.68 ? 101 LFI B C1  1 
HETATM 1010 C C2  . LFI C 3 .   ? 7.117   -3.865  -15.306 1.00 24.19 ? 101 LFI B C2  1 
HETATM 1011 C C3  . LFI C 3 .   ? 5.550   -3.146  -13.617 1.00 18.93 ? 101 LFI B C3  1 
HETATM 1012 C C4  . LFI C 3 .   ? 3.278   -2.840  -14.367 1.00 17.43 ? 101 LFI B C4  1 
HETATM 1013 C C5  . LFI C 3 .   ? 6.989   -1.399  -14.600 1.00 21.16 ? 101 LFI B C5  1 
HETATM 1014 C C6  . LFI C 3 .   ? 5.876   -3.729  -17.462 1.00 22.69 ? 101 LFI B C6  1 
HETATM 1015 C C7  . LFI C 3 .   ? 4.596   -3.984  -18.277 1.00 20.31 ? 101 LFI B C7  1 
HETATM 1016 C C8  . LFI C 3 .   ? 3.196   -1.630  -13.457 1.00 18.71 ? 101 LFI B C8  1 
HETATM 1017 C C9  . LFI C 3 .   ? 8.021   -0.809  -15.523 1.00 20.42 ? 101 LFI B C9  1 
HETATM 1018 N N1  . LFI C 3 .   ? 4.422   -3.502  -14.482 1.00 20.07 ? 101 LFI B N1  1 
HETATM 1019 N N2  . LFI C 3 .   ? 5.908   -4.111  -16.167 1.00 21.98 ? 101 LFI B N2  1 
HETATM 1020 N N3  . LFI C 3 .   ? 6.629   -2.736  -14.503 1.00 19.17 ? 101 LFI B N3  1 
HETATM 1021 O O1  . LFI C 3 .   ? 6.864   -3.213  -18.006 1.00 23.64 ? 101 LFI B O1  1 
HETATM 1022 O O2  . LFI C 3 .   ? 2.372   -3.120  -15.104 1.00 19.00 ? 101 LFI B O2  1 
HETATM 1023 O O3  . LFI C 3 .   ? 6.381   -0.605  -13.895 1.00 19.89 ? 101 LFI B O3  1 
HETATM 1024 O O   . HOH D 4 .   ? 15.971  -2.913  15.345  1.00 37.79 ? 201 HOH A O   1 
HETATM 1025 O O   . HOH D 4 .   ? -2.837  9.721   9.154   1.00 26.39 ? 202 HOH A O   1 
HETATM 1026 O O   . HOH D 4 .   ? 13.861  -14.835 -0.304  1.00 51.73 ? 203 HOH A O   1 
HETATM 1027 O O   . HOH D 4 .   ? 9.722   4.124   9.637   1.00 31.26 ? 204 HOH A O   1 
HETATM 1028 O O   . HOH D 4 .   ? -2.493  15.501  4.973   1.00 30.24 ? 205 HOH A O   1 
HETATM 1029 O O   . HOH D 4 .   ? 0.640   14.164  -3.630  1.00 31.26 ? 206 HOH A O   1 
HETATM 1030 O O   . HOH D 4 .   ? 11.912  -2.662  8.159   1.00 26.87 ? 207 HOH A O   1 
HETATM 1031 O O   . HOH D 4 .   ? -7.038  15.023  15.641  1.00 38.82 ? 208 HOH A O   1 
HETATM 1032 O O   . HOH D 4 .   ? 6.522   -11.107 -11.549 1.00 28.91 ? 209 HOH A O   1 
HETATM 1033 O O   . HOH D 4 .   ? 11.297  -7.301  11.965  1.00 29.04 ? 210 HOH A O   1 
HETATM 1034 O O   . HOH D 4 .   ? 6.468   -4.571  14.902  1.00 26.18 ? 211 HOH A O   1 
HETATM 1035 O O   . HOH D 4 .   ? -4.627  -0.292  -8.001  1.00 21.28 ? 212 HOH A O   1 
HETATM 1036 O O   . HOH D 4 .   ? -11.339 7.277   -1.892  1.00 33.89 ? 213 HOH A O   1 
HETATM 1037 O O   . HOH D 4 .   ? 14.551  -0.558  6.769   1.00 36.97 ? 214 HOH A O   1 
HETATM 1038 O O   . HOH D 4 .   ? 13.132  -10.962 0.187   1.00 31.08 ? 215 HOH A O   1 
HETATM 1039 O O   . HOH D 4 .   ? -9.251  10.327  18.696  1.00 29.20 ? 216 HOH A O   1 
HETATM 1040 O O   . HOH D 4 .   ? -10.875 -0.915  0.730   1.00 32.77 ? 217 HOH A O   1 
HETATM 1041 O O   . HOH D 4 .   ? 15.777  1.783   0.912   1.00 25.44 ? 218 HOH A O   1 
HETATM 1042 O O   . HOH D 4 .   ? 3.878   11.829  -8.518  1.00 29.04 ? 219 HOH A O   1 
HETATM 1043 O O   . HOH D 4 .   ? -3.978  -13.924 -11.706 1.00 29.56 ? 220 HOH A O   1 
HETATM 1044 O O   . HOH D 4 .   ? -8.305  11.236  -3.481  1.00 27.00 ? 221 HOH A O   1 
HETATM 1045 O O   . HOH D 4 .   ? 13.603  -9.811  -4.789  1.00 35.60 ? 222 HOH A O   1 
HETATM 1046 O O   . HOH D 4 .   ? -9.291  -0.930  -1.596  1.00 32.10 ? 223 HOH A O   1 
HETATM 1047 O O   . HOH D 4 .   ? 5.808   -9.053  -9.966  1.00 16.53 ? 224 HOH A O   1 
HETATM 1048 O O   . HOH D 4 .   ? -8.615  -4.199  -5.952  1.00 49.64 ? 225 HOH A O   1 
HETATM 1049 O O   . HOH D 4 .   ? -2.681  -9.608  1.572   1.00 30.66 ? 226 HOH A O   1 
HETATM 1050 O O   . HOH D 4 .   ? 4.252   5.961   6.562   1.00 27.31 ? 227 HOH A O   1 
HETATM 1051 O O   . HOH D 4 .   ? -1.830  1.097   11.431  1.00 30.99 ? 228 HOH A O   1 
HETATM 1052 O O   . HOH D 4 .   ? -13.581 8.301   5.368   1.00 27.78 ? 229 HOH A O   1 
HETATM 1053 O O   . HOH D 4 .   ? -11.029 6.208   16.940  1.00 37.48 ? 230 HOH A O   1 
HETATM 1054 O O   . HOH D 4 .   ? -1.409  9.465   16.200  1.00 39.73 ? 231 HOH A O   1 
HETATM 1055 O O   . HOH D 4 .   ? -5.195  8.668   19.255  1.00 19.17 ? 232 HOH A O   1 
HETATM 1056 O O   . HOH D 4 .   ? 11.979  -4.705  10.088  1.00 29.74 ? 233 HOH A O   1 
HETATM 1057 O O   . HOH D 4 .   ? -5.807  9.668   -6.129  1.00 27.51 ? 234 HOH A O   1 
HETATM 1058 O O   . HOH D 4 .   ? -12.807 7.268   8.127   1.00 24.88 ? 235 HOH A O   1 
HETATM 1059 O O   . HOH D 4 .   ? 13.085  -3.414  12.006  1.00 29.56 ? 236 HOH A O   1 
HETATM 1060 O O   . HOH D 4 .   ? -10.595 3.586   -5.880  1.00 37.81 ? 237 HOH A O   1 
HETATM 1061 O O   . HOH D 4 .   ? 11.731  -2.112  4.210   1.00 25.40 ? 238 HOH A O   1 
HETATM 1062 O O   . HOH D 4 .   ? 6.624   10.461  -1.250  1.00 23.75 ? 239 HOH A O   1 
HETATM 1063 O O   . HOH D 4 .   ? -0.321  1.566   0.085   1.00 17.46 ? 240 HOH A O   1 
HETATM 1064 O O   . HOH D 4 .   ? -1.293  12.929  11.230  1.00 35.97 ? 241 HOH A O   1 
HETATM 1065 O O   . HOH D 4 .   ? -3.453  11.676  -3.201  1.00 30.92 ? 242 HOH A O   1 
HETATM 1066 O O   . HOH D 4 .   ? 5.091   -7.733  -14.415 1.00 36.57 ? 243 HOH A O   1 
HETATM 1067 O O   . HOH D 4 .   ? 2.535   8.839   4.242   1.00 26.16 ? 244 HOH A O   1 
HETATM 1068 O O   . HOH D 4 .   ? 2.122   15.447  0.165   1.00 28.02 ? 245 HOH A O   1 
HETATM 1069 O O   . HOH D 4 .   ? 10.739  -8.782  -8.557  1.00 31.94 ? 246 HOH A O   1 
HETATM 1070 O O   . HOH D 4 .   ? 11.486  -8.041  8.756   1.00 32.93 ? 247 HOH A O   1 
HETATM 1071 O O   . HOH D 4 .   ? -1.015  12.386  6.706   1.00 29.06 ? 248 HOH A O   1 
HETATM 1072 O O   . HOH D 4 .   ? -3.539  9.121   -3.715  1.00 24.37 ? 249 HOH A O   1 
HETATM 1073 O O   . HOH D 4 .   ? -7.457  6.265   -11.395 1.00 37.34 ? 250 HOH A O   1 
HETATM 1074 O O   . HOH D 4 .   ? 8.332   -11.362 13.339  1.00 39.15 ? 251 HOH A O   1 
HETATM 1075 O O   . HOH D 4 .   ? 7.228   5.516   6.535   1.00 29.24 ? 252 HOH A O   1 
HETATM 1076 O O   . HOH D 4 .   ? 1.398   -7.660  14.139  1.00 35.11 ? 253 HOH A O   1 
HETATM 1077 O O   . HOH D 4 .   ? 16.085  -5.487  0.518   1.00 35.63 ? 254 HOH A O   1 
HETATM 1078 O O   . HOH D 4 .   ? 3.198   -2.212  14.025  1.00 32.38 ? 255 HOH A O   1 
HETATM 1079 O O   . HOH D 4 .   ? 15.142  -7.985  0.158   1.00 41.11 ? 256 HOH A O   1 
HETATM 1080 O O   . HOH D 4 .   ? 18.429  -4.310  15.957  1.00 35.25 ? 257 HOH A O   1 
HETATM 1081 O O   . HOH D 4 .   ? 13.055  -8.211  -7.177  1.00 36.17 ? 258 HOH A O   1 
HETATM 1082 O O   . HOH D 4 .   ? -5.950  12.879  -3.175  1.00 26.24 ? 259 HOH A O   1 
HETATM 1083 O O   . HOH D 4 .   ? 19.991  -6.331  14.202  1.00 48.05 ? 260 HOH A O   1 
HETATM 1084 O O   . HOH E 4 .   ? 8.358   9.150   -13.290 1.00 19.21 ? 201 HOH B O   1 
HETATM 1085 O O   . HOH E 4 .   ? -0.549  0.470   -16.139 1.00 22.92 ? 202 HOH B O   1 
HETATM 1086 O O   . HOH E 4 .   ? 6.549   5.056   -18.087 1.00 27.90 ? 203 HOH B O   1 
HETATM 1087 O O   . HOH E 4 .   ? 4.579   -8.325  -19.456 1.00 30.37 ? 204 HOH B O   1 
HETATM 1088 O O   . HOH E 4 .   ? 5.888   2.054   -12.836 1.00 14.22 ? 205 HOH B O   1 
HETATM 1089 O O   . HOH E 4 .   ? 3.130   -3.014  -23.868 1.00 40.71 ? 206 HOH B O   1 
HETATM 1090 O O   . HOH E 4 .   ? -7.771  -2.616  -10.175 1.00 29.72 ? 207 HOH B O   1 
HETATM 1091 O O   . HOH E 4 .   ? 3.202   2.978   -21.340 1.00 33.12 ? 208 HOH B O   1 
HETATM 1092 O O   . HOH E 4 .   ? -2.554  -4.356  -20.479 1.00 44.39 ? 209 HOH B O   1 
HETATM 1093 O O   . HOH E 4 .   ? -1.851  -7.865  -22.356 1.00 25.34 ? 210 HOH B O   1 
HETATM 1094 O O   . HOH E 4 .   ? -6.239  0.765   -15.746 1.00 30.88 ? 211 HOH B O   1 
HETATM 1095 O O   . HOH E 4 .   ? -3.257  2.184   -14.842 1.00 26.12 ? 212 HOH B O   1 
HETATM 1096 O O   . HOH E 4 .   ? -4.114  -6.966  -15.446 1.00 30.90 ? 213 HOH B O   1 
HETATM 1097 O O   . HOH E 4 .   ? -0.679  -3.966  -21.808 1.00 31.75 ? 214 HOH B O   1 
# 
